data_7CF6
#
_entry.id   7CF6
#
_cell.length_a   78.609
_cell.length_b   150.425
_cell.length_c   151.996
_cell.angle_alpha   90.000
_cell.angle_beta   90.000
_cell.angle_gamma   90.000
#
_symmetry.space_group_name_H-M   'P 2 21 2'
#
loop_
_entity.id
_entity.type
_entity.pdbx_description
1 polymer 'Isoaspartyl dipeptidase'
2 non-polymer GLYCEROL
3 non-polymer '(2S)-2-[[(3S)-3-azanyl-4-oxidanyl-4-oxidanylidene-butanoyl]amino]-4-methyl-pentanoic acid'
4 non-polymer 'ZINC ION'
5 non-polymer DI(HYDROXYETHYL)ETHER
6 water water
#
_entity_poly.entity_id   1
_entity_poly.type   'polypeptide(L)'
_entity_poly.pdbx_seq_one_letter_code
;MRGSMIKIIKNAKVFSPEYIGKKDVIFYHKVIHVGEGVNTSVLPFEHEIYDANGLLLLPGLIDPHVHITGGGGEGGFETR
TPELKISDCIRSGVTTVVGCLGTDGITRSLENLYAKAKSLESEGLNTFIYTGSYRVPPVTFTGSIMRDIVLIDKVIGVGE
IAISDHRSSQPTLEEILRIVADIRVGGMISGKAGIVNFHVGSGKRGIEYLFDIIEKTEIPIQHLYPTHMSRSRKLFEQGL
EFAKRGGTIDLTALQPKDAEFVRAEFTTIDAICEAYENGLLDNVTISSDGQGSLPKFDDNGNFVGLDVGSVSAVWYTIRK
VLEKGLPLAEVLKISTTNPARVFKLNKGKIAKGQDADFILVDEQSFEIVSVISKGEFLMKDGVMKNLNFEF
;
_entity_poly.pdbx_strand_id   B,A,C,D
#
loop_
_chem_comp.id
_chem_comp.type
_chem_comp.name
_chem_comp.formula
FWO non-polymer '(2S)-2-[[(3S)-3-azanyl-4-oxidanyl-4-oxidanylidene-butanoyl]amino]-4-methyl-pentanoic acid' 'C10 H18 N2 O5'
GOL non-polymer GLYCEROL 'C3 H8 O3'
PEG non-polymer DI(HYDROXYETHYL)ETHER 'C4 H10 O3'
ZN non-polymer 'ZINC ION' 'Zn 2'
#
# COMPACT_ATOMS: atom_id res chain seq x y z
N MET A 5 35.77 23.59 35.00
CA MET A 5 35.85 23.50 33.50
C MET A 5 37.26 23.03 33.08
N ILE A 6 38.33 23.66 33.59
CA ILE A 6 39.73 23.13 33.42
C ILE A 6 39.97 21.98 34.39
N LYS A 7 40.61 20.90 33.93
CA LYS A 7 40.64 19.60 34.64
C LYS A 7 42.04 18.98 34.50
N ILE A 8 42.48 18.26 35.55
CA ILE A 8 43.81 17.58 35.61
C ILE A 8 43.62 16.14 36.10
N ILE A 9 44.12 15.17 35.32
CA ILE A 9 44.15 13.73 35.68
C ILE A 9 45.60 13.48 36.09
N LYS A 10 45.78 12.99 37.31
CA LYS A 10 47.12 12.79 37.93
C LYS A 10 47.35 11.28 38.03
N ASN A 11 48.62 10.89 37.99
CA ASN A 11 49.14 9.59 38.48
C ASN A 11 48.47 8.45 37.71
N ALA A 12 48.27 8.62 36.40
CA ALA A 12 47.80 7.51 35.54
C ALA A 12 48.96 7.06 34.67
N LYS A 13 49.09 5.75 34.45
CA LYS A 13 49.95 5.21 33.36
C LYS A 13 49.31 5.60 32.01
N VAL A 14 49.92 6.57 31.31
CA VAL A 14 49.35 7.20 30.09
C VAL A 14 49.71 6.35 28.85
N PHE A 15 48.70 5.85 28.15
CA PHE A 15 48.80 5.21 26.82
C PHE A 15 48.31 6.17 25.73
N SER A 16 49.09 7.22 25.45
CA SER A 16 48.98 8.02 24.21
C SER A 16 49.43 7.10 23.10
N PRO A 17 48.49 6.45 22.40
CA PRO A 17 48.57 5.00 22.19
C PRO A 17 49.92 4.48 22.73
N GLU A 18 51.03 4.98 22.17
CA GLU A 18 52.42 4.70 22.59
C GLU A 18 52.49 5.00 24.09
N TYR A 19 53.11 4.09 24.86
CA TYR A 19 53.20 4.15 26.34
C TYR A 19 54.13 5.31 26.70
N ILE A 20 53.82 6.11 27.70
CA ILE A 20 54.72 7.23 28.16
C ILE A 20 54.80 7.23 29.70
N GLY A 21 54.40 6.15 30.35
CA GLY A 21 54.42 6.03 31.82
C GLY A 21 53.54 7.07 32.49
N LYS A 22 53.80 7.32 33.77
CA LYS A 22 52.93 8.18 34.61
C LYS A 22 53.15 9.63 34.19
N LYS A 23 52.07 10.31 33.81
CA LYS A 23 52.08 11.74 33.41
C LYS A 23 50.77 12.38 33.88
N ASP A 24 50.79 13.68 34.15
CA ASP A 24 49.56 14.47 34.32
C ASP A 24 49.04 14.87 32.94
N VAL A 25 47.73 15.01 32.78
CA VAL A 25 47.09 15.58 31.54
C VAL A 25 46.16 16.73 31.94
N ILE A 26 46.42 17.95 31.44
CA ILE A 26 45.57 19.16 31.64
C ILE A 26 44.76 19.40 30.35
N PHE A 27 43.46 19.63 30.50
CA PHE A 27 42.52 19.77 29.35
C PHE A 27 41.33 20.68 29.71
N TYR A 28 40.89 21.47 28.72
CA TYR A 28 39.50 21.95 28.57
C TYR A 28 38.79 20.96 27.62
N HIS A 29 38.26 21.42 26.47
CA HIS A 29 37.62 20.56 25.45
C HIS A 29 38.67 19.90 24.55
N LYS A 30 39.90 20.39 24.60
CA LYS A 30 41.10 19.73 24.01
C LYS A 30 42.21 19.64 25.07
N VAL A 31 43.29 18.91 24.75
CA VAL A 31 44.46 18.72 25.65
C VAL A 31 45.25 20.02 25.68
N ILE A 32 45.56 20.54 26.87
CA ILE A 32 46.33 21.81 27.04
C ILE A 32 47.80 21.50 27.38
N HIS A 33 48.09 20.50 28.21
CA HIS A 33 49.49 20.09 28.55
C HIS A 33 49.54 18.64 29.04
N VAL A 34 50.59 17.93 28.64
CA VAL A 34 50.97 16.59 29.16
C VAL A 34 52.37 16.75 29.75
N GLY A 35 52.55 16.43 31.04
CA GLY A 35 53.77 16.77 31.78
C GLY A 35 53.93 15.97 33.06
N GLU A 36 55.16 15.95 33.58
CA GLU A 36 55.53 15.37 34.89
C GLU A 36 54.99 16.30 35.98
N GLY A 37 54.42 15.75 37.06
CA GLY A 37 53.43 16.40 37.93
C GLY A 37 53.76 17.83 38.34
N VAL A 38 52.75 18.70 38.47
CA VAL A 38 52.79 19.99 39.23
C VAL A 38 51.45 20.21 39.94
N PHE A 45 41.92 29.02 40.41
CA PHE A 45 40.48 29.24 40.08
C PHE A 45 39.78 27.88 39.88
N GLU A 46 38.47 27.91 39.55
CA GLU A 46 37.55 26.74 39.42
C GLU A 46 38.16 25.67 38.51
N HIS A 47 39.09 24.86 39.03
CA HIS A 47 39.66 23.69 38.31
C HIS A 47 39.54 22.44 39.18
N GLU A 48 39.07 21.34 38.57
CA GLU A 48 38.84 20.05 39.26
C GLU A 48 39.95 19.07 38.91
N ILE A 49 40.48 18.43 39.95
CA ILE A 49 41.62 17.48 39.91
C ILE A 49 41.02 16.10 40.15
N TYR A 50 41.51 15.07 39.47
CA TYR A 50 41.06 13.68 39.68
C TYR A 50 42.31 12.82 39.79
N ASP A 51 42.36 11.94 40.80
CA ASP A 51 43.55 11.08 41.05
C ASP A 51 43.28 9.72 40.44
N ALA A 52 43.90 9.43 39.29
CA ALA A 52 43.65 8.19 38.53
C ALA A 52 44.69 7.15 38.91
N ASN A 53 45.12 7.14 40.17
CA ASN A 53 46.13 6.18 40.67
C ASN A 53 45.57 4.77 40.56
N GLY A 54 46.32 3.86 39.93
CA GLY A 54 45.93 2.46 39.73
C GLY A 54 45.16 2.24 38.44
N LEU A 55 44.79 3.32 37.73
CA LEU A 55 44.07 3.26 36.44
C LEU A 55 45.05 3.45 35.26
N LEU A 56 44.66 2.98 34.08
CA LEU A 56 45.33 3.29 32.79
C LEU A 56 44.53 4.38 32.04
N LEU A 57 45.21 5.40 31.50
CA LEU A 57 44.59 6.42 30.63
C LEU A 57 44.87 6.03 29.18
N LEU A 58 43.80 5.76 28.41
CA LEU A 58 43.85 5.39 26.96
C LEU A 58 43.02 6.41 26.21
N PRO A 59 43.21 6.57 24.89
CA PRO A 59 42.33 7.41 24.10
C PRO A 59 40.91 6.82 24.05
N GLY A 60 39.93 7.68 23.78
CA GLY A 60 38.52 7.29 23.61
C GLY A 60 38.38 6.41 22.39
N LEU A 61 37.51 5.41 22.47
CA LEU A 61 37.36 4.41 21.39
C LEU A 61 36.56 5.03 20.25
N ILE A 62 36.95 4.74 19.01
CA ILE A 62 36.32 5.22 17.74
C ILE A 62 35.78 3.98 16.99
N ASP A 63 34.45 3.90 16.90
CA ASP A 63 33.69 2.82 16.23
C ASP A 63 33.17 3.36 14.89
N PRO A 64 33.78 2.94 13.76
CA PRO A 64 33.45 3.52 12.44
C PRO A 64 32.29 2.90 11.63
N HIS A 65 31.45 2.08 12.28
CA HIS A 65 30.35 1.30 11.63
C HIS A 65 29.28 0.91 12.67
N VAL A 66 28.37 1.86 12.98
CA VAL A 66 27.23 1.65 13.92
C VAL A 66 25.92 2.05 13.25
N HIS A 67 24.93 1.15 13.29
CA HIS A 67 23.52 1.40 12.89
C HIS A 67 22.81 2.12 14.04
N ILE A 68 23.07 3.41 14.21
CA ILE A 68 22.60 4.16 15.41
C ILE A 68 21.08 4.24 15.41
N THR A 69 20.46 4.22 14.23
CA THR A 69 18.97 4.37 14.10
C THR A 69 18.26 3.02 14.27
N GLY A 70 19.01 1.94 14.47
CA GLY A 70 18.54 0.54 14.32
C GLY A 70 18.60 0.13 12.87
N GLY A 71 18.62 -1.19 12.59
CA GLY A 71 18.72 -1.70 11.21
C GLY A 71 18.03 -3.03 11.02
N GLY A 72 18.68 -3.95 10.33
CA GLY A 72 18.13 -5.28 10.07
C GLY A 72 16.90 -5.21 9.18
N GLY A 73 15.99 -6.18 9.34
CA GLY A 73 14.73 -6.33 8.60
C GLY A 73 14.77 -7.39 7.52
N GLU A 74 15.77 -8.27 7.50
CA GLU A 74 16.06 -9.22 6.39
C GLU A 74 15.11 -10.43 6.45
N GLY A 75 14.41 -10.58 7.58
CA GLY A 75 13.43 -11.65 7.82
C GLY A 75 12.04 -11.08 8.06
N GLY A 76 11.84 -9.80 7.74
CA GLY A 76 10.53 -9.13 7.85
C GLY A 76 10.59 -7.96 8.80
N PHE A 77 9.43 -7.36 9.11
CA PHE A 77 9.35 -6.13 9.94
C PHE A 77 9.75 -6.43 11.38
N GLU A 78 9.61 -7.70 11.79
CA GLU A 78 9.80 -8.21 13.17
C GLU A 78 11.29 -8.44 13.40
N THR A 79 12.07 -8.44 12.32
CA THR A 79 13.56 -8.52 12.28
C THR A 79 14.20 -7.13 12.45
N ARG A 80 13.40 -6.07 12.55
CA ARG A 80 13.85 -4.65 12.76
C ARG A 80 14.45 -4.53 14.17
N THR A 81 15.73 -4.15 14.27
CA THR A 81 16.51 -4.11 15.54
C THR A 81 16.22 -2.80 16.27
N PRO A 82 16.39 -2.77 17.61
CA PRO A 82 16.18 -1.55 18.38
C PRO A 82 17.21 -0.46 18.07
N GLU A 83 16.88 0.78 18.42
CA GLU A 83 17.74 1.99 18.24
C GLU A 83 18.83 1.93 19.32
N LEU A 84 20.02 2.50 19.06
CA LEU A 84 21.20 2.49 19.98
C LEU A 84 20.96 3.42 21.17
N LYS A 85 21.19 2.91 22.39
CA LYS A 85 21.19 3.67 23.67
C LYS A 85 22.62 4.13 24.02
N ILE A 86 22.83 5.44 24.21
CA ILE A 86 24.18 6.02 24.52
C ILE A 86 24.76 5.27 25.72
N SER A 87 23.90 4.92 26.70
CA SER A 87 24.24 4.17 27.94
C SER A 87 25.18 2.99 27.63
N ASP A 88 24.90 2.25 26.54
CA ASP A 88 25.72 1.09 26.10
C ASP A 88 27.09 1.60 25.64
N CYS A 89 27.15 2.73 24.94
CA CYS A 89 28.43 3.28 24.45
C CYS A 89 29.31 3.69 25.64
N ILE A 90 28.71 4.30 26.67
CA ILE A 90 29.49 4.79 27.84
C ILE A 90 30.09 3.60 28.58
N ARG A 91 29.28 2.59 28.95
CA ARG A 91 29.73 1.37 29.69
C ARG A 91 30.74 0.57 28.87
N SER A 92 30.75 0.65 27.54
CA SER A 92 31.73 -0.04 26.66
C SER A 92 32.82 0.93 26.22
N GLY A 93 32.85 2.14 26.80
CA GLY A 93 33.90 3.16 26.59
C GLY A 93 34.09 3.59 25.14
N VAL A 94 33.01 3.76 24.39
CA VAL A 94 33.09 4.28 23.00
C VAL A 94 32.65 5.74 23.02
N THR A 95 33.55 6.69 22.72
CA THR A 95 33.31 8.15 22.76
C THR A 95 33.04 8.71 21.34
N THR A 96 33.30 7.95 20.27
CA THR A 96 32.98 8.39 18.87
C THR A 96 32.44 7.23 18.03
N VAL A 97 31.26 7.44 17.41
CA VAL A 97 30.56 6.48 16.50
C VAL A 97 30.26 7.16 15.17
N VAL A 98 30.50 6.47 14.06
CA VAL A 98 30.08 6.93 12.70
C VAL A 98 28.89 6.07 12.30
N GLY A 99 27.71 6.67 12.15
CA GLY A 99 26.44 5.98 11.90
C GLY A 99 26.21 5.82 10.43
N CYS A 100 25.59 4.71 10.03
CA CYS A 100 25.26 4.47 8.61
C CYS A 100 23.90 3.79 8.50
N LEU A 101 23.45 3.65 7.25
CA LEU A 101 22.26 2.86 6.89
C LEU A 101 22.69 1.57 6.20
N GLY A 102 21.90 0.50 6.33
CA GLY A 102 22.20 -0.83 5.72
C GLY A 102 21.15 -1.31 4.72
N THR A 103 20.68 -2.54 4.92
CA THR A 103 19.80 -3.23 3.95
C THR A 103 18.60 -2.30 3.67
N ASP A 104 17.77 -2.03 4.67
CA ASP A 104 16.49 -1.27 4.55
C ASP A 104 16.76 0.24 4.36
N GLY A 105 16.55 0.75 3.14
CA GLY A 105 16.68 2.18 2.81
C GLY A 105 15.33 2.81 2.53
N ILE A 106 14.24 2.08 2.73
CA ILE A 106 12.85 2.55 2.47
C ILE A 106 12.31 3.10 3.77
N THR A 107 12.30 2.28 4.83
CA THR A 107 11.66 2.59 6.14
C THR A 107 12.60 3.38 7.07
N ARG A 108 13.93 3.34 6.85
CA ARG A 108 14.95 4.07 7.66
C ARG A 108 15.42 5.31 6.88
N SER A 109 14.96 6.46 7.36
CA SER A 109 15.16 7.83 6.81
C SER A 109 16.62 8.27 7.00
N LEU A 110 17.22 8.91 6.00
CA LEU A 110 18.53 9.58 6.21
C LEU A 110 18.38 10.71 7.23
N GLU A 111 17.21 11.35 7.28
CA GLU A 111 16.94 12.56 8.11
C GLU A 111 16.79 12.08 9.56
N ASN A 112 16.30 10.86 9.75
CA ASN A 112 16.25 10.16 11.06
C ASN A 112 17.67 9.99 11.65
N LEU A 113 18.64 9.56 10.82
CA LEU A 113 20.03 9.22 11.20
C LEU A 113 20.77 10.52 11.56
N TYR A 114 20.59 11.55 10.75
CA TYR A 114 21.03 12.93 11.06
C TYR A 114 20.61 13.23 12.51
N ALA A 115 19.32 13.10 12.82
CA ALA A 115 18.71 13.56 14.09
C ALA A 115 19.31 12.74 15.23
N LYS A 116 19.24 11.41 15.13
CA LYS A 116 19.81 10.50 16.16
C LYS A 116 21.28 10.86 16.44
N ALA A 117 22.05 11.24 15.41
CA ALA A 117 23.49 11.56 15.55
C ALA A 117 23.61 12.91 16.25
N LYS A 118 22.60 13.78 16.09
CA LYS A 118 22.50 15.08 16.81
C LYS A 118 22.13 14.84 18.28
N SER A 119 21.07 14.08 18.58
CA SER A 119 20.69 13.79 19.99
C SER A 119 21.87 13.12 20.72
N LEU A 120 22.52 12.15 20.08
CA LEU A 120 23.69 11.44 20.65
C LEU A 120 24.79 12.46 20.95
N GLU A 121 25.06 13.38 20.03
CA GLU A 121 26.11 14.41 20.22
C GLU A 121 25.82 15.22 21.49
N SER A 122 24.56 15.67 21.66
CA SER A 122 24.15 16.68 22.68
C SER A 122 24.14 16.07 24.09
N GLU A 123 24.13 14.74 24.25
CA GLU A 123 24.28 14.07 25.58
C GLU A 123 25.75 13.68 25.86
N GLY A 124 26.71 14.03 24.99
CA GLY A 124 28.16 13.91 25.27
C GLY A 124 28.95 13.05 24.30
N LEU A 125 28.30 12.26 23.44
CA LEU A 125 29.01 11.50 22.38
C LEU A 125 29.52 12.42 21.27
N ASN A 126 30.45 11.91 20.47
CA ASN A 126 30.92 12.53 19.22
C ASN A 126 30.29 11.71 18.09
N THR A 127 29.71 12.31 17.06
CA THR A 127 28.96 11.56 16.02
C THR A 127 29.22 12.10 14.63
N PHE A 128 29.54 11.21 13.70
CA PHE A 128 29.49 11.51 12.24
C PHE A 128 28.62 10.48 11.56
N ILE A 129 28.27 10.73 10.30
CA ILE A 129 27.27 9.90 9.54
C ILE A 129 27.78 9.74 8.12
N TYR A 130 27.19 8.73 7.46
CA TYR A 130 27.25 8.56 6.00
C TYR A 130 25.89 8.92 5.41
N THR A 131 25.90 9.39 4.16
CA THR A 131 24.73 9.43 3.26
C THR A 131 24.68 8.11 2.49
N GLY A 132 23.56 7.85 1.84
CA GLY A 132 23.34 6.58 1.12
C GLY A 132 23.13 5.40 2.06
N SER A 133 23.09 4.20 1.46
CA SER A 133 22.85 2.88 2.09
C SER A 133 23.33 1.79 1.12
N TYR A 134 22.94 0.53 1.33
CA TYR A 134 23.27 -0.61 0.43
C TYR A 134 23.00 -0.21 -1.01
N ARG A 135 21.77 0.19 -1.33
CA ARG A 135 21.30 0.28 -2.74
C ARG A 135 22.05 1.36 -3.56
N VAL A 136 22.37 0.99 -4.81
CA VAL A 136 22.90 1.86 -5.90
C VAL A 136 21.77 2.00 -6.93
N PRO A 137 21.39 3.24 -7.37
CA PRO A 137 22.04 4.49 -6.97
C PRO A 137 21.74 4.83 -5.51
N PRO A 138 22.67 5.51 -4.79
CA PRO A 138 22.53 5.74 -3.35
C PRO A 138 21.49 6.82 -3.02
N VAL A 139 20.72 6.63 -1.95
CA VAL A 139 19.77 7.66 -1.43
C VAL A 139 20.57 8.91 -0.99
N THR A 140 19.90 10.06 -0.83
CA THR A 140 20.55 11.37 -0.50
C THR A 140 19.62 12.31 0.27
N PHE A 141 20.21 13.31 0.88
CA PHE A 141 19.54 14.42 1.57
C PHE A 141 19.09 15.43 0.51
N THR A 142 19.99 15.74 -0.44
CA THR A 142 19.86 16.91 -1.35
C THR A 142 19.88 16.49 -2.82
N GLY A 143 19.61 15.21 -3.11
CA GLY A 143 19.55 14.65 -4.48
C GLY A 143 20.91 14.35 -5.11
N SER A 144 22.02 14.60 -4.40
CA SER A 144 23.41 14.59 -4.90
C SER A 144 24.37 14.27 -3.74
N ILE A 145 25.18 13.21 -3.85
CA ILE A 145 26.10 12.81 -2.72
C ILE A 145 27.19 13.90 -2.60
N MET A 146 27.64 14.49 -3.70
CA MET A 146 28.60 15.63 -3.67
C MET A 146 27.94 16.85 -2.99
N ARG A 147 26.66 17.17 -3.27
CA ARG A 147 25.96 18.25 -2.54
C ARG A 147 25.86 17.88 -1.06
N ASP A 148 25.47 16.65 -0.73
CA ASP A 148 25.23 16.20 0.67
C ASP A 148 26.48 16.50 1.53
N ILE A 149 27.69 16.21 1.03
CA ILE A 149 28.96 16.30 1.82
C ILE A 149 29.44 17.77 1.93
N VAL A 150 29.05 18.61 0.98
CA VAL A 150 29.41 20.05 0.94
C VAL A 150 28.53 20.86 1.92
N LEU A 151 27.25 20.49 2.11
CA LEU A 151 26.28 21.34 2.87
C LEU A 151 26.04 20.77 4.27
N ILE A 152 26.06 19.45 4.43
CA ILE A 152 25.67 18.80 5.71
C ILE A 152 26.91 18.47 6.54
N ASP A 153 27.05 19.10 7.70
CA ASP A 153 28.34 19.07 8.43
C ASP A 153 28.70 17.63 8.74
N LYS A 154 27.80 16.86 9.32
CA LYS A 154 28.14 15.51 9.82
C LYS A 154 28.44 14.52 8.67
N VAL A 155 27.99 14.77 7.45
CA VAL A 155 28.24 13.80 6.35
C VAL A 155 29.74 13.72 6.03
N ILE A 156 30.37 12.53 6.10
CA ILE A 156 31.85 12.35 5.95
C ILE A 156 32.17 11.37 4.81
N GLY A 157 31.19 11.03 3.97
CA GLY A 157 31.39 10.06 2.86
C GLY A 157 30.09 9.39 2.44
N VAL A 158 30.17 8.21 1.83
CA VAL A 158 28.94 7.49 1.40
C VAL A 158 29.09 6.01 1.74
N GLY A 159 28.06 5.40 2.33
CA GLY A 159 28.07 3.96 2.65
C GLY A 159 26.83 3.54 3.44
N GLU A 160 26.67 2.21 3.62
CA GLU A 160 27.61 1.19 3.14
C GLU A 160 27.12 0.59 1.81
N ILE A 161 27.82 0.90 0.72
CA ILE A 161 27.52 0.35 -0.63
C ILE A 161 27.72 -1.17 -0.56
N ALA A 162 26.70 -1.95 -0.92
CA ALA A 162 26.75 -3.43 -0.89
C ALA A 162 27.37 -3.97 -2.19
N ILE A 163 28.41 -4.79 -2.07
CA ILE A 163 29.15 -5.42 -3.22
C ILE A 163 29.38 -6.89 -2.86
N SER A 164 29.32 -7.79 -3.85
CA SER A 164 29.57 -9.24 -3.67
C SER A 164 28.68 -9.76 -2.55
N ASP A 165 27.37 -9.50 -2.64
CA ASP A 165 26.37 -9.85 -1.61
C ASP A 165 25.00 -10.03 -2.28
N HIS A 166 24.22 -10.95 -1.74
CA HIS A 166 22.91 -11.39 -2.28
C HIS A 166 21.85 -10.30 -2.06
N ARG A 167 22.10 -9.37 -1.12
CA ARG A 167 21.19 -8.24 -0.82
C ARG A 167 21.59 -6.97 -1.60
N SER A 168 22.72 -6.99 -2.31
CA SER A 168 23.17 -5.90 -3.20
C SER A 168 22.17 -5.62 -4.34
N SER A 169 22.31 -4.40 -4.88
CA SER A 169 21.58 -3.88 -6.06
C SER A 169 22.17 -4.45 -7.34
N GLN A 170 23.29 -5.16 -7.23
CA GLN A 170 24.14 -5.63 -8.37
C GLN A 170 24.68 -4.42 -9.10
N PRO A 171 25.55 -3.59 -8.47
CA PRO A 171 26.11 -2.42 -9.13
C PRO A 171 27.17 -2.81 -10.15
N THR A 172 27.34 -2.01 -11.20
CA THR A 172 28.44 -2.08 -12.20
C THR A 172 29.63 -1.20 -11.80
N LEU A 173 30.80 -1.41 -12.42
CA LEU A 173 32.04 -0.68 -12.07
C LEU A 173 31.85 0.82 -12.36
N GLU A 174 31.16 1.16 -13.45
CA GLU A 174 30.98 2.58 -13.87
C GLU A 174 30.16 3.31 -12.79
N GLU A 175 29.01 2.76 -12.42
CA GLU A 175 28.11 3.37 -11.43
C GLU A 175 28.95 3.76 -10.22
N ILE A 176 29.83 2.86 -9.76
CA ILE A 176 30.68 2.99 -8.53
C ILE A 176 31.82 4.01 -8.79
N LEU A 177 32.38 4.01 -10.00
CA LEU A 177 33.42 4.97 -10.42
C LEU A 177 32.86 6.40 -10.31
N ARG A 178 31.59 6.59 -10.67
CA ARG A 178 30.91 7.90 -10.58
C ARG A 178 30.73 8.24 -9.10
N ILE A 179 30.35 7.27 -8.27
CA ILE A 179 30.07 7.46 -6.81
C ILE A 179 31.35 7.91 -6.09
N VAL A 180 32.46 7.22 -6.32
CA VAL A 180 33.75 7.48 -5.60
C VAL A 180 34.37 8.81 -6.07
N ALA A 181 34.19 9.18 -7.34
CA ALA A 181 34.79 10.43 -7.87
C ALA A 181 34.13 11.61 -7.17
N ASP A 182 32.78 11.59 -7.14
CA ASP A 182 31.87 12.59 -6.52
C ASP A 182 32.22 12.79 -5.04
N ILE A 183 32.37 11.72 -4.27
CA ILE A 183 32.57 11.88 -2.79
C ILE A 183 34.00 12.43 -2.54
N ARG A 184 34.98 12.05 -3.35
CA ARG A 184 36.34 12.63 -3.26
C ARG A 184 36.25 14.15 -3.48
N VAL A 185 35.82 14.59 -4.67
CA VAL A 185 35.83 16.04 -5.04
C VAL A 185 34.95 16.79 -4.03
N GLY A 186 33.76 16.24 -3.72
CA GLY A 186 32.89 16.74 -2.64
C GLY A 186 33.66 16.87 -1.34
N GLY A 187 34.42 15.86 -0.94
CA GLY A 187 35.30 15.94 0.23
C GLY A 187 36.29 17.09 0.09
N MET A 188 37.03 17.13 -1.02
CA MET A 188 38.12 18.14 -1.22
C MET A 188 37.53 19.54 -1.00
N ILE A 189 36.46 19.90 -1.71
CA ILE A 189 35.74 21.21 -1.61
C ILE A 189 35.41 21.58 -0.14
N SER A 190 34.90 20.63 0.66
CA SER A 190 34.36 20.90 2.02
C SER A 190 35.42 20.70 3.11
N GLY A 191 36.63 20.25 2.76
CA GLY A 191 37.74 20.02 3.71
C GLY A 191 37.54 18.78 4.56
N LYS A 192 36.76 17.82 4.09
CA LYS A 192 36.56 16.52 4.77
C LYS A 192 37.31 15.45 3.96
N ALA A 193 37.13 14.19 4.34
CA ALA A 193 37.98 13.03 4.00
C ALA A 193 37.33 12.27 2.86
N GLY A 194 36.02 12.11 2.92
CA GLY A 194 35.26 11.61 1.77
C GLY A 194 35.58 10.15 1.52
N ILE A 195 35.03 9.30 2.37
CA ILE A 195 35.22 7.83 2.46
C ILE A 195 34.05 7.18 1.72
N VAL A 196 34.36 6.18 0.94
CA VAL A 196 33.35 5.19 0.50
C VAL A 196 33.49 4.00 1.43
N ASN A 197 32.50 3.77 2.29
CA ASN A 197 32.37 2.51 3.05
C ASN A 197 31.77 1.48 2.09
N PHE A 198 32.39 0.31 2.00
CA PHE A 198 31.93 -0.83 1.17
C PHE A 198 31.51 -1.93 2.13
N HIS A 199 30.25 -2.33 2.10
CA HIS A 199 29.82 -3.63 2.67
C HIS A 199 30.27 -4.71 1.68
N VAL A 200 31.07 -5.69 2.14
CA VAL A 200 31.58 -6.81 1.31
C VAL A 200 30.99 -8.10 1.86
N GLY A 201 30.03 -8.68 1.13
CA GLY A 201 29.44 -9.97 1.52
C GLY A 201 30.36 -11.13 1.13
N SER A 202 29.75 -12.32 0.98
CA SER A 202 30.44 -13.62 0.83
C SER A 202 30.63 -13.98 -0.64
N GLY A 203 30.06 -13.21 -1.57
CA GLY A 203 30.18 -13.37 -3.03
C GLY A 203 31.61 -13.72 -3.41
N LYS A 204 31.81 -14.41 -4.51
CA LYS A 204 33.13 -14.97 -4.90
C LYS A 204 34.07 -13.81 -5.24
N ARG A 205 33.52 -12.73 -5.79
CA ARG A 205 34.27 -11.63 -6.45
C ARG A 205 34.93 -10.71 -5.43
N GLY A 206 34.54 -10.84 -4.15
CA GLY A 206 35.14 -10.11 -3.01
C GLY A 206 35.28 -8.61 -3.29
N ILE A 207 36.50 -8.09 -3.24
CA ILE A 207 36.79 -6.64 -3.44
C ILE A 207 37.50 -6.41 -4.78
N GLU A 208 37.22 -7.29 -5.77
CA GLU A 208 37.74 -7.15 -7.16
C GLU A 208 37.68 -5.69 -7.57
N TYR A 209 36.48 -5.09 -7.47
CA TYR A 209 36.15 -3.71 -7.90
C TYR A 209 37.18 -2.72 -7.35
N LEU A 210 37.49 -2.82 -6.05
CA LEU A 210 38.40 -1.86 -5.34
C LEU A 210 39.76 -1.85 -6.03
N PHE A 211 40.22 -3.02 -6.49
CA PHE A 211 41.50 -3.24 -7.23
C PHE A 211 41.42 -2.71 -8.67
N ASP A 212 40.27 -2.89 -9.34
CA ASP A 212 39.94 -2.26 -10.65
C ASP A 212 40.05 -0.73 -10.51
N ILE A 213 39.47 -0.13 -9.46
CA ILE A 213 39.46 1.36 -9.27
C ILE A 213 40.90 1.90 -9.23
N ILE A 214 41.80 1.27 -8.48
CA ILE A 214 43.17 1.80 -8.20
C ILE A 214 44.13 1.47 -9.37
N GLU A 215 43.80 0.48 -10.23
CA GLU A 215 44.67 0.02 -11.35
C GLU A 215 44.27 0.78 -12.63
N LYS A 216 43.01 1.16 -12.81
CA LYS A 216 42.55 1.72 -14.10
C LYS A 216 42.47 3.27 -14.10
N THR A 217 42.42 3.95 -12.95
CA THR A 217 41.98 5.37 -12.85
C THR A 217 42.98 6.15 -11.99
N GLU A 218 42.77 7.46 -11.82
CA GLU A 218 43.71 8.37 -11.08
C GLU A 218 43.31 8.46 -9.61
N ILE A 219 42.19 7.82 -9.21
CA ILE A 219 41.54 8.03 -7.88
C ILE A 219 42.42 7.44 -6.78
N PRO A 220 42.85 8.24 -5.78
CA PRO A 220 43.71 7.72 -4.72
C PRO A 220 43.04 6.58 -3.92
N ILE A 221 43.83 5.74 -3.26
CA ILE A 221 43.32 4.51 -2.59
C ILE A 221 42.71 4.86 -1.22
N GLN A 222 43.07 6.01 -0.64
CA GLN A 222 42.60 6.47 0.70
C GLN A 222 41.05 6.46 0.80
N HIS A 223 40.30 6.70 -0.28
CA HIS A 223 38.82 6.78 -0.24
C HIS A 223 38.12 5.41 -0.17
N LEU A 224 38.82 4.28 -0.36
CA LEU A 224 38.21 2.92 -0.49
C LEU A 224 38.41 2.16 0.84
N TYR A 225 37.31 1.92 1.55
CA TYR A 225 37.27 1.44 2.96
C TYR A 225 36.27 0.29 3.04
N PRO A 226 36.72 -0.97 2.81
CA PRO A 226 35.88 -2.15 2.98
C PRO A 226 35.82 -2.71 4.41
N THR A 227 34.60 -3.06 4.86
CA THR A 227 34.28 -3.67 6.16
C THR A 227 33.85 -5.13 5.93
N HIS A 228 33.78 -5.91 7.03
CA HIS A 228 33.36 -7.34 7.10
C HIS A 228 34.46 -8.27 6.55
N MET A 229 35.71 -7.81 6.54
CA MET A 229 36.83 -8.51 5.84
C MET A 229 37.45 -9.61 6.71
N SER A 230 36.93 -9.87 7.92
CA SER A 230 37.30 -11.00 8.81
C SER A 230 36.35 -12.18 8.56
N ARG A 231 35.43 -12.00 7.63
CA ARG A 231 34.33 -12.97 7.38
C ARG A 231 34.92 -14.37 7.22
N SER A 232 35.77 -14.54 6.20
CA SER A 232 36.36 -15.81 5.73
C SER A 232 37.88 -15.63 5.60
N ARG A 233 38.59 -16.72 5.29
CA ARG A 233 40.08 -16.71 5.12
C ARG A 233 40.45 -16.16 3.74
N LYS A 234 39.68 -16.56 2.72
CA LYS A 234 39.77 -16.13 1.30
C LYS A 234 39.69 -14.60 1.26
N LEU A 235 38.68 -14.01 1.90
CA LEU A 235 38.47 -12.54 1.87
C LEU A 235 39.53 -11.81 2.73
N PHE A 236 39.74 -12.23 3.97
CA PHE A 236 40.75 -11.56 4.82
C PHE A 236 42.10 -11.54 4.09
N GLU A 237 42.42 -12.57 3.33
CA GLU A 237 43.75 -12.63 2.67
C GLU A 237 43.74 -11.61 1.51
N GLN A 238 42.62 -11.50 0.80
CA GLN A 238 42.41 -10.45 -0.25
C GLN A 238 42.64 -9.06 0.36
N GLY A 239 42.14 -8.82 1.58
CA GLY A 239 42.32 -7.56 2.32
C GLY A 239 43.79 -7.24 2.58
N LEU A 240 44.61 -8.27 2.82
CA LEU A 240 46.04 -8.08 3.17
C LEU A 240 46.78 -7.65 1.90
N GLU A 241 46.34 -8.14 0.73
CA GLU A 241 46.93 -7.70 -0.57
C GLU A 241 46.60 -6.21 -0.80
N PHE A 242 45.33 -5.83 -0.56
CA PHE A 242 44.86 -4.41 -0.59
C PHE A 242 45.61 -3.52 0.43
N ALA A 243 45.84 -4.05 1.64
CA ALA A 243 46.58 -3.34 2.71
C ALA A 243 48.03 -3.08 2.29
N LYS A 244 48.67 -4.04 1.61
CA LYS A 244 50.07 -3.93 1.12
C LYS A 244 50.20 -2.80 0.08
N ARG A 245 49.14 -2.48 -0.66
CA ARG A 245 49.13 -1.42 -1.70
C ARG A 245 48.97 -0.03 -1.06
N GLY A 246 48.72 0.05 0.24
CA GLY A 246 48.60 1.33 0.97
C GLY A 246 47.19 1.62 1.43
N GLY A 247 46.32 0.61 1.53
CA GLY A 247 44.88 0.76 1.85
C GLY A 247 44.66 0.61 3.33
N THR A 248 43.41 0.70 3.78
CA THR A 248 42.96 0.36 5.16
C THR A 248 41.68 -0.48 5.05
N ILE A 249 41.65 -1.61 5.72
CA ILE A 249 40.49 -2.54 5.74
C ILE A 249 39.92 -2.53 7.15
N ASP A 250 38.64 -2.89 7.29
CA ASP A 250 37.92 -2.91 8.58
C ASP A 250 37.48 -4.34 8.85
N LEU A 251 37.61 -4.81 10.10
CA LEU A 251 37.08 -6.14 10.56
C LEU A 251 35.90 -5.94 11.54
N THR A 252 34.85 -6.75 11.40
CA THR A 252 33.71 -6.78 12.34
C THR A 252 34.12 -7.50 13.65
N ALA A 253 33.99 -6.82 14.78
CA ALA A 253 34.48 -7.28 16.11
C ALA A 253 33.86 -8.63 16.43
N LEU A 254 34.55 -9.40 17.28
CA LEU A 254 34.02 -10.65 17.89
C LEU A 254 32.97 -10.31 18.96
N GLN A 255 31.79 -10.93 18.91
CA GLN A 255 30.63 -10.58 19.78
C GLN A 255 30.52 -11.54 20.98
N PRO A 256 30.22 -11.05 22.22
CA PRO A 256 30.07 -11.94 23.38
C PRO A 256 28.99 -13.05 23.36
N GLU A 265 36.46 -22.22 14.13
CA GLU A 265 36.28 -21.36 12.92
C GLU A 265 37.59 -20.60 12.67
N PHE A 266 37.48 -19.43 12.04
CA PHE A 266 38.53 -18.38 11.89
C PHE A 266 37.89 -17.05 12.26
N THR A 267 38.31 -16.43 13.37
CA THR A 267 37.65 -15.27 14.00
C THR A 267 38.47 -14.00 13.76
N THR A 268 37.94 -12.85 14.19
CA THR A 268 38.54 -11.51 14.00
C THR A 268 39.85 -11.42 14.79
N ILE A 269 39.98 -12.23 15.84
CA ILE A 269 41.20 -12.31 16.70
C ILE A 269 42.35 -12.95 15.91
N ASP A 270 42.12 -14.12 15.32
CA ASP A 270 43.03 -14.78 14.34
C ASP A 270 43.52 -13.70 13.36
N ALA A 271 42.59 -13.05 12.66
CA ALA A 271 42.88 -12.00 11.66
C ALA A 271 43.77 -10.90 12.27
N ILE A 272 43.42 -10.38 13.44
CA ILE A 272 44.23 -9.30 14.06
C ILE A 272 45.67 -9.80 14.27
N CYS A 273 45.85 -11.03 14.74
CA CYS A 273 47.19 -11.60 15.07
C CYS A 273 47.98 -11.85 13.78
N GLU A 274 47.30 -12.37 12.77
CA GLU A 274 47.89 -12.57 11.41
C GLU A 274 48.33 -11.26 10.76
N ALA A 275 47.66 -10.14 11.04
CA ALA A 275 47.93 -8.83 10.41
C ALA A 275 49.17 -8.18 11.03
N TYR A 276 49.33 -8.35 12.34
CA TYR A 276 50.42 -7.79 13.19
C TYR A 276 51.72 -8.43 12.76
N GLU A 277 51.72 -9.77 12.66
CA GLU A 277 52.89 -10.61 12.24
C GLU A 277 53.46 -10.10 10.91
N ASN A 278 52.59 -9.79 9.96
CA ASN A 278 53.00 -9.37 8.60
C ASN A 278 53.33 -7.87 8.59
N GLY A 279 53.31 -7.22 9.76
CA GLY A 279 53.61 -5.78 9.94
C GLY A 279 52.58 -4.85 9.30
N LEU A 280 51.29 -5.18 9.38
CA LEU A 280 50.18 -4.49 8.66
C LEU A 280 49.09 -4.01 9.62
N LEU A 281 49.30 -4.08 10.93
CA LEU A 281 48.30 -3.62 11.92
C LEU A 281 47.99 -2.12 11.71
N ASP A 282 48.87 -1.38 11.03
CA ASP A 282 48.67 0.06 10.77
C ASP A 282 47.55 0.24 9.73
N ASN A 283 47.08 -0.88 9.16
CA ASN A 283 46.11 -0.89 8.03
C ASN A 283 44.84 -1.65 8.42
N VAL A 284 44.62 -1.85 9.72
CA VAL A 284 43.45 -2.61 10.27
C VAL A 284 42.70 -1.71 11.23
N THR A 285 41.37 -1.66 11.08
CA THR A 285 40.43 -1.02 12.05
C THR A 285 39.33 -2.03 12.40
N ILE A 286 38.64 -1.79 13.52
CA ILE A 286 37.50 -2.64 13.93
C ILE A 286 36.31 -1.75 14.27
N SER A 287 35.13 -2.33 14.03
CA SER A 287 33.79 -1.74 14.20
C SER A 287 32.90 -2.76 14.91
N SER A 288 31.86 -2.28 15.61
CA SER A 288 30.95 -3.12 16.43
C SER A 288 29.83 -3.71 15.58
N ASP A 289 29.42 -2.99 14.52
CA ASP A 289 28.17 -3.26 13.78
C ASP A 289 26.99 -3.25 14.77
N GLY A 290 27.07 -2.42 15.82
CA GLY A 290 26.09 -2.33 16.90
C GLY A 290 24.72 -1.97 16.37
N GLN A 291 23.67 -2.59 16.92
CA GLN A 291 22.24 -2.35 16.56
C GLN A 291 21.90 -2.76 15.12
N GLY A 292 22.91 -3.09 14.28
CA GLY A 292 22.72 -3.91 13.07
C GLY A 292 22.34 -5.33 13.44
N SER A 293 21.74 -6.08 12.50
CA SER A 293 21.52 -7.54 12.64
C SER A 293 22.75 -8.30 12.14
N LEU A 294 22.89 -9.53 12.62
CA LEU A 294 23.89 -10.52 12.17
C LEU A 294 23.10 -11.69 11.61
N PRO A 295 22.43 -11.52 10.45
CA PRO A 295 21.48 -12.52 9.96
C PRO A 295 22.27 -13.81 9.65
N LYS A 296 21.54 -14.91 9.55
CA LYS A 296 22.12 -16.25 9.24
C LYS A 296 21.16 -16.97 8.29
N PHE A 297 21.35 -16.82 6.98
CA PHE A 297 20.54 -17.46 5.91
C PHE A 297 20.98 -18.91 5.72
N ASP A 298 20.11 -19.74 5.13
CA ASP A 298 20.36 -21.18 4.85
C ASP A 298 21.16 -21.29 3.56
N ASP A 299 21.19 -22.46 2.93
CA ASP A 299 21.97 -22.75 1.69
C ASP A 299 21.35 -21.99 0.51
N ASN A 300 20.06 -22.22 0.28
CA ASN A 300 19.22 -21.47 -0.71
C ASN A 300 19.53 -19.98 -0.59
N GLY A 301 18.86 -19.29 0.33
CA GLY A 301 18.96 -17.83 0.50
C GLY A 301 17.88 -17.27 1.41
N ASN A 302 17.05 -18.14 2.02
CA ASN A 302 15.98 -17.77 2.99
C ASN A 302 16.61 -17.56 4.39
N PHE A 303 16.01 -16.66 5.20
CA PHE A 303 16.45 -16.25 6.57
C PHE A 303 16.10 -17.36 7.59
N VAL A 304 17.10 -17.79 8.40
CA VAL A 304 16.99 -18.89 9.42
C VAL A 304 16.79 -18.26 10.81
N GLY A 305 17.71 -17.36 11.19
CA GLY A 305 17.73 -16.64 12.48
C GLY A 305 18.73 -15.49 12.46
N LEU A 306 18.90 -14.82 13.59
CA LEU A 306 19.73 -13.58 13.69
C LEU A 306 20.20 -13.36 15.12
N ASP A 307 21.28 -12.63 15.29
CA ASP A 307 21.71 -12.01 16.57
C ASP A 307 21.65 -10.51 16.35
N VAL A 308 22.12 -9.70 17.31
CA VAL A 308 22.25 -8.23 17.16
C VAL A 308 23.66 -7.80 17.59
N GLY A 309 24.34 -7.05 16.71
CA GLY A 309 25.58 -6.33 17.05
C GLY A 309 25.42 -5.52 18.34
N SER A 310 26.43 -5.55 19.21
CA SER A 310 26.57 -4.74 20.44
C SER A 310 27.89 -3.93 20.37
N VAL A 311 27.88 -2.66 20.79
CA VAL A 311 29.13 -1.81 20.86
C VAL A 311 30.11 -2.35 21.92
N SER A 312 29.60 -3.15 22.87
CA SER A 312 30.43 -3.91 23.84
C SER A 312 31.45 -4.76 23.10
N ALA A 313 31.23 -5.10 21.82
CA ALA A 313 32.12 -6.01 21.06
C ALA A 313 33.55 -5.44 20.98
N VAL A 314 33.70 -4.14 20.78
CA VAL A 314 35.02 -3.51 20.47
C VAL A 314 35.95 -3.76 21.65
N TRP A 315 35.57 -3.35 22.85
CA TRP A 315 36.46 -3.38 24.05
C TRP A 315 36.71 -4.82 24.51
N TYR A 316 35.72 -5.69 24.32
CA TYR A 316 35.82 -7.17 24.47
C TYR A 316 36.86 -7.73 23.52
N THR A 317 36.72 -7.47 22.21
CA THR A 317 37.70 -7.88 21.18
C THR A 317 39.10 -7.46 21.65
N ILE A 318 39.30 -6.20 22.04
CA ILE A 318 40.67 -5.71 22.41
C ILE A 318 41.21 -6.57 23.55
N ARG A 319 40.39 -7.00 24.50
CA ARG A 319 40.86 -7.73 25.72
C ARG A 319 41.27 -9.15 25.33
N LYS A 320 40.48 -9.77 24.46
CA LYS A 320 40.74 -11.13 23.89
C LYS A 320 42.01 -11.13 23.04
N VAL A 321 42.43 -9.97 22.50
CA VAL A 321 43.68 -9.82 21.70
C VAL A 321 44.84 -9.75 22.69
N LEU A 322 44.68 -9.07 23.82
CA LEU A 322 45.76 -8.93 24.83
C LEU A 322 46.10 -10.33 25.40
N GLU A 323 45.09 -11.20 25.53
CA GLU A 323 45.24 -12.63 25.93
C GLU A 323 46.32 -13.31 25.08
N LYS A 324 46.44 -13.02 23.78
CA LYS A 324 47.44 -13.70 22.90
C LYS A 324 48.84 -13.13 23.14
N GLY A 325 48.96 -12.02 23.87
CA GLY A 325 50.23 -11.42 24.31
C GLY A 325 50.71 -10.27 23.45
N LEU A 326 49.87 -9.69 22.61
CA LEU A 326 50.22 -8.46 21.83
C LEU A 326 50.32 -7.26 22.77
N PRO A 327 51.33 -6.38 22.60
CA PRO A 327 51.48 -5.22 23.47
C PRO A 327 50.25 -4.30 23.33
N LEU A 328 49.75 -3.76 24.44
CA LEU A 328 48.52 -2.93 24.41
C LEU A 328 48.70 -1.76 23.41
N ALA A 329 49.84 -1.08 23.42
CA ALA A 329 50.08 0.17 22.65
C ALA A 329 49.93 -0.07 21.15
N GLU A 330 50.21 -1.29 20.69
CA GLU A 330 50.09 -1.64 19.24
C GLU A 330 48.63 -1.97 18.90
N VAL A 331 47.89 -2.65 19.79
CA VAL A 331 46.52 -3.15 19.47
C VAL A 331 45.55 -1.97 19.60
N LEU A 332 45.89 -0.95 20.39
CA LEU A 332 44.96 0.21 20.56
C LEU A 332 44.83 0.96 19.25
N LYS A 333 45.76 0.75 18.31
CA LYS A 333 45.79 1.42 16.98
C LYS A 333 44.51 1.12 16.19
N ILE A 334 43.88 -0.05 16.44
CA ILE A 334 42.70 -0.51 15.63
C ILE A 334 41.45 0.34 15.95
N SER A 335 41.36 0.94 17.15
CA SER A 335 40.19 1.77 17.58
C SER A 335 40.53 3.26 17.80
N THR A 336 41.77 3.69 17.60
CA THR A 336 42.21 5.07 17.96
C THR A 336 42.96 5.68 16.77
N THR A 337 44.22 5.29 16.54
CA THR A 337 45.12 5.97 15.58
C THR A 337 44.64 5.64 14.18
N ASN A 338 44.22 4.41 13.94
CA ASN A 338 43.93 3.97 12.56
C ASN A 338 42.63 4.63 12.09
N PRO A 339 41.52 4.59 12.86
CA PRO A 339 40.25 5.21 12.43
C PRO A 339 40.33 6.73 12.35
N ALA A 340 41.11 7.37 13.21
CA ALA A 340 41.29 8.85 13.21
C ALA A 340 41.92 9.28 11.89
N ARG A 341 42.81 8.46 11.32
CA ARG A 341 43.50 8.79 10.05
C ARG A 341 42.45 8.70 8.93
N VAL A 342 41.75 7.56 8.87
CA VAL A 342 40.73 7.26 7.83
C VAL A 342 39.75 8.44 7.74
N PHE A 343 39.32 9.00 8.86
CA PHE A 343 38.29 10.06 8.90
C PHE A 343 38.92 11.46 9.05
N LYS A 344 40.25 11.55 9.12
CA LYS A 344 40.98 12.84 9.28
C LYS A 344 40.43 13.58 10.52
N LEU A 345 40.22 12.87 11.62
CA LEU A 345 39.70 13.43 12.90
C LEU A 345 40.86 13.99 13.72
N ASN A 346 40.56 14.95 14.60
CA ASN A 346 41.46 15.46 15.66
C ASN A 346 41.28 14.60 16.94
N LYS A 347 41.28 13.25 16.83
CA LYS A 347 41.09 12.31 17.97
C LYS A 347 42.07 11.12 17.91
N GLY A 348 42.09 10.29 18.94
CA GLY A 348 42.82 9.00 18.97
C GLY A 348 44.29 9.15 19.36
N LYS A 349 44.69 10.33 19.83
CA LYS A 349 46.06 10.57 20.36
C LYS A 349 45.95 11.56 21.50
N ILE A 350 46.59 11.27 22.65
CA ILE A 350 46.71 12.18 23.85
C ILE A 350 47.98 13.04 23.69
N ALA A 351 47.82 14.27 23.19
CA ALA A 351 48.88 15.29 23.01
C ALA A 351 48.24 16.70 22.94
N LYS A 352 49.02 17.73 23.18
CA LYS A 352 48.57 19.14 23.11
C LYS A 352 47.81 19.34 21.78
N GLY A 353 46.58 19.86 21.85
CA GLY A 353 45.77 20.27 20.67
C GLY A 353 44.77 19.22 20.26
N GLN A 354 45.05 17.93 20.47
CA GLN A 354 44.08 16.82 20.23
C GLN A 354 42.82 16.97 21.09
N ASP A 355 41.67 16.53 20.60
CA ASP A 355 40.38 16.60 21.35
C ASP A 355 40.54 15.76 22.63
N ALA A 356 39.94 16.23 23.73
CA ALA A 356 40.05 15.57 25.05
C ALA A 356 38.96 14.49 25.19
N ASP A 357 39.22 13.32 24.60
CA ASP A 357 38.37 12.11 24.70
C ASP A 357 39.25 10.95 25.20
N PHE A 358 39.00 10.49 26.44
CA PHE A 358 39.76 9.44 27.15
C PHE A 358 38.84 8.39 27.76
N ILE A 359 39.36 7.20 28.02
CA ILE A 359 38.77 6.18 28.93
C ILE A 359 39.84 5.78 29.97
N LEU A 360 39.40 5.46 31.19
CA LEU A 360 40.30 5.13 32.33
C LEU A 360 39.96 3.70 32.77
N VAL A 361 40.94 2.80 32.74
CA VAL A 361 40.74 1.34 32.96
C VAL A 361 41.51 0.88 34.22
N ASP A 362 40.89 0.05 35.06
CA ASP A 362 41.54 -0.51 36.27
C ASP A 362 42.65 -1.50 35.86
N GLU A 363 43.89 -1.30 36.32
CA GLU A 363 45.11 -2.00 35.78
C GLU A 363 45.05 -3.48 36.10
N GLN A 364 44.42 -3.85 37.22
CA GLN A 364 44.30 -5.26 37.66
C GLN A 364 43.22 -6.00 36.86
N SER A 365 41.96 -5.51 36.81
CA SER A 365 40.75 -6.26 36.36
C SER A 365 40.37 -5.94 34.91
N PHE A 366 41.00 -4.93 34.32
CA PHE A 366 40.72 -4.41 32.95
C PHE A 366 39.25 -4.05 32.79
N GLU A 367 38.69 -3.39 33.80
CA GLU A 367 37.32 -2.83 33.77
C GLU A 367 37.43 -1.32 33.46
N ILE A 368 36.54 -0.82 32.61
CA ILE A 368 36.39 0.65 32.34
C ILE A 368 35.75 1.25 33.59
N VAL A 369 36.36 2.25 34.20
CA VAL A 369 35.92 2.83 35.50
C VAL A 369 35.38 4.25 35.27
N SER A 370 35.96 4.96 34.30
CA SER A 370 35.62 6.35 33.94
C SER A 370 35.84 6.58 32.44
N VAL A 371 34.98 7.41 31.85
CA VAL A 371 34.93 7.78 30.41
C VAL A 371 34.75 9.29 30.28
N ILE A 372 35.62 9.92 29.48
CA ILE A 372 35.64 11.39 29.26
C ILE A 372 35.48 11.70 27.77
N SER A 373 34.50 12.52 27.44
CA SER A 373 34.22 12.98 26.07
C SER A 373 34.10 14.52 26.10
N LYS A 374 34.93 15.18 25.30
CA LYS A 374 34.94 16.65 25.09
C LYS A 374 35.44 17.35 26.35
N GLY A 375 36.09 16.60 27.24
CA GLY A 375 36.56 17.11 28.55
C GLY A 375 35.53 16.89 29.66
N GLU A 376 34.36 16.29 29.34
CA GLU A 376 33.24 16.03 30.28
C GLU A 376 33.33 14.56 30.71
N PHE A 377 33.19 14.30 32.02
CA PHE A 377 33.06 12.92 32.55
C PHE A 377 31.66 12.43 32.18
N LEU A 378 31.56 11.37 31.39
CA LEU A 378 30.27 10.70 31.10
C LEU A 378 30.06 9.59 32.15
N MET A 379 31.14 8.95 32.59
CA MET A 379 31.12 8.03 33.76
C MET A 379 32.34 8.36 34.62
N LYS A 380 32.16 8.39 35.94
CA LYS A 380 33.18 8.67 36.99
C LYS A 380 33.07 7.58 38.05
N ASP A 381 34.16 6.84 38.23
CA ASP A 381 34.38 5.84 39.32
C ASP A 381 33.10 5.03 39.43
N GLY A 382 32.59 4.54 38.31
CA GLY A 382 31.50 3.55 38.28
C GLY A 382 30.14 4.19 38.06
N VAL A 383 29.92 5.41 38.56
CA VAL A 383 28.59 6.10 38.49
C VAL A 383 28.52 6.91 37.18
N MET A 384 27.47 6.68 36.40
CA MET A 384 27.22 7.26 35.07
C MET A 384 26.50 8.59 35.23
N LYS A 385 26.69 9.48 34.27
CA LYS A 385 25.98 10.78 34.21
C LYS A 385 24.49 10.51 34.03
N ASN A 386 23.65 11.50 34.34
CA ASN A 386 22.19 11.41 34.15
C ASN A 386 21.88 11.64 32.67
N LEU A 387 20.90 10.91 32.13
CA LEU A 387 20.44 10.94 30.71
C LEU A 387 18.93 11.18 30.65
N ASN A 388 18.41 11.46 29.44
CA ASN A 388 17.06 12.04 29.19
C ASN A 388 15.96 10.96 29.10
N PHE A 389 16.26 9.74 28.65
CA PHE A 389 15.26 8.65 28.46
C PHE A 389 15.88 7.28 28.77
N GLU A 390 16.07 7.00 30.06
CA GLU A 390 16.56 5.68 30.58
C GLU A 390 15.59 5.16 31.64
N MET B 1 4.08 -25.95 14.64
CA MET B 1 3.41 -26.01 16.00
C MET B 1 2.58 -24.75 16.25
N ARG B 2 1.37 -24.87 16.81
CA ARG B 2 0.51 -23.70 17.20
C ARG B 2 -0.34 -24.02 18.43
N GLY B 3 -0.86 -22.97 19.08
CA GLY B 3 -1.75 -23.05 20.26
C GLY B 3 -3.15 -23.51 19.89
N SER B 4 -3.79 -24.28 20.76
CA SER B 4 -5.15 -24.84 20.57
C SER B 4 -6.08 -23.74 20.07
N MET B 5 -6.78 -24.02 18.97
CA MET B 5 -7.49 -22.99 18.17
C MET B 5 -8.89 -22.75 18.75
N ILE B 6 -9.52 -23.72 19.41
CA ILE B 6 -10.83 -23.49 20.09
C ILE B 6 -10.58 -23.29 21.59
N LYS B 7 -11.06 -22.17 22.13
CA LYS B 7 -10.93 -21.82 23.56
C LYS B 7 -12.31 -21.50 24.17
N ILE B 8 -12.46 -21.73 25.47
CA ILE B 8 -13.70 -21.36 26.20
C ILE B 8 -13.31 -20.71 27.52
N ILE B 9 -13.96 -19.58 27.85
CA ILE B 9 -13.85 -18.88 29.16
C ILE B 9 -15.13 -19.16 29.91
N LYS B 10 -15.03 -19.86 31.05
CA LYS B 10 -16.16 -20.28 31.93
C LYS B 10 -16.21 -19.41 33.19
N ASN B 11 -17.43 -19.18 33.70
CA ASN B 11 -17.77 -18.68 35.06
C ASN B 11 -17.19 -17.28 35.27
N ALA B 12 -17.23 -16.44 34.23
CA ALA B 12 -16.88 -15.01 34.30
C ALA B 12 -18.19 -14.23 34.22
N LYS B 13 -18.24 -13.05 34.84
CA LYS B 13 -19.37 -12.10 34.75
C LYS B 13 -19.08 -11.19 33.56
N VAL B 14 -19.79 -11.37 32.44
CA VAL B 14 -19.42 -10.73 31.14
C VAL B 14 -20.00 -9.32 31.04
N PHE B 15 -19.09 -8.35 30.84
CA PHE B 15 -19.39 -6.95 30.44
C PHE B 15 -19.24 -6.82 28.92
N SER B 16 -20.14 -7.45 28.18
CA SER B 16 -20.38 -7.17 26.74
C SER B 16 -20.90 -5.75 26.64
N PRO B 17 -20.06 -4.76 26.30
CA PRO B 17 -20.07 -3.51 27.05
C PRO B 17 -21.20 -3.56 28.09
N GLU B 18 -22.45 -3.79 27.64
CA GLU B 18 -23.68 -3.93 28.47
C GLU B 18 -23.63 -5.24 29.29
N TYR B 19 -23.91 -5.18 30.60
CA TYR B 19 -23.87 -6.34 31.52
C TYR B 19 -24.81 -7.47 31.06
N ILE B 20 -24.31 -8.70 31.00
CA ILE B 20 -25.09 -9.90 30.59
C ILE B 20 -24.87 -11.06 31.58
N GLY B 21 -24.40 -10.81 32.80
CA GLY B 21 -24.25 -11.82 33.86
C GLY B 21 -23.28 -12.96 33.50
N LYS B 22 -23.26 -14.00 34.35
CA LYS B 22 -22.39 -15.22 34.23
C LYS B 22 -22.72 -15.96 32.92
N LYS B 23 -21.73 -16.05 32.03
CA LYS B 23 -21.86 -16.69 30.71
C LYS B 23 -20.49 -17.25 30.30
N ASP B 24 -20.51 -18.35 29.56
CA ASP B 24 -19.32 -18.98 28.92
C ASP B 24 -19.20 -18.38 27.51
N VAL B 25 -17.98 -18.25 26.98
CA VAL B 25 -17.71 -17.70 25.61
C VAL B 25 -16.75 -18.64 24.88
N ILE B 26 -17.26 -19.33 23.86
CA ILE B 26 -16.44 -20.14 22.91
C ILE B 26 -15.90 -19.18 21.84
N PHE B 27 -14.63 -19.31 21.44
CA PHE B 27 -14.04 -18.47 20.37
C PHE B 27 -12.85 -19.14 19.70
N TYR B 28 -12.60 -18.73 18.46
CA TYR B 28 -11.31 -18.88 17.74
C TYR B 28 -10.67 -17.50 17.64
N HIS B 29 -10.44 -17.00 16.42
CA HIS B 29 -9.97 -15.62 16.11
C HIS B 29 -11.14 -14.63 16.14
N LYS B 30 -12.38 -15.14 16.04
CA LYS B 30 -13.63 -14.36 16.21
C LYS B 30 -14.51 -15.07 17.24
N VAL B 31 -15.51 -14.37 17.81
CA VAL B 31 -16.40 -14.94 18.86
C VAL B 31 -17.40 -15.92 18.21
N ILE B 32 -17.40 -17.20 18.64
CA ILE B 32 -18.23 -18.31 18.06
C ILE B 32 -19.57 -18.39 18.81
N HIS B 33 -19.57 -18.28 20.14
CA HIS B 33 -20.81 -18.48 20.94
C HIS B 33 -20.74 -17.79 22.30
N VAL B 34 -21.84 -17.13 22.67
CA VAL B 34 -22.17 -16.62 24.04
C VAL B 34 -23.43 -17.34 24.53
N GLY B 35 -23.38 -17.96 25.70
CA GLY B 35 -24.46 -18.83 26.21
C GLY B 35 -24.23 -19.28 27.64
N GLU B 36 -25.26 -19.85 28.25
CA GLU B 36 -25.25 -20.35 29.66
C GLU B 36 -24.29 -21.54 29.78
N GLY B 37 -24.04 -22.02 30.99
CA GLY B 37 -23.16 -23.18 31.22
C GLY B 37 -23.49 -24.28 30.23
N VAL B 38 -22.50 -24.88 29.57
CA VAL B 38 -22.73 -26.01 28.62
C VAL B 38 -21.53 -26.96 28.69
N ASN B 39 -21.77 -28.28 28.55
CA ASN B 39 -20.78 -29.39 28.62
C ASN B 39 -19.62 -29.12 27.65
N THR B 40 -18.46 -28.69 28.18
CA THR B 40 -17.23 -28.32 27.41
C THR B 40 -16.17 -29.43 27.50
N SER B 41 -16.44 -30.50 28.24
CA SER B 41 -15.70 -31.78 28.20
C SER B 41 -16.57 -32.82 27.50
N VAL B 42 -16.99 -32.51 26.27
CA VAL B 42 -17.66 -33.47 25.35
C VAL B 42 -17.02 -33.39 23.96
N LEU B 43 -16.16 -32.39 23.70
CA LEU B 43 -15.50 -32.15 22.38
C LEU B 43 -14.45 -33.24 22.13
N PRO B 44 -14.42 -33.82 20.90
CA PRO B 44 -13.53 -34.95 20.58
C PRO B 44 -12.09 -34.58 20.19
N PHE B 45 -11.89 -33.31 19.79
CA PHE B 45 -10.64 -32.67 19.28
C PHE B 45 -10.11 -31.68 20.35
N GLU B 46 -9.00 -30.99 20.06
CA GLU B 46 -8.33 -30.05 21.01
C GLU B 46 -9.30 -28.95 21.44
N HIS B 47 -9.12 -28.40 22.64
CA HIS B 47 -9.87 -27.23 23.13
C HIS B 47 -9.30 -26.81 24.49
N GLU B 48 -8.71 -25.62 24.57
CA GLU B 48 -8.19 -25.08 25.85
C GLU B 48 -9.30 -24.35 26.63
N ILE B 49 -9.63 -24.83 27.83
CA ILE B 49 -10.58 -24.21 28.80
C ILE B 49 -9.80 -23.26 29.69
N TYR B 50 -10.41 -22.14 30.11
CA TYR B 50 -9.86 -21.18 31.10
C TYR B 50 -10.95 -20.89 32.13
N ASP B 51 -10.70 -21.18 33.41
CA ASP B 51 -11.65 -20.92 34.53
C ASP B 51 -11.45 -19.47 34.98
N ALA B 52 -12.47 -18.63 34.85
CA ALA B 52 -12.43 -17.17 35.07
C ALA B 52 -13.35 -16.81 36.25
N ASN B 53 -13.54 -17.75 37.17
CA ASN B 53 -14.37 -17.54 38.37
C ASN B 53 -13.77 -16.36 39.12
N GLY B 54 -14.61 -15.39 39.50
CA GLY B 54 -14.20 -14.16 40.22
C GLY B 54 -13.65 -13.04 39.35
N LEU B 55 -13.53 -13.25 38.03
CA LEU B 55 -12.98 -12.23 37.10
C LEU B 55 -14.11 -11.60 36.31
N LEU B 56 -13.83 -10.46 35.69
CA LEU B 56 -14.76 -9.70 34.81
C LEU B 56 -14.22 -9.75 33.38
N LEU B 57 -15.01 -10.30 32.46
CA LEU B 57 -14.69 -10.28 31.03
C LEU B 57 -15.19 -8.96 30.41
N LEU B 58 -14.32 -8.24 29.72
CA LEU B 58 -14.58 -6.94 29.06
C LEU B 58 -13.99 -7.05 27.65
N PRO B 59 -14.39 -6.17 26.71
CA PRO B 59 -13.75 -6.09 25.39
C PRO B 59 -12.29 -5.56 25.44
N GLY B 60 -11.55 -5.76 24.36
CA GLY B 60 -10.22 -5.16 24.23
C GLY B 60 -10.34 -3.65 24.15
N LEU B 61 -9.57 -2.93 24.96
CA LEU B 61 -9.42 -1.46 24.85
C LEU B 61 -8.77 -1.04 23.51
N ILE B 62 -9.36 -0.05 22.84
CA ILE B 62 -8.88 0.59 21.59
C ILE B 62 -8.36 1.98 21.98
N ASP B 63 -7.13 2.31 21.53
CA ASP B 63 -6.41 3.59 21.78
C ASP B 63 -6.21 4.27 20.43
N PRO B 64 -6.99 5.33 20.09
CA PRO B 64 -7.02 5.90 18.74
C PRO B 64 -5.97 6.96 18.38
N HIS B 65 -4.96 7.17 19.22
CA HIS B 65 -4.01 8.31 19.05
C HIS B 65 -2.72 7.98 19.78
N VAL B 66 -1.74 7.40 19.08
CA VAL B 66 -0.44 6.92 19.62
C VAL B 66 0.69 7.21 18.63
N HIS B 67 1.80 7.77 19.13
CA HIS B 67 3.05 8.03 18.38
C HIS B 67 3.94 6.78 18.44
N ILE B 68 3.54 5.72 17.75
CA ILE B 68 4.14 4.35 17.92
C ILE B 68 5.63 4.39 17.54
N THR B 69 6.04 5.35 16.70
CA THR B 69 7.44 5.52 16.23
C THR B 69 8.23 6.40 17.20
N GLY B 70 7.58 6.98 18.19
CA GLY B 70 8.09 8.17 18.91
C GLY B 70 7.70 9.46 18.19
N GLY B 71 7.74 10.57 18.92
CA GLY B 71 7.46 11.93 18.42
C GLY B 71 8.19 12.97 19.24
N GLY B 72 7.58 14.11 19.48
CA GLY B 72 8.21 15.27 20.14
C GLY B 72 9.39 15.74 19.34
N GLY B 73 10.22 16.57 19.97
CA GLY B 73 11.38 17.22 19.33
C GLY B 73 11.21 18.73 19.20
N GLU B 74 10.25 19.33 19.92
CA GLU B 74 10.01 20.80 19.92
C GLU B 74 11.15 21.51 20.67
N GLY B 75 11.91 20.79 21.49
CA GLY B 75 12.98 21.38 22.29
C GLY B 75 14.35 21.00 21.76
N GLY B 76 14.45 20.77 20.45
CA GLY B 76 15.69 20.31 19.77
C GLY B 76 15.77 18.80 19.71
N PHE B 77 16.86 18.29 19.11
CA PHE B 77 17.06 16.86 18.82
C PHE B 77 17.07 16.03 20.10
N GLU B 78 17.37 16.64 21.24
CA GLU B 78 17.42 15.97 22.59
C GLU B 78 16.00 15.65 23.09
N THR B 79 14.94 16.22 22.49
CA THR B 79 13.54 16.11 23.02
C THR B 79 12.72 15.13 22.16
N ARG B 80 13.36 14.42 21.21
CA ARG B 80 12.75 13.30 20.44
C ARG B 80 12.52 12.15 21.43
N THR B 81 11.27 11.66 21.52
CA THR B 81 10.80 10.64 22.50
C THR B 81 11.00 9.25 21.94
N PRO B 82 11.26 8.22 22.77
CA PRO B 82 11.42 6.86 22.30
C PRO B 82 10.11 6.22 21.78
N GLU B 83 10.25 5.10 21.07
CA GLU B 83 9.16 4.40 20.35
C GLU B 83 8.46 3.43 21.31
N LEU B 84 7.28 2.95 20.92
CA LEU B 84 6.33 2.24 21.82
C LEU B 84 6.75 0.78 21.88
N LYS B 85 6.74 0.19 23.07
CA LYS B 85 6.99 -1.25 23.32
C LYS B 85 5.66 -1.97 23.49
N ILE B 86 5.49 -3.15 22.91
CA ILE B 86 4.17 -3.85 22.95
C ILE B 86 3.92 -4.31 24.39
N SER B 87 4.96 -4.44 25.22
CA SER B 87 4.81 -4.84 26.65
C SER B 87 4.07 -3.72 27.40
N ASP B 88 4.31 -2.44 27.07
CA ASP B 88 3.47 -1.30 27.53
C ASP B 88 2.00 -1.58 27.23
N CYS B 89 1.67 -1.93 25.99
CA CYS B 89 0.27 -2.14 25.56
C CYS B 89 -0.31 -3.32 26.32
N ILE B 90 0.44 -4.41 26.42
CA ILE B 90 -0.08 -5.67 27.04
C ILE B 90 -0.40 -5.44 28.52
N ARG B 91 0.43 -4.67 29.21
CA ARG B 91 0.26 -4.37 30.67
C ARG B 91 -1.02 -3.56 30.83
N SER B 92 -1.36 -2.74 29.82
CA SER B 92 -2.42 -1.72 29.88
C SER B 92 -3.71 -2.20 29.18
N GLY B 93 -3.80 -3.49 28.85
CA GLY B 93 -5.00 -4.10 28.24
C GLY B 93 -5.47 -3.37 26.98
N VAL B 94 -4.57 -2.71 26.25
CA VAL B 94 -4.80 -1.99 24.95
C VAL B 94 -4.46 -2.98 23.83
N THR B 95 -5.47 -3.54 23.15
CA THR B 95 -5.30 -4.57 22.09
C THR B 95 -5.21 -3.95 20.69
N THR B 96 -5.72 -2.72 20.51
CA THR B 96 -5.67 -2.00 19.20
C THR B 96 -5.12 -0.59 19.44
N VAL B 97 -4.26 -0.11 18.53
CA VAL B 97 -3.77 1.30 18.50
C VAL B 97 -3.80 1.80 17.04
N VAL B 98 -4.04 3.10 16.88
CA VAL B 98 -3.94 3.84 15.59
C VAL B 98 -2.79 4.85 15.74
N GLY B 99 -1.71 4.71 14.95
CA GLY B 99 -0.50 5.55 15.08
C GLY B 99 -0.54 6.77 14.17
N CYS B 100 0.00 7.92 14.60
CA CYS B 100 0.05 9.19 13.82
C CYS B 100 1.44 9.85 13.95
N LEU B 101 1.78 10.78 13.04
CA LEU B 101 2.89 11.74 13.18
C LEU B 101 2.41 13.06 13.82
N GLY B 102 3.34 13.88 14.28
CA GLY B 102 3.03 15.14 14.99
C GLY B 102 3.86 16.31 14.47
N THR B 103 4.48 17.05 15.38
CA THR B 103 5.18 18.32 15.08
C THR B 103 6.29 18.05 14.05
N ASP B 104 7.15 17.05 14.31
CA ASP B 104 8.25 16.59 13.43
C ASP B 104 7.70 15.68 12.31
N GLY B 105 7.77 16.17 11.08
CA GLY B 105 7.47 15.46 9.83
C GLY B 105 8.68 15.54 8.91
N ILE B 106 9.85 15.88 9.47
CA ILE B 106 11.14 15.96 8.73
C ILE B 106 12.00 14.74 9.05
N THR B 107 12.13 14.37 10.33
CA THR B 107 13.00 13.26 10.82
C THR B 107 12.17 12.03 11.24
N ARG B 108 10.84 12.12 11.27
CA ARG B 108 9.91 10.95 11.43
C ARG B 108 9.25 10.67 10.08
N SER B 109 9.67 9.60 9.39
CA SER B 109 9.10 9.17 8.09
C SER B 109 7.76 8.42 8.28
N LEU B 110 6.89 8.53 7.28
CA LEU B 110 5.64 7.74 7.13
C LEU B 110 5.99 6.25 6.91
N GLU B 111 7.01 5.92 6.13
CA GLU B 111 7.43 4.51 5.89
C GLU B 111 7.83 3.84 7.20
N ASN B 112 8.56 4.55 8.09
CA ASN B 112 8.96 4.09 9.44
C ASN B 112 7.73 3.81 10.30
N LEU B 113 6.68 4.62 10.15
CA LEU B 113 5.40 4.43 10.89
C LEU B 113 4.70 3.17 10.35
N TYR B 114 4.69 2.99 9.03
CA TYR B 114 4.16 1.77 8.35
C TYR B 114 4.88 0.50 8.87
N ALA B 115 6.19 0.54 9.06
CA ALA B 115 6.97 -0.64 9.50
C ALA B 115 6.59 -0.99 10.95
N LYS B 116 6.57 0.03 11.82
CA LYS B 116 6.40 -0.20 13.27
C LYS B 116 5.01 -0.74 13.54
N ALA B 117 4.02 -0.29 12.76
CA ALA B 117 2.62 -0.78 12.83
C ALA B 117 2.62 -2.25 12.52
N LYS B 118 3.40 -2.65 11.50
CA LYS B 118 3.43 -4.05 11.01
C LYS B 118 4.18 -4.93 12.02
N SER B 119 5.20 -4.41 12.72
CA SER B 119 5.99 -5.20 13.71
C SER B 119 5.13 -5.37 14.98
N LEU B 120 4.45 -4.32 15.40
CA LEU B 120 3.40 -4.41 16.44
C LEU B 120 2.37 -5.46 16.02
N GLU B 121 1.99 -5.52 14.73
CA GLU B 121 0.88 -6.41 14.23
C GLU B 121 1.30 -7.84 14.52
N SER B 122 2.60 -8.11 14.34
CA SER B 122 3.18 -9.47 14.21
C SER B 122 3.55 -10.02 15.58
N GLU B 123 3.33 -9.27 16.64
CA GLU B 123 3.63 -9.77 18.00
C GLU B 123 2.32 -10.00 18.75
N GLY B 124 1.18 -9.71 18.11
CA GLY B 124 -0.16 -9.98 18.67
C GLY B 124 -1.04 -8.76 18.89
N LEU B 125 -0.62 -7.58 18.44
CA LEU B 125 -1.40 -6.31 18.53
C LEU B 125 -2.11 -6.04 17.19
N ASN B 126 -3.24 -5.30 17.24
CA ASN B 126 -4.03 -4.88 16.05
C ASN B 126 -3.68 -3.41 15.75
N THR B 127 -3.27 -3.06 14.52
CA THR B 127 -2.67 -1.71 14.23
C THR B 127 -3.28 -1.02 13.01
N PHE B 128 -3.34 0.32 13.06
CA PHE B 128 -3.71 1.20 11.93
C PHE B 128 -2.89 2.50 12.00
N ILE B 129 -2.78 3.16 10.85
CA ILE B 129 -2.01 4.44 10.74
C ILE B 129 -2.80 5.58 10.03
N TYR B 130 -2.38 6.82 10.29
CA TYR B 130 -2.71 7.99 9.45
C TYR B 130 -1.52 8.29 8.51
N THR B 131 -1.83 8.86 7.34
CA THR B 131 -0.90 9.65 6.46
C THR B 131 -0.74 11.10 7.02
N GLY B 132 0.14 11.91 6.43
CA GLY B 132 0.37 13.33 6.78
C GLY B 132 0.96 13.57 8.18
N SER B 133 0.89 14.81 8.65
CA SER B 133 1.30 15.23 10.00
C SER B 133 0.63 16.58 10.31
N TYR B 134 1.02 17.23 11.42
CA TYR B 134 0.78 18.65 11.78
C TYR B 134 0.67 19.51 10.50
N ARG B 135 1.72 19.55 9.69
CA ARG B 135 1.92 20.63 8.69
C ARG B 135 0.96 20.49 7.50
N VAL B 136 0.55 21.63 6.94
CA VAL B 136 -0.22 21.75 5.66
C VAL B 136 0.63 22.54 4.65
N PRO B 137 0.98 21.99 3.46
CA PRO B 137 0.48 20.69 2.98
C PRO B 137 0.99 19.42 3.67
N PRO B 138 0.21 18.30 3.67
CA PRO B 138 0.58 17.09 4.40
C PRO B 138 1.58 16.18 3.64
N VAL B 139 2.54 15.59 4.36
CA VAL B 139 3.50 14.61 3.81
C VAL B 139 2.69 13.39 3.35
N THR B 140 3.13 12.68 2.31
CA THR B 140 2.40 11.53 1.75
C THR B 140 3.37 10.37 1.51
N PHE B 141 2.83 9.15 1.45
CA PHE B 141 3.55 7.96 0.95
C PHE B 141 3.79 8.12 -0.56
N THR B 142 2.75 8.40 -1.34
CA THR B 142 2.73 8.17 -2.81
C THR B 142 2.62 9.48 -3.61
N GLY B 143 2.30 10.60 -2.96
CA GLY B 143 2.26 11.96 -3.56
C GLY B 143 0.90 12.63 -3.37
N SER B 144 -0.07 11.92 -2.79
CA SER B 144 -1.48 12.37 -2.67
C SER B 144 -2.16 11.61 -1.53
N ILE B 145 -2.86 12.31 -0.65
CA ILE B 145 -3.50 11.69 0.56
C ILE B 145 -4.63 10.75 0.11
N MET B 146 -5.04 10.81 -1.15
CA MET B 146 -6.11 9.93 -1.67
C MET B 146 -5.46 8.61 -2.11
N ARG B 147 -4.34 8.65 -2.83
CA ARG B 147 -3.63 7.42 -3.28
C ARG B 147 -3.25 6.61 -2.05
N ASP B 148 -2.80 7.29 -1.01
CA ASP B 148 -2.32 6.65 0.23
C ASP B 148 -3.47 5.83 0.82
N ILE B 149 -4.66 6.41 1.00
CA ILE B 149 -5.78 5.72 1.71
C ILE B 149 -6.34 4.56 0.87
N VAL B 150 -6.17 4.63 -0.45
CA VAL B 150 -6.68 3.67 -1.45
C VAL B 150 -5.71 2.49 -1.62
N LEU B 151 -4.39 2.75 -1.57
CA LEU B 151 -3.32 1.77 -1.94
C LEU B 151 -2.71 1.08 -0.71
N ILE B 152 -2.79 1.70 0.47
CA ILE B 152 -2.10 1.25 1.72
C ILE B 152 -3.19 0.78 2.67
N ASP B 153 -3.25 -0.52 2.94
CA ASP B 153 -4.39 -1.12 3.68
C ASP B 153 -4.49 -0.42 5.03
N LYS B 154 -3.39 -0.31 5.77
CA LYS B 154 -3.39 0.19 7.18
C LYS B 154 -3.74 1.68 7.31
N VAL B 155 -3.67 2.47 6.24
CA VAL B 155 -3.99 3.94 6.24
C VAL B 155 -5.51 4.12 6.37
N ILE B 156 -5.97 4.82 7.41
CA ILE B 156 -7.44 5.01 7.71
C ILE B 156 -7.78 6.51 7.68
N GLY B 157 -6.87 7.37 7.21
CA GLY B 157 -7.11 8.82 7.11
C GLY B 157 -5.82 9.64 7.11
N VAL B 158 -5.96 10.95 7.43
CA VAL B 158 -4.83 11.92 7.53
C VAL B 158 -4.84 12.64 8.89
N GLY B 159 -3.65 12.94 9.42
CA GLY B 159 -3.52 13.69 10.67
C GLY B 159 -2.13 13.57 11.28
N GLU B 160 -1.96 14.13 12.48
CA GLU B 160 -2.94 15.02 13.08
C GLU B 160 -2.69 16.43 12.52
N ILE B 161 -3.66 17.01 11.78
CA ILE B 161 -3.56 18.37 11.16
C ILE B 161 -3.60 19.41 12.27
N ALA B 162 -2.62 20.31 12.28
CA ALA B 162 -2.46 21.34 13.34
C ALA B 162 -3.27 22.60 12.97
N ILE B 163 -4.26 22.92 13.81
CA ILE B 163 -5.08 24.14 13.68
C ILE B 163 -5.16 24.81 15.05
N SER B 164 -5.17 26.14 15.07
CA SER B 164 -5.23 26.93 16.34
C SER B 164 -4.04 26.56 17.21
N ASP B 165 -2.83 26.55 16.62
CA ASP B 165 -1.55 26.15 17.30
C ASP B 165 -0.43 27.04 16.77
N HIS B 166 0.55 27.34 17.63
CA HIS B 166 1.77 28.10 17.22
C HIS B 166 2.65 27.26 16.28
N ARG B 167 2.65 25.93 16.49
CA ARG B 167 3.38 24.95 15.64
C ARG B 167 2.59 24.66 14.35
N SER B 168 1.41 25.25 14.15
CA SER B 168 0.64 25.01 12.90
C SER B 168 1.36 25.70 11.75
N SER B 169 1.09 25.24 10.52
CA SER B 169 1.52 25.85 9.24
C SER B 169 0.63 27.03 8.88
N GLN B 170 -0.20 27.50 9.83
CA GLN B 170 -1.30 28.48 9.59
C GLN B 170 -2.11 28.05 8.36
N PRO B 171 -2.89 26.93 8.39
CA PRO B 171 -3.60 26.47 7.20
C PRO B 171 -4.80 27.38 6.86
N THR B 172 -5.06 27.54 5.56
CA THR B 172 -6.22 28.26 4.95
C THR B 172 -7.47 27.38 5.03
N LEU B 173 -8.66 27.95 5.05
CA LEU B 173 -9.94 27.19 4.96
C LEU B 173 -10.03 26.43 3.62
N GLU B 174 -9.55 26.99 2.51
CA GLU B 174 -9.59 26.33 1.18
C GLU B 174 -8.65 25.14 1.19
N GLU B 175 -7.42 25.32 1.68
CA GLU B 175 -6.44 24.23 1.88
C GLU B 175 -7.11 23.05 2.62
N ILE B 176 -7.80 23.28 3.75
CA ILE B 176 -8.33 22.18 4.61
C ILE B 176 -9.52 21.48 3.94
N LEU B 177 -10.40 22.22 3.28
CA LEU B 177 -11.58 21.62 2.62
C LEU B 177 -11.12 20.71 1.49
N ARG B 178 -10.13 21.13 0.69
CA ARG B 178 -9.53 20.24 -0.35
C ARG B 178 -9.06 18.94 0.31
N ILE B 179 -8.45 19.03 1.51
CA ILE B 179 -7.81 17.86 2.19
C ILE B 179 -8.90 16.91 2.70
N VAL B 180 -9.91 17.39 3.40
CA VAL B 180 -11.05 16.59 3.95
C VAL B 180 -11.83 15.93 2.78
N ALA B 181 -11.98 16.63 1.65
CA ALA B 181 -12.72 16.17 0.47
C ALA B 181 -11.98 14.98 -0.13
N ASP B 182 -10.66 15.13 -0.25
CA ASP B 182 -9.74 14.12 -0.83
C ASP B 182 -9.78 12.83 0.00
N ILE B 183 -9.77 12.93 1.32
CA ILE B 183 -9.60 11.74 2.19
C ILE B 183 -10.94 11.01 2.29
N ARG B 184 -12.06 11.73 2.18
CA ARG B 184 -13.42 11.13 2.30
C ARG B 184 -13.67 10.22 1.09
N VAL B 185 -13.64 10.81 -0.10
CA VAL B 185 -13.84 10.08 -1.38
C VAL B 185 -12.83 8.94 -1.47
N GLY B 186 -11.62 9.12 -0.94
CA GLY B 186 -10.61 8.05 -0.79
C GLY B 186 -11.14 6.89 0.07
N GLY B 187 -11.73 7.22 1.21
CA GLY B 187 -12.36 6.23 2.08
C GLY B 187 -13.47 5.48 1.38
N MET B 188 -14.22 6.14 0.49
CA MET B 188 -15.42 5.55 -0.16
C MET B 188 -14.97 4.46 -1.14
N ILE B 189 -13.94 4.79 -1.94
CA ILE B 189 -13.33 3.89 -2.95
C ILE B 189 -12.76 2.62 -2.30
N SER B 190 -12.10 2.74 -1.13
CA SER B 190 -11.32 1.67 -0.45
C SER B 190 -12.11 1.06 0.71
N GLY B 191 -13.32 1.51 1.00
CA GLY B 191 -14.18 0.91 2.02
C GLY B 191 -13.60 1.11 3.40
N LYS B 192 -12.98 2.26 3.66
CA LYS B 192 -12.47 2.67 5.01
C LYS B 192 -13.23 3.93 5.49
N ALA B 193 -12.91 4.43 6.70
CA ALA B 193 -13.65 5.54 7.37
C ALA B 193 -13.31 6.92 6.78
N GLY B 194 -12.05 7.13 6.37
CA GLY B 194 -11.58 8.39 5.77
C GLY B 194 -11.52 9.53 6.78
N ILE B 195 -11.03 9.28 7.99
CA ILE B 195 -11.02 10.29 9.10
C ILE B 195 -9.94 11.35 8.89
N VAL B 196 -10.25 12.59 9.28
CA VAL B 196 -9.26 13.71 9.45
C VAL B 196 -9.11 13.98 10.95
N ASN B 197 -8.00 13.57 11.54
CA ASN B 197 -7.73 13.81 12.97
C ASN B 197 -7.25 15.25 13.03
N PHE B 198 -7.87 16.07 13.88
CA PHE B 198 -7.48 17.48 14.07
C PHE B 198 -6.77 17.56 15.43
N HIS B 199 -5.51 18.02 15.40
CA HIS B 199 -4.76 18.52 16.59
C HIS B 199 -5.07 19.99 16.79
N VAL B 200 -5.77 20.30 17.88
CA VAL B 200 -6.34 21.63 18.19
C VAL B 200 -5.49 22.24 19.32
N GLY B 201 -4.77 23.31 19.02
CA GLY B 201 -3.99 24.04 20.03
C GLY B 201 -4.87 24.86 20.95
N SER B 202 -4.36 26.00 21.39
CA SER B 202 -4.98 26.89 22.41
C SER B 202 -5.18 28.28 21.79
N GLY B 203 -5.30 28.36 20.46
CA GLY B 203 -5.65 29.59 19.73
C GLY B 203 -7.06 30.02 20.09
N LYS B 204 -7.33 31.31 20.01
CA LYS B 204 -8.69 31.89 20.15
C LYS B 204 -9.64 31.29 19.10
N ARG B 205 -9.16 30.87 17.93
CA ARG B 205 -10.06 30.44 16.81
C ARG B 205 -10.71 29.07 17.08
N GLY B 206 -10.24 28.32 18.09
CA GLY B 206 -10.71 26.97 18.47
C GLY B 206 -10.87 26.05 17.28
N ILE B 207 -12.08 25.53 17.05
CA ILE B 207 -12.39 24.63 15.91
C ILE B 207 -13.29 25.37 14.92
N GLU B 208 -13.22 26.70 14.87
CA GLU B 208 -14.07 27.50 13.95
C GLU B 208 -14.15 26.85 12.56
N TYR B 209 -13.03 26.33 12.07
CA TYR B 209 -12.94 25.61 10.77
C TYR B 209 -13.91 24.40 10.74
N LEU B 210 -14.05 23.64 11.82
CA LEU B 210 -14.84 22.39 11.79
C LEU B 210 -16.32 22.78 11.63
N PHE B 211 -16.72 23.85 12.33
CA PHE B 211 -18.09 24.44 12.29
C PHE B 211 -18.34 25.16 10.96
N ASP B 212 -17.28 25.69 10.34
CA ASP B 212 -17.36 26.31 8.99
C ASP B 212 -17.66 25.23 7.95
N ILE B 213 -17.08 24.03 8.08
CA ILE B 213 -17.17 22.97 7.04
C ILE B 213 -18.61 22.41 7.02
N ILE B 214 -19.13 22.08 8.21
CA ILE B 214 -20.46 21.41 8.33
C ILE B 214 -21.54 22.42 7.94
N GLU B 215 -21.37 23.71 8.29
CA GLU B 215 -22.39 24.77 8.05
C GLU B 215 -22.42 25.21 6.58
N LYS B 216 -21.32 25.07 5.83
CA LYS B 216 -21.15 25.69 4.47
C LYS B 216 -20.76 24.64 3.40
N THR B 217 -20.79 23.34 3.70
CA THR B 217 -20.48 22.26 2.71
C THR B 217 -21.23 20.97 3.02
N GLU B 218 -21.31 20.12 2.01
CA GLU B 218 -22.03 18.82 2.03
C GLU B 218 -21.23 17.72 2.76
N ILE B 219 -19.99 17.98 3.19
CA ILE B 219 -19.13 17.01 3.92
C ILE B 219 -19.79 16.69 5.25
N PRO B 220 -20.23 15.43 5.47
CA PRO B 220 -20.80 15.02 6.75
C PRO B 220 -19.80 15.01 7.90
N ILE B 221 -20.31 15.27 9.11
CA ILE B 221 -19.54 15.54 10.37
C ILE B 221 -18.82 14.28 10.86
N GLN B 222 -19.20 13.09 10.36
CA GLN B 222 -18.57 11.78 10.69
C GLN B 222 -17.05 11.85 10.47
N HIS B 223 -16.60 12.52 9.40
CA HIS B 223 -15.18 12.60 8.96
C HIS B 223 -14.30 13.58 9.75
N LEU B 224 -14.85 14.44 10.63
CA LEU B 224 -14.08 15.50 11.35
C LEU B 224 -13.93 15.07 12.80
N TYR B 225 -12.72 14.64 13.18
CA TYR B 225 -12.39 13.99 14.47
C TYR B 225 -11.34 14.81 15.21
N PRO B 226 -11.73 15.83 15.99
CA PRO B 226 -10.77 16.64 16.72
C PRO B 226 -10.30 16.04 18.06
N THR B 227 -9.01 16.15 18.38
CA THR B 227 -8.45 15.66 19.67
C THR B 227 -8.03 16.81 20.62
N HIS B 228 -7.76 16.46 21.89
CA HIS B 228 -7.31 17.35 22.99
C HIS B 228 -8.42 18.34 23.38
N MET B 229 -9.69 17.93 23.44
CA MET B 229 -10.83 18.90 23.60
C MET B 229 -11.24 18.99 25.07
N SER B 230 -10.37 18.60 26.00
CA SER B 230 -10.48 18.97 27.44
C SER B 230 -9.35 19.95 27.83
N ARG B 231 -8.44 20.27 26.91
CA ARG B 231 -7.33 21.27 27.05
C ARG B 231 -7.70 22.36 28.06
N SER B 232 -8.77 23.08 27.72
CA SER B 232 -9.36 24.26 28.41
C SER B 232 -10.87 24.05 28.43
N ARG B 233 -11.60 24.61 29.39
CA ARG B 233 -13.06 24.37 29.46
C ARG B 233 -13.81 25.13 28.36
N LYS B 234 -13.26 26.25 27.91
CA LYS B 234 -13.76 27.01 26.74
C LYS B 234 -13.81 26.05 25.54
N LEU B 235 -12.74 25.26 25.35
CA LEU B 235 -12.63 24.35 24.19
C LEU B 235 -13.60 23.18 24.39
N PHE B 236 -13.70 22.66 25.61
CA PHE B 236 -14.60 21.52 25.91
C PHE B 236 -16.06 21.93 25.66
N GLU B 237 -16.44 23.18 25.93
CA GLU B 237 -17.85 23.65 25.73
C GLU B 237 -18.11 23.83 24.23
N GLN B 238 -17.10 24.20 23.42
CA GLN B 238 -17.14 24.19 21.92
C GLN B 238 -17.28 22.74 21.40
N GLY B 239 -16.72 21.78 22.17
CA GLY B 239 -16.78 20.33 21.87
C GLY B 239 -18.20 19.81 21.97
N LEU B 240 -18.86 20.06 23.10
CA LEU B 240 -20.26 19.64 23.36
C LEU B 240 -21.19 20.16 22.25
N GLU B 241 -21.06 21.41 21.82
CA GLU B 241 -21.93 21.91 20.73
C GLU B 241 -21.65 21.08 19.48
N PHE B 242 -20.38 20.73 19.26
CA PHE B 242 -19.93 19.90 18.10
C PHE B 242 -20.62 18.51 18.18
N ALA B 243 -20.66 17.95 19.40
CA ALA B 243 -21.30 16.65 19.71
C ALA B 243 -22.78 16.68 19.30
N LYS B 244 -23.55 17.67 19.80
CA LYS B 244 -25.02 17.79 19.59
C LYS B 244 -25.34 17.92 18.10
N ARG B 245 -24.36 18.09 17.21
CA ARG B 245 -24.61 18.12 15.75
C ARG B 245 -24.14 16.81 15.10
N GLY B 246 -23.91 15.79 15.94
CA GLY B 246 -23.62 14.40 15.53
C GLY B 246 -22.14 14.10 15.47
N GLY B 247 -21.31 14.95 16.07
CA GLY B 247 -19.84 14.82 15.97
C GLY B 247 -19.31 13.91 17.06
N THR B 248 -18.06 13.47 16.93
CA THR B 248 -17.32 12.74 17.99
C THR B 248 -16.03 13.51 18.34
N ILE B 249 -15.81 13.75 19.62
CA ILE B 249 -14.66 14.50 20.18
C ILE B 249 -13.78 13.53 20.99
N ASP B 250 -12.46 13.70 20.91
CA ASP B 250 -11.45 12.86 21.59
C ASP B 250 -10.79 13.74 22.65
N LEU B 251 -10.62 13.16 23.84
CA LEU B 251 -10.00 13.83 25.02
C LEU B 251 -8.71 13.09 25.35
N THR B 252 -7.65 13.79 25.70
CA THR B 252 -6.40 13.13 26.13
C THR B 252 -6.62 12.58 27.55
N ALA B 253 -6.44 11.26 27.69
CA ALA B 253 -6.61 10.50 28.95
C ALA B 253 -5.75 11.12 30.06
N LEU B 254 -6.24 11.02 31.30
CA LEU B 254 -5.54 11.52 32.51
C LEU B 254 -4.28 10.67 32.68
N GLN B 255 -3.14 11.29 32.92
CA GLN B 255 -1.84 10.57 32.96
C GLN B 255 -1.58 10.12 34.39
N PRO B 256 -1.06 8.88 34.59
CA PRO B 256 -0.76 8.35 35.92
C PRO B 256 0.13 9.19 36.82
N LYS B 257 0.71 10.29 36.35
CA LYS B 257 1.23 11.34 37.28
C LYS B 257 0.88 12.76 36.78
N ASP B 258 -0.21 13.33 37.32
CA ASP B 258 -0.73 14.71 37.05
C ASP B 258 -0.60 15.02 35.55
N GLU B 265 -8.56 23.66 38.76
CA GLU B 265 -8.14 22.38 38.13
C GLU B 265 -9.35 21.78 37.42
N PHE B 266 -9.24 21.54 36.10
CA PHE B 266 -10.28 20.91 35.23
C PHE B 266 -9.66 19.80 34.37
N THR B 267 -9.87 18.54 34.78
CA THR B 267 -9.28 17.32 34.17
C THR B 267 -10.23 16.67 33.15
N THR B 268 -9.72 15.69 32.42
CA THR B 268 -10.49 14.80 31.51
C THR B 268 -11.49 13.94 32.31
N ILE B 269 -11.38 13.88 33.64
CA ILE B 269 -12.38 13.16 34.50
C ILE B 269 -13.62 14.07 34.61
N ASP B 270 -13.41 15.31 35.05
CA ASP B 270 -14.44 16.38 35.04
C ASP B 270 -15.14 16.38 33.68
N ALA B 271 -14.40 16.35 32.58
CA ALA B 271 -14.97 16.46 31.22
C ALA B 271 -15.89 15.26 30.97
N ILE B 272 -15.41 14.07 31.30
CA ILE B 272 -16.12 12.81 30.98
C ILE B 272 -17.43 12.82 31.77
N CYS B 273 -17.39 13.09 33.07
CA CYS B 273 -18.59 13.18 33.93
C CYS B 273 -19.56 14.25 33.42
N GLU B 274 -19.09 15.42 33.00
CA GLU B 274 -20.00 16.44 32.43
C GLU B 274 -20.69 15.89 31.18
N ALA B 275 -20.06 15.02 30.39
CA ALA B 275 -20.65 14.50 29.13
C ALA B 275 -21.71 13.45 29.45
N TYR B 276 -21.55 12.70 30.54
CA TYR B 276 -22.59 11.77 31.05
C TYR B 276 -23.81 12.60 31.50
N GLU B 277 -23.65 13.45 32.51
CA GLU B 277 -24.68 14.39 33.04
C GLU B 277 -25.57 14.85 31.88
N ASN B 278 -25.01 15.33 30.75
CA ASN B 278 -25.78 15.96 29.63
C ASN B 278 -26.09 14.89 28.57
N GLY B 279 -25.97 13.61 28.91
CA GLY B 279 -26.20 12.43 28.03
C GLY B 279 -25.58 12.55 26.65
N LEU B 280 -24.27 12.76 26.56
CA LEU B 280 -23.53 12.86 25.26
C LEU B 280 -22.32 11.92 25.23
N LEU B 281 -22.30 10.92 26.14
CA LEU B 281 -21.17 9.98 26.39
C LEU B 281 -20.98 9.08 25.17
N ASP B 282 -22.02 8.89 24.38
CA ASP B 282 -21.90 8.20 23.06
C ASP B 282 -21.00 9.01 22.11
N ASN B 283 -20.63 10.26 22.44
CA ASN B 283 -19.96 11.15 21.45
C ASN B 283 -18.50 11.39 21.84
N VAL B 284 -18.02 10.80 22.94
CA VAL B 284 -16.61 11.01 23.39
C VAL B 284 -15.78 9.73 23.23
N THR B 285 -14.49 9.92 22.96
CA THR B 285 -13.44 8.88 23.04
C THR B 285 -12.31 9.43 23.91
N ILE B 286 -11.42 8.56 24.39
CA ILE B 286 -10.16 8.99 25.08
C ILE B 286 -8.98 8.35 24.35
N SER B 287 -7.84 9.05 24.30
CA SER B 287 -6.60 8.61 23.62
C SER B 287 -5.36 8.91 24.48
N SER B 288 -4.50 7.89 24.63
CA SER B 288 -3.31 7.90 25.53
C SER B 288 -2.32 9.01 25.15
N ASP B 289 -2.24 9.30 23.86
CA ASP B 289 -1.19 10.20 23.32
C ASP B 289 0.17 9.62 23.72
N GLY B 290 0.26 8.30 23.76
CA GLY B 290 1.44 7.58 24.26
C GLY B 290 2.63 7.86 23.37
N GLN B 291 3.82 7.98 23.99
CA GLN B 291 5.13 8.28 23.33
C GLN B 291 5.06 9.64 22.66
N GLY B 292 4.05 10.44 23.02
CA GLY B 292 3.89 11.82 22.55
C GLY B 292 4.57 12.80 23.48
N SER B 293 5.03 13.94 22.95
CA SER B 293 5.46 15.11 23.75
C SER B 293 4.26 15.64 24.55
N LEU B 294 4.50 16.13 25.76
CA LEU B 294 3.49 16.83 26.61
C LEU B 294 4.11 18.13 27.11
N PRO B 295 4.47 19.07 26.19
CA PRO B 295 5.42 20.13 26.51
C PRO B 295 4.80 21.28 27.32
N LYS B 296 5.67 22.08 27.93
CA LYS B 296 5.42 23.43 28.52
C LYS B 296 6.14 24.49 27.67
N PHE B 297 5.42 25.52 27.21
CA PHE B 297 5.98 26.74 26.58
C PHE B 297 5.79 27.90 27.56
N ASP B 298 6.78 28.80 27.69
CA ASP B 298 6.62 30.09 28.44
C ASP B 298 5.82 31.03 27.54
N ASP B 299 5.53 32.24 28.05
CA ASP B 299 4.57 33.20 27.46
C ASP B 299 5.22 33.97 26.30
N ASN B 300 6.48 33.68 25.96
CA ASN B 300 7.21 34.19 24.77
C ASN B 300 7.14 33.17 23.62
N GLY B 301 6.76 31.91 23.93
CA GLY B 301 6.62 30.80 22.96
C GLY B 301 7.78 29.80 22.99
N ASN B 302 8.77 30.01 23.86
CA ASN B 302 9.98 29.14 23.95
C ASN B 302 9.65 27.89 24.79
N PHE B 303 10.37 26.80 24.51
CA PHE B 303 10.26 25.47 25.18
C PHE B 303 10.79 25.57 26.62
N VAL B 304 10.11 24.96 27.60
CA VAL B 304 10.51 24.96 29.04
C VAL B 304 10.99 23.55 29.46
N GLY B 305 10.16 22.52 29.17
CA GLY B 305 10.38 21.09 29.48
C GLY B 305 9.21 20.26 28.97
N LEU B 306 9.21 18.94 29.17
CA LEU B 306 8.09 18.07 28.69
C LEU B 306 7.99 16.80 29.53
N ASP B 307 6.81 16.18 29.48
CA ASP B 307 6.56 14.78 29.92
C ASP B 307 6.34 13.98 28.65
N VAL B 308 6.22 12.67 28.77
CA VAL B 308 5.97 11.75 27.63
C VAL B 308 4.67 11.02 27.93
N GLY B 309 3.66 11.16 27.07
CA GLY B 309 2.43 10.36 27.18
C GLY B 309 2.71 8.86 27.40
N SER B 310 1.77 8.17 28.05
CA SER B 310 1.84 6.72 28.35
C SER B 310 0.49 6.03 28.01
N VAL B 311 0.59 4.80 27.55
CA VAL B 311 -0.57 4.02 27.07
C VAL B 311 -1.29 3.46 28.31
N SER B 312 -0.64 3.53 29.48
CA SER B 312 -1.31 3.07 30.74
C SER B 312 -2.41 4.07 31.10
N ALA B 313 -2.46 5.21 30.41
CA ALA B 313 -3.37 6.32 30.74
C ALA B 313 -4.85 5.92 30.59
N VAL B 314 -5.17 5.07 29.60
CA VAL B 314 -6.57 4.65 29.29
C VAL B 314 -7.18 3.92 30.51
N TRP B 315 -6.71 2.72 30.84
CA TRP B 315 -7.33 1.94 31.95
C TRP B 315 -7.36 2.77 33.22
N TYR B 316 -6.28 3.55 33.44
CA TYR B 316 -6.11 4.46 34.60
C TYR B 316 -7.26 5.45 34.69
N THR B 317 -7.56 6.11 33.56
CA THR B 317 -8.65 7.12 33.43
C THR B 317 -10.00 6.44 33.71
N ILE B 318 -10.25 5.28 33.10
CA ILE B 318 -11.52 4.52 33.31
C ILE B 318 -11.68 4.20 34.80
N ARG B 319 -10.60 3.89 35.50
CA ARG B 319 -10.65 3.50 36.93
C ARG B 319 -11.05 4.71 37.78
N LYS B 320 -10.51 5.88 37.46
CA LYS B 320 -10.91 7.12 38.16
C LYS B 320 -12.41 7.34 37.97
N VAL B 321 -12.87 7.49 36.73
CA VAL B 321 -14.32 7.69 36.42
C VAL B 321 -15.18 6.69 37.23
N LEU B 322 -14.84 5.40 37.29
CA LEU B 322 -15.62 4.36 38.05
C LEU B 322 -15.72 4.79 39.51
N GLU B 323 -14.62 5.29 40.09
CA GLU B 323 -14.52 5.77 41.50
C GLU B 323 -15.50 6.93 41.74
N LYS B 324 -16.21 7.40 40.72
CA LYS B 324 -17.21 8.49 40.82
C LYS B 324 -18.62 7.95 40.51
N GLY B 325 -18.81 6.62 40.57
CA GLY B 325 -20.13 5.97 40.73
C GLY B 325 -20.85 5.73 39.41
N LEU B 326 -20.29 6.17 38.27
CA LEU B 326 -20.82 5.85 36.91
C LEU B 326 -20.82 4.34 36.70
N PRO B 327 -21.84 3.79 35.99
CA PRO B 327 -21.90 2.37 35.69
C PRO B 327 -20.85 1.93 34.65
N LEU B 328 -20.14 0.86 34.97
CA LEU B 328 -19.03 0.26 34.14
C LEU B 328 -19.52 0.00 32.71
N ALA B 329 -20.70 -0.60 32.59
CA ALA B 329 -21.30 -0.98 31.30
C ALA B 329 -21.42 0.22 30.32
N GLU B 330 -21.39 1.45 30.82
CA GLU B 330 -21.67 2.67 30.01
C GLU B 330 -20.39 3.51 29.88
N VAL B 331 -19.51 3.49 30.88
CA VAL B 331 -18.17 4.14 30.81
C VAL B 331 -17.27 3.46 29.76
N LEU B 332 -17.34 2.15 29.56
CA LEU B 332 -16.44 1.43 28.62
C LEU B 332 -16.63 1.93 27.18
N LYS B 333 -17.69 2.71 26.91
CA LYS B 333 -18.02 3.19 25.54
C LYS B 333 -16.83 3.96 24.94
N ILE B 334 -16.14 4.73 25.78
CA ILE B 334 -15.08 5.68 25.34
C ILE B 334 -13.90 4.93 24.73
N SER B 335 -13.70 3.65 25.06
CA SER B 335 -12.50 2.86 24.68
C SER B 335 -12.89 1.57 23.97
N THR B 336 -14.19 1.32 23.74
CA THR B 336 -14.69 0.07 23.10
C THR B 336 -15.62 0.48 21.95
N THR B 337 -16.88 0.77 22.27
CA THR B 337 -17.97 0.99 21.26
C THR B 337 -17.69 2.24 20.40
N ASN B 338 -17.36 3.37 21.03
CA ASN B 338 -17.17 4.70 20.40
C ASN B 338 -15.96 4.70 19.46
N PRO B 339 -14.78 4.19 19.87
CA PRO B 339 -13.64 4.15 18.96
C PRO B 339 -13.90 3.19 17.80
N ALA B 340 -14.70 2.14 18.06
CA ALA B 340 -14.98 1.13 17.02
C ALA B 340 -15.89 1.77 15.96
N ARG B 341 -16.83 2.62 16.40
CA ARG B 341 -17.73 3.37 15.49
C ARG B 341 -16.92 4.24 14.50
N VAL B 342 -16.05 5.09 15.06
CA VAL B 342 -15.35 6.19 14.34
C VAL B 342 -14.53 5.59 13.19
N PHE B 343 -14.02 4.37 13.35
CA PHE B 343 -13.08 3.72 12.38
C PHE B 343 -13.76 2.58 11.61
N LYS B 344 -14.99 2.20 12.00
CA LYS B 344 -15.77 1.11 11.35
C LYS B 344 -14.99 -0.21 11.47
N LEU B 345 -14.52 -0.52 12.66
CA LEU B 345 -13.77 -1.75 12.98
C LEU B 345 -14.77 -2.79 13.49
N ASN B 346 -14.42 -4.07 13.32
CA ASN B 346 -15.19 -5.24 13.84
C ASN B 346 -14.71 -5.55 15.28
N LYS B 347 -14.50 -4.53 16.12
CA LYS B 347 -14.01 -4.68 17.52
C LYS B 347 -14.89 -3.88 18.50
N GLY B 348 -14.65 -4.02 19.80
CA GLY B 348 -15.29 -3.19 20.85
C GLY B 348 -16.55 -3.80 21.44
N LYS B 349 -17.01 -4.96 20.95
CA LYS B 349 -18.16 -5.73 21.50
C LYS B 349 -17.91 -7.25 21.52
N ILE B 350 -18.29 -7.90 22.62
CA ILE B 350 -18.23 -9.38 22.79
C ILE B 350 -19.55 -9.97 22.28
N ALA B 351 -19.55 -10.48 21.05
CA ALA B 351 -20.73 -11.10 20.42
C ALA B 351 -20.30 -11.90 19.18
N LYS B 352 -21.02 -12.99 18.92
CA LYS B 352 -20.93 -13.82 17.68
C LYS B 352 -20.55 -12.92 16.49
N GLY B 353 -19.45 -13.23 15.80
CA GLY B 353 -18.99 -12.55 14.59
C GLY B 353 -17.81 -11.64 14.84
N GLN B 354 -17.86 -10.91 15.97
CA GLN B 354 -16.90 -9.84 16.33
C GLN B 354 -15.52 -10.46 16.59
N ASP B 355 -14.46 -9.71 16.33
CA ASP B 355 -13.04 -10.05 16.61
C ASP B 355 -12.88 -10.31 18.12
N ALA B 356 -12.15 -11.38 18.48
CA ALA B 356 -12.05 -11.97 19.84
C ALA B 356 -10.89 -11.31 20.59
N ASP B 357 -11.05 -10.01 20.89
CA ASP B 357 -10.15 -9.14 21.68
C ASP B 357 -10.76 -8.95 23.06
N PHE B 358 -10.18 -9.53 24.11
CA PHE B 358 -10.72 -9.50 25.50
C PHE B 358 -9.68 -8.96 26.49
N ILE B 359 -10.18 -8.49 27.63
CA ILE B 359 -9.37 -8.30 28.84
C ILE B 359 -10.17 -8.94 29.98
N LEU B 360 -9.46 -9.45 30.97
CA LEU B 360 -10.03 -10.04 32.20
C LEU B 360 -9.52 -9.22 33.40
N VAL B 361 -10.45 -8.78 34.25
CA VAL B 361 -10.18 -7.94 35.45
C VAL B 361 -10.68 -8.68 36.69
N ASP B 362 -9.87 -8.76 37.75
CA ASP B 362 -10.28 -9.31 39.07
C ASP B 362 -11.44 -8.45 39.60
N GLU B 363 -12.47 -9.09 40.16
CA GLU B 363 -13.77 -8.48 40.56
C GLU B 363 -13.67 -7.42 41.66
N GLN B 364 -12.68 -7.49 42.55
CA GLN B 364 -12.46 -6.51 43.65
C GLN B 364 -11.22 -5.65 43.30
N SER B 365 -10.08 -6.29 43.04
CA SER B 365 -8.80 -5.65 42.61
C SER B 365 -9.05 -4.61 41.49
N PHE B 366 -9.89 -4.93 40.50
CA PHE B 366 -10.10 -4.09 39.28
C PHE B 366 -8.76 -3.86 38.57
N GLU B 367 -7.86 -4.85 38.63
CA GLU B 367 -6.58 -4.88 37.86
C GLU B 367 -6.77 -5.80 36.66
N ILE B 368 -6.09 -5.49 35.55
CA ILE B 368 -5.99 -6.34 34.34
C ILE B 368 -5.07 -7.52 34.65
N VAL B 369 -5.58 -8.75 34.62
CA VAL B 369 -4.77 -9.97 34.96
C VAL B 369 -4.48 -10.78 33.69
N SER B 370 -5.40 -10.84 32.72
CA SER B 370 -5.24 -11.54 31.42
C SER B 370 -5.67 -10.64 30.24
N VAL B 371 -5.03 -10.83 29.09
CA VAL B 371 -5.21 -10.04 27.83
C VAL B 371 -5.16 -11.02 26.66
N ILE B 372 -6.15 -10.93 25.77
CA ILE B 372 -6.44 -11.86 24.66
C ILE B 372 -6.74 -11.04 23.40
N SER B 373 -5.87 -11.05 22.40
CA SER B 373 -6.22 -10.48 21.07
C SER B 373 -6.07 -11.56 19.97
N LYS B 374 -7.07 -11.61 19.07
CA LYS B 374 -7.10 -12.62 17.99
C LYS B 374 -7.34 -14.02 18.58
N GLY B 375 -7.96 -14.12 19.76
CA GLY B 375 -8.19 -15.39 20.47
C GLY B 375 -6.97 -15.89 21.21
N GLU B 376 -5.83 -15.19 21.09
CA GLU B 376 -4.49 -15.55 21.63
C GLU B 376 -4.28 -14.84 22.98
N PHE B 377 -3.79 -15.53 24.01
CA PHE B 377 -3.35 -14.95 25.32
C PHE B 377 -1.99 -14.28 25.19
N LEU B 378 -1.97 -12.95 25.29
CA LEU B 378 -0.72 -12.14 25.36
C LEU B 378 -0.28 -12.10 26.82
N MET B 379 -1.23 -12.04 27.76
CA MET B 379 -1.00 -12.14 29.23
C MET B 379 -2.05 -13.07 29.83
N LYS B 380 -1.64 -14.11 30.55
CA LYS B 380 -2.54 -15.09 31.22
C LYS B 380 -2.15 -15.15 32.70
N ASP B 381 -3.07 -14.77 33.59
CA ASP B 381 -2.85 -14.75 35.05
C ASP B 381 -1.57 -13.97 35.38
N GLY B 382 -1.47 -12.73 34.87
CA GLY B 382 -0.44 -11.76 35.27
C GLY B 382 0.91 -12.06 34.64
N VAL B 383 1.08 -13.24 34.01
CA VAL B 383 2.33 -13.65 33.32
C VAL B 383 2.19 -13.19 31.87
N MET B 384 3.17 -12.46 31.34
CA MET B 384 3.21 -12.16 29.90
C MET B 384 3.82 -13.35 29.15
N LYS B 385 3.33 -13.56 27.94
CA LYS B 385 3.95 -14.40 26.89
C LYS B 385 5.35 -13.85 26.65
N ASN B 386 6.27 -14.66 26.11
CA ASN B 386 7.64 -14.22 25.71
C ASN B 386 7.53 -13.33 24.46
N LEU B 387 8.26 -12.20 24.46
CA LEU B 387 8.27 -11.16 23.38
C LEU B 387 9.64 -11.09 22.72
N ASN B 388 9.70 -10.39 21.58
CA ASN B 388 10.74 -10.48 20.53
C ASN B 388 12.02 -9.72 20.95
N PHE B 389 11.92 -8.52 21.55
CA PHE B 389 13.10 -7.68 21.92
C PHE B 389 12.94 -7.08 23.33
N GLU B 390 12.59 -7.91 24.30
CA GLU B 390 12.31 -7.52 25.71
C GLU B 390 13.26 -8.30 26.64
N SER C 4 -23.28 -22.58 12.07
CA SER C 4 -23.24 -22.27 10.61
C SER C 4 -21.81 -21.95 10.15
N MET C 5 -20.99 -21.25 10.95
CA MET C 5 -19.64 -20.81 10.51
C MET C 5 -18.54 -21.75 11.03
N ILE C 6 -18.88 -22.69 11.91
CA ILE C 6 -18.11 -23.95 12.14
C ILE C 6 -18.71 -25.06 11.27
N LYS C 7 -17.94 -25.63 10.33
CA LYS C 7 -18.45 -26.66 9.40
C LYS C 7 -17.72 -28.00 9.60
N ILE C 8 -18.39 -29.10 9.22
CA ILE C 8 -17.84 -30.50 9.12
C ILE C 8 -18.16 -31.08 7.71
N ILE C 9 -17.17 -31.51 6.95
CA ILE C 9 -17.42 -32.38 5.77
C ILE C 9 -17.25 -33.81 6.25
N LYS C 10 -18.27 -34.66 6.01
CA LYS C 10 -18.31 -36.08 6.45
C LYS C 10 -18.24 -37.02 5.23
N ASN C 11 -17.58 -38.17 5.39
CA ASN C 11 -17.66 -39.37 4.52
C ASN C 11 -17.08 -39.05 3.14
N ALA C 12 -16.03 -38.23 3.12
CA ALA C 12 -15.30 -37.91 1.89
C ALA C 12 -14.03 -38.75 1.88
N LYS C 13 -13.64 -39.27 0.71
CA LYS C 13 -12.26 -39.76 0.47
C LYS C 13 -11.37 -38.54 0.26
N VAL C 14 -10.50 -38.23 1.23
CA VAL C 14 -9.68 -36.99 1.26
C VAL C 14 -8.37 -37.23 0.52
N PHE C 15 -7.93 -36.25 -0.27
CA PHE C 15 -6.61 -36.23 -0.95
C PHE C 15 -5.78 -35.05 -0.41
N SER C 16 -5.34 -35.15 0.83
CA SER C 16 -4.36 -34.21 1.44
C SER C 16 -3.12 -34.23 0.56
N PRO C 17 -3.02 -33.37 -0.48
CA PRO C 17 -2.70 -33.81 -1.84
C PRO C 17 -2.63 -35.34 -1.89
N GLU C 18 -1.63 -35.93 -1.18
CA GLU C 18 -1.42 -37.37 -0.83
C GLU C 18 -2.71 -38.00 -0.28
N TYR C 19 -2.98 -39.27 -0.62
CA TYR C 19 -4.24 -39.96 -0.23
C TYR C 19 -4.17 -40.38 1.24
N ILE C 20 -5.26 -40.12 1.99
CA ILE C 20 -5.38 -40.41 3.45
C ILE C 20 -6.72 -41.12 3.75
N GLY C 21 -7.45 -41.61 2.74
CA GLY C 21 -8.65 -42.45 2.94
C GLY C 21 -9.85 -41.66 3.41
N LYS C 22 -10.81 -42.31 4.06
CA LYS C 22 -12.11 -41.70 4.44
C LYS C 22 -11.95 -40.92 5.75
N LYS C 23 -12.19 -39.61 5.72
CA LYS C 23 -11.95 -38.68 6.87
C LYS C 23 -13.00 -37.57 6.91
N ASP C 24 -13.26 -37.09 8.14
CA ASP C 24 -14.14 -35.94 8.44
C ASP C 24 -13.23 -34.73 8.64
N VAL C 25 -13.50 -33.60 7.98
CA VAL C 25 -12.69 -32.36 8.17
C VAL C 25 -13.56 -31.30 8.86
N ILE C 26 -13.05 -30.72 9.94
CA ILE C 26 -13.69 -29.60 10.70
C ILE C 26 -12.86 -28.37 10.41
N PHE C 27 -13.51 -27.25 10.10
CA PHE C 27 -12.84 -25.99 9.71
C PHE C 27 -13.69 -24.80 10.07
N TYR C 28 -13.03 -23.65 10.16
CA TYR C 28 -13.65 -22.30 10.18
C TYR C 28 -13.21 -21.64 8.86
N HIS C 29 -12.27 -20.69 8.97
CA HIS C 29 -11.61 -19.98 7.85
C HIS C 29 -10.34 -20.75 7.57
N LYS C 30 -9.92 -21.55 8.57
CA LYS C 30 -8.78 -22.51 8.48
C LYS C 30 -9.21 -23.84 9.09
N VAL C 31 -8.52 -24.92 8.67
CA VAL C 31 -8.84 -26.30 9.12
C VAL C 31 -8.51 -26.42 10.61
N ILE C 32 -9.45 -26.94 11.37
CA ILE C 32 -9.34 -27.17 12.83
C ILE C 32 -8.85 -28.59 13.11
N HIS C 33 -9.43 -29.61 12.46
CA HIS C 33 -9.18 -31.05 12.77
C HIS C 33 -9.39 -31.92 11.53
N VAL C 34 -8.54 -32.95 11.38
CA VAL C 34 -8.75 -34.11 10.47
C VAL C 34 -8.64 -35.44 11.24
N GLY C 35 -9.75 -36.18 11.35
CA GLY C 35 -9.85 -37.45 12.09
C GLY C 35 -10.98 -38.33 11.56
N GLU C 36 -11.11 -39.53 12.13
CA GLU C 36 -12.09 -40.54 11.69
C GLU C 36 -13.48 -40.15 12.24
N GLY C 37 -14.55 -40.52 11.52
CA GLY C 37 -15.96 -40.20 11.84
C GLY C 37 -16.18 -39.88 13.32
N VAL C 38 -16.87 -38.77 13.62
CA VAL C 38 -17.21 -38.38 15.02
C VAL C 38 -18.30 -37.30 14.99
N ASN C 39 -19.03 -37.14 16.10
CA ASN C 39 -19.90 -35.98 16.43
C ASN C 39 -20.27 -36.02 17.91
N PHE C 45 -22.65 -25.60 20.32
CA PHE C 45 -22.79 -24.39 19.46
C PHE C 45 -23.32 -24.78 18.07
N GLU C 46 -24.07 -23.86 17.42
CA GLU C 46 -24.61 -24.06 16.04
C GLU C 46 -23.43 -24.36 15.11
N HIS C 47 -23.49 -25.51 14.40
CA HIS C 47 -22.51 -25.94 13.35
C HIS C 47 -23.27 -26.54 12.16
N GLU C 48 -22.92 -26.14 10.94
CA GLU C 48 -23.42 -26.70 9.64
C GLU C 48 -22.66 -28.01 9.34
N ILE C 49 -23.35 -28.98 8.73
CA ILE C 49 -22.80 -30.30 8.31
C ILE C 49 -23.04 -30.49 6.79
N TYR C 50 -22.11 -31.16 6.13
CA TYR C 50 -22.19 -31.51 4.69
C TYR C 50 -21.78 -32.98 4.54
N ASP C 51 -22.74 -33.82 4.17
CA ASP C 51 -22.52 -35.26 3.85
C ASP C 51 -21.99 -35.36 2.42
N ALA C 52 -20.73 -35.80 2.27
CA ALA C 52 -19.96 -35.84 1.00
C ALA C 52 -19.73 -37.28 0.57
N ASN C 53 -20.64 -38.16 0.99
CA ASN C 53 -20.72 -39.57 0.53
C ASN C 53 -20.60 -39.61 -0.99
N GLY C 54 -19.65 -40.39 -1.51
CA GLY C 54 -19.44 -40.58 -2.95
C GLY C 54 -18.43 -39.61 -3.54
N LEU C 55 -17.99 -38.61 -2.77
CA LEU C 55 -17.19 -37.46 -3.27
C LEU C 55 -15.72 -37.57 -2.83
N LEU C 56 -14.81 -37.04 -3.65
CA LEU C 56 -13.39 -36.81 -3.28
C LEU C 56 -13.22 -35.38 -2.75
N LEU C 57 -12.40 -35.19 -1.71
CA LEU C 57 -12.06 -33.84 -1.16
C LEU C 57 -10.60 -33.48 -1.50
N LEU C 58 -10.43 -32.49 -2.36
CA LEU C 58 -9.11 -32.04 -2.82
C LEU C 58 -8.88 -30.60 -2.35
N PRO C 59 -7.61 -30.14 -2.29
CA PRO C 59 -7.32 -28.71 -2.09
C PRO C 59 -7.87 -27.86 -3.23
N GLY C 60 -8.04 -26.55 -2.97
CA GLY C 60 -8.44 -25.54 -3.95
C GLY C 60 -7.36 -25.39 -4.99
N LEU C 61 -7.71 -25.13 -6.25
CA LEU C 61 -6.70 -24.99 -7.33
C LEU C 61 -6.12 -23.57 -7.24
N ILE C 62 -4.84 -23.43 -7.56
CA ILE C 62 -4.10 -22.16 -7.50
C ILE C 62 -3.62 -21.88 -8.93
N ASP C 63 -3.99 -20.71 -9.44
CA ASP C 63 -3.67 -20.20 -10.80
C ASP C 63 -2.70 -19.04 -10.65
N PRO C 64 -1.39 -19.28 -10.88
CA PRO C 64 -0.36 -18.25 -10.69
C PRO C 64 -0.16 -17.17 -11.79
N HIS C 65 -1.07 -17.06 -12.76
CA HIS C 65 -0.91 -16.23 -13.99
C HIS C 65 -2.23 -15.98 -14.73
N VAL C 66 -2.97 -14.92 -14.39
CA VAL C 66 -4.32 -14.59 -14.95
C VAL C 66 -4.42 -13.07 -15.18
N HIS C 67 -4.70 -12.60 -16.38
CA HIS C 67 -4.94 -11.15 -16.68
C HIS C 67 -6.33 -10.72 -16.18
N ILE C 68 -6.54 -10.62 -14.86
CA ILE C 68 -7.90 -10.41 -14.28
C ILE C 68 -8.55 -9.11 -14.78
N THR C 69 -7.82 -8.15 -15.34
CA THR C 69 -8.40 -6.87 -15.83
C THR C 69 -8.80 -7.07 -17.28
N GLY C 70 -8.14 -8.04 -17.93
CA GLY C 70 -8.16 -8.28 -19.39
C GLY C 70 -6.81 -7.87 -19.94
N GLY C 71 -6.44 -8.37 -21.12
CA GLY C 71 -5.17 -8.02 -21.78
C GLY C 71 -5.30 -7.95 -23.28
N GLY C 72 -4.29 -8.48 -23.98
CA GLY C 72 -4.16 -8.44 -25.45
C GLY C 72 -4.05 -7.01 -25.95
N GLY C 73 -4.76 -6.67 -27.05
CA GLY C 73 -4.73 -5.34 -27.68
C GLY C 73 -3.59 -5.21 -28.68
N GLU C 74 -2.99 -6.34 -29.06
CA GLU C 74 -1.78 -6.39 -29.93
C GLU C 74 -2.21 -6.26 -31.41
N GLY C 75 -3.49 -6.52 -31.70
CA GLY C 75 -4.06 -6.41 -33.06
C GLY C 75 -4.76 -5.08 -33.23
N GLY C 76 -4.49 -4.12 -32.33
CA GLY C 76 -5.20 -2.83 -32.23
C GLY C 76 -6.24 -2.86 -31.12
N PHE C 77 -6.95 -1.76 -30.91
CA PHE C 77 -7.90 -1.56 -29.79
C PHE C 77 -9.04 -2.61 -29.82
N GLU C 78 -9.16 -3.36 -30.92
CA GLU C 78 -10.28 -4.32 -31.16
C GLU C 78 -9.98 -5.62 -30.41
N THR C 79 -8.70 -5.84 -30.12
CA THR C 79 -8.09 -7.03 -29.44
C THR C 79 -8.20 -6.92 -27.92
N ARG C 80 -8.51 -5.74 -27.39
CA ARG C 80 -8.82 -5.58 -25.95
C ARG C 80 -9.78 -6.69 -25.53
N THR C 81 -9.30 -7.64 -24.73
CA THR C 81 -10.11 -8.77 -24.19
C THR C 81 -10.84 -8.26 -22.95
N PRO C 82 -12.02 -8.84 -22.61
CA PRO C 82 -12.75 -8.41 -21.42
C PRO C 82 -12.11 -8.98 -20.16
N GLU C 83 -12.52 -8.44 -19.01
CA GLU C 83 -12.04 -8.77 -17.64
C GLU C 83 -12.59 -10.14 -17.22
N LEU C 84 -11.91 -10.77 -16.27
CA LEU C 84 -12.28 -12.09 -15.69
C LEU C 84 -13.48 -11.92 -14.79
N LYS C 85 -14.53 -12.72 -15.01
CA LYS C 85 -15.64 -12.96 -14.05
C LYS C 85 -15.24 -14.10 -13.10
N ILE C 86 -15.51 -13.91 -11.81
CA ILE C 86 -15.34 -14.94 -10.74
C ILE C 86 -16.16 -16.20 -11.06
N SER C 87 -17.33 -16.06 -11.70
CA SER C 87 -18.22 -17.17 -12.15
C SER C 87 -17.37 -18.33 -12.68
N ASP C 88 -16.47 -18.05 -13.62
CA ASP C 88 -15.55 -19.06 -14.21
C ASP C 88 -14.70 -19.70 -13.12
N CYS C 89 -14.07 -18.87 -12.28
CA CYS C 89 -13.19 -19.30 -11.19
C CYS C 89 -13.88 -20.36 -10.32
N ILE C 90 -15.18 -20.22 -10.00
CA ILE C 90 -15.91 -21.14 -9.09
C ILE C 90 -16.23 -22.48 -9.79
N ARG C 91 -16.67 -22.45 -11.06
CA ARG C 91 -17.04 -23.65 -11.89
C ARG C 91 -15.81 -24.45 -12.29
N SER C 92 -14.63 -23.80 -12.35
CA SER C 92 -13.35 -24.42 -12.77
C SER C 92 -12.47 -24.82 -11.56
N GLY C 93 -12.95 -24.59 -10.32
CA GLY C 93 -12.35 -25.02 -9.03
C GLY C 93 -11.18 -24.15 -8.52
N VAL C 94 -10.92 -23.00 -9.17
CA VAL C 94 -9.80 -22.05 -8.89
C VAL C 94 -10.19 -21.10 -7.74
N THR C 95 -9.68 -21.35 -6.52
CA THR C 95 -9.97 -20.55 -5.31
C THR C 95 -8.96 -19.42 -5.10
N THR C 96 -7.81 -19.44 -5.82
CA THR C 96 -6.71 -18.45 -5.70
C THR C 96 -6.12 -18.09 -7.07
N VAL C 97 -6.00 -16.79 -7.35
CA VAL C 97 -5.46 -16.26 -8.65
C VAL C 97 -4.39 -15.19 -8.38
N VAL C 98 -3.40 -15.12 -9.26
CA VAL C 98 -2.35 -14.07 -9.25
C VAL C 98 -2.46 -13.30 -10.56
N GLY C 99 -2.94 -12.04 -10.49
CA GLY C 99 -3.14 -11.09 -11.60
C GLY C 99 -1.86 -10.39 -12.05
N CYS C 100 -1.68 -10.23 -13.37
CA CYS C 100 -0.52 -9.52 -13.97
C CYS C 100 -0.98 -8.70 -15.19
N LEU C 101 -0.14 -7.75 -15.60
CA LEU C 101 -0.32 -6.90 -16.81
C LEU C 101 0.47 -7.54 -17.95
N GLY C 102 0.17 -7.18 -19.20
CA GLY C 102 0.77 -7.83 -20.38
C GLY C 102 1.58 -6.90 -21.28
N THR C 103 1.20 -6.81 -22.55
CA THR C 103 1.95 -6.07 -23.59
C THR C 103 1.59 -4.59 -23.50
N ASP C 104 0.32 -4.30 -23.23
CA ASP C 104 -0.20 -2.91 -23.07
C ASP C 104 0.07 -2.40 -21.65
N GLY C 105 1.08 -1.53 -21.50
CA GLY C 105 1.41 -0.82 -20.25
C GLY C 105 0.69 0.51 -20.11
N ILE C 106 0.33 1.16 -21.23
CA ILE C 106 -0.17 2.57 -21.29
C ILE C 106 -1.64 2.68 -20.88
N THR C 107 -2.48 1.74 -21.31
CA THR C 107 -3.95 1.81 -21.31
C THR C 107 -4.58 0.84 -20.30
N ARG C 108 -3.80 -0.16 -19.88
CA ARG C 108 -4.10 -1.05 -18.72
C ARG C 108 -3.37 -0.48 -17.49
N SER C 109 -4.14 -0.02 -16.50
CA SER C 109 -3.66 0.61 -15.25
C SER C 109 -3.17 -0.49 -14.27
N LEU C 110 -2.02 -0.27 -13.59
CA LEU C 110 -1.62 -1.03 -12.37
C LEU C 110 -2.70 -0.83 -11.29
N GLU C 111 -3.20 0.40 -11.18
CA GLU C 111 -4.08 0.80 -10.06
C GLU C 111 -5.38 0.07 -10.32
N ASN C 112 -5.73 -0.08 -11.61
CA ASN C 112 -6.94 -0.83 -12.07
C ASN C 112 -6.80 -2.31 -11.63
N LEU C 113 -5.63 -2.90 -11.87
CA LEU C 113 -5.29 -4.30 -11.46
C LEU C 113 -5.38 -4.46 -9.93
N TYR C 114 -4.96 -3.47 -9.14
CA TYR C 114 -5.13 -3.49 -7.66
C TYR C 114 -6.63 -3.56 -7.26
N ALA C 115 -7.48 -2.82 -7.98
CA ALA C 115 -8.92 -2.70 -7.69
C ALA C 115 -9.62 -4.01 -8.09
N LYS C 116 -9.19 -4.61 -9.19
CA LYS C 116 -9.80 -5.85 -9.74
C LYS C 116 -9.53 -7.03 -8.79
N ALA C 117 -8.28 -7.12 -8.31
CA ALA C 117 -7.87 -8.05 -7.23
C ALA C 117 -8.76 -7.84 -6.00
N LYS C 118 -9.28 -6.63 -5.77
CA LYS C 118 -9.94 -6.32 -4.48
C LYS C 118 -11.42 -6.68 -4.56
N SER C 119 -12.05 -6.52 -5.72
CA SER C 119 -13.47 -6.92 -5.96
C SER C 119 -13.62 -8.45 -5.91
N LEU C 120 -12.75 -9.20 -6.63
CA LEU C 120 -12.69 -10.68 -6.67
C LEU C 120 -12.43 -11.25 -5.27
N GLU C 121 -11.44 -10.74 -4.55
CA GLU C 121 -11.24 -11.14 -3.13
C GLU C 121 -12.57 -11.00 -2.39
N SER C 122 -13.29 -9.92 -2.65
CA SER C 122 -14.42 -9.46 -1.80
C SER C 122 -15.67 -10.28 -2.08
N GLU C 123 -15.66 -11.11 -3.12
CA GLU C 123 -16.79 -12.00 -3.49
C GLU C 123 -16.37 -13.46 -3.32
N GLY C 124 -15.50 -13.74 -2.33
CA GLY C 124 -15.16 -15.09 -1.87
C GLY C 124 -13.80 -15.61 -2.34
N LEU C 125 -13.16 -15.00 -3.34
CA LEU C 125 -11.87 -15.48 -3.93
C LEU C 125 -10.66 -15.05 -3.08
N ASN C 126 -9.48 -15.51 -3.51
CA ASN C 126 -8.13 -15.14 -2.99
C ASN C 126 -7.33 -14.52 -4.13
N THR C 127 -6.76 -13.33 -3.91
CA THR C 127 -6.04 -12.56 -4.97
C THR C 127 -4.70 -12.03 -4.45
N PHE C 128 -3.71 -12.04 -5.34
CA PHE C 128 -2.40 -11.36 -5.28
C PHE C 128 -2.13 -10.82 -6.68
N ILE C 129 -1.15 -9.95 -6.84
CA ILE C 129 -0.83 -9.27 -8.12
C ILE C 129 0.68 -9.13 -8.21
N TYR C 130 1.18 -8.89 -9.43
CA TYR C 130 2.56 -8.42 -9.71
C TYR C 130 2.49 -6.92 -10.02
N THR C 131 3.56 -6.18 -9.78
CA THR C 131 3.73 -4.82 -10.34
C THR C 131 4.47 -4.91 -11.67
N GLY C 132 4.49 -3.80 -12.41
CA GLY C 132 5.04 -3.72 -13.77
C GLY C 132 4.19 -4.45 -14.79
N SER C 133 4.77 -4.69 -15.97
CA SER C 133 4.14 -5.28 -17.17
C SER C 133 5.29 -5.78 -18.04
N TYR C 134 5.10 -5.95 -19.35
CA TYR C 134 6.13 -6.38 -20.34
C TYR C 134 7.38 -5.46 -20.30
N ARG C 135 7.17 -4.14 -20.36
CA ARG C 135 8.22 -3.18 -20.79
C ARG C 135 9.21 -2.96 -19.65
N VAL C 136 10.47 -2.82 -20.05
CA VAL C 136 11.59 -2.32 -19.22
C VAL C 136 12.01 -0.94 -19.74
N PRO C 137 11.99 0.13 -18.93
CA PRO C 137 11.75 0.07 -17.49
C PRO C 137 10.30 -0.18 -17.07
N PRO C 138 10.08 -0.88 -15.96
CA PRO C 138 8.74 -1.28 -15.56
C PRO C 138 7.94 -0.14 -14.91
N VAL C 139 6.69 -0.01 -15.33
CA VAL C 139 5.63 0.84 -14.73
C VAL C 139 5.52 0.47 -13.26
N THR C 140 5.33 1.46 -12.39
CA THR C 140 5.27 1.28 -10.92
C THR C 140 4.00 1.94 -10.38
N PHE C 141 3.60 1.61 -9.15
CA PHE C 141 2.56 2.33 -8.39
C PHE C 141 3.18 3.62 -7.83
N THR C 142 4.42 3.57 -7.33
CA THR C 142 4.99 4.61 -6.43
C THR C 142 6.39 5.02 -6.91
N GLY C 143 6.71 4.88 -8.19
CA GLY C 143 7.99 5.34 -8.75
C GLY C 143 9.14 4.35 -8.61
N SER C 144 8.95 3.25 -7.87
CA SER C 144 9.99 2.31 -7.47
C SER C 144 9.36 0.94 -7.28
N ILE C 145 9.92 -0.12 -7.90
CA ILE C 145 9.37 -1.51 -7.78
C ILE C 145 9.67 -2.04 -6.37
N MET C 146 10.80 -1.64 -5.78
CA MET C 146 11.13 -2.03 -4.40
C MET C 146 10.15 -1.36 -3.43
N ARG C 147 9.80 -0.08 -3.60
CA ARG C 147 8.79 0.55 -2.72
C ARG C 147 7.45 -0.20 -2.83
N ASP C 148 7.02 -0.52 -4.06
CA ASP C 148 5.65 -1.05 -4.34
C ASP C 148 5.43 -2.32 -3.51
N ILE C 149 6.43 -3.22 -3.53
CA ILE C 149 6.25 -4.54 -2.88
C ILE C 149 6.23 -4.33 -1.38
N VAL C 150 6.94 -3.29 -0.91
CA VAL C 150 7.04 -3.02 0.55
C VAL C 150 5.70 -2.45 1.03
N LEU C 151 5.07 -1.55 0.27
CA LEU C 151 3.97 -0.68 0.77
C LEU C 151 2.59 -1.27 0.45
N ILE C 152 2.41 -1.93 -0.71
CA ILE C 152 1.07 -2.44 -1.15
C ILE C 152 0.97 -3.94 -0.89
N ASP C 153 0.11 -4.33 0.04
CA ASP C 153 0.06 -5.68 0.66
C ASP C 153 -0.06 -6.79 -0.41
N LYS C 154 -0.74 -6.56 -1.54
CA LYS C 154 -1.07 -7.64 -2.52
C LYS C 154 0.07 -7.85 -3.54
N VAL C 155 1.01 -6.92 -3.69
CA VAL C 155 2.15 -7.07 -4.64
C VAL C 155 3.06 -8.17 -4.15
N ILE C 156 3.27 -9.23 -4.93
CA ILE C 156 4.10 -10.40 -4.48
C ILE C 156 5.33 -10.54 -5.40
N GLY C 157 5.42 -9.70 -6.43
CA GLY C 157 6.62 -9.67 -7.27
C GLY C 157 6.43 -8.75 -8.45
N VAL C 158 7.28 -8.91 -9.47
CA VAL C 158 7.23 -8.10 -10.72
C VAL C 158 6.99 -9.02 -11.91
N GLY C 159 6.24 -8.55 -12.93
CA GLY C 159 6.11 -9.23 -14.24
C GLY C 159 4.80 -8.93 -14.96
N GLU C 160 4.68 -9.42 -16.21
CA GLU C 160 5.57 -10.42 -16.77
C GLU C 160 6.60 -9.74 -17.67
N ILE C 161 7.87 -9.73 -17.23
CA ILE C 161 9.00 -9.09 -17.96
C ILE C 161 9.23 -9.90 -19.23
N ALA C 162 9.28 -9.22 -20.38
CA ALA C 162 9.42 -9.82 -21.72
C ALA C 162 10.89 -9.96 -22.07
N ILE C 163 11.38 -11.21 -22.15
CA ILE C 163 12.70 -11.59 -22.76
C ILE C 163 12.45 -12.49 -23.98
N SER C 164 13.19 -12.26 -25.08
CA SER C 164 13.21 -13.12 -26.28
C SER C 164 11.82 -13.24 -26.95
N ASP C 165 11.10 -12.11 -27.01
CA ASP C 165 9.82 -11.92 -27.74
C ASP C 165 9.99 -10.68 -28.63
N HIS C 166 9.21 -10.57 -29.72
CA HIS C 166 9.24 -9.44 -30.69
C HIS C 166 8.63 -8.19 -30.03
N ARG C 167 7.73 -8.37 -29.06
CA ARG C 167 7.04 -7.30 -28.29
C ARG C 167 7.83 -6.90 -27.04
N SER C 168 8.99 -7.53 -26.81
CA SER C 168 10.00 -7.14 -25.79
C SER C 168 10.50 -5.72 -26.04
N SER C 169 10.90 -5.08 -24.95
CA SER C 169 11.52 -3.73 -24.88
C SER C 169 13.02 -3.80 -25.19
N GLN C 170 13.54 -5.01 -25.40
CA GLN C 170 14.95 -5.33 -25.74
C GLN C 170 15.80 -5.07 -24.50
N PRO C 171 15.44 -5.64 -23.33
CA PRO C 171 16.16 -5.34 -22.10
C PRO C 171 17.59 -5.91 -22.09
N THR C 172 18.54 -5.14 -21.53
CA THR C 172 19.93 -5.61 -21.28
C THR C 172 19.93 -6.50 -20.04
N LEU C 173 20.99 -7.28 -19.86
CA LEU C 173 21.24 -8.06 -18.62
C LEU C 173 21.28 -7.09 -17.41
N GLU C 174 22.07 -6.00 -17.50
CA GLU C 174 22.29 -5.03 -16.38
C GLU C 174 20.94 -4.55 -15.86
N GLU C 175 20.06 -4.13 -16.76
CA GLU C 175 18.71 -3.66 -16.39
C GLU C 175 18.04 -4.76 -15.57
N ILE C 176 18.13 -6.03 -15.99
CA ILE C 176 17.32 -7.13 -15.40
C ILE C 176 17.91 -7.49 -14.03
N LEU C 177 19.22 -7.33 -13.84
CA LEU C 177 19.93 -7.60 -12.57
C LEU C 177 19.45 -6.65 -11.45
N ARG C 178 19.30 -5.37 -11.74
CA ARG C 178 18.75 -4.39 -10.78
C ARG C 178 17.32 -4.79 -10.41
N ILE C 179 16.53 -5.08 -11.43
CA ILE C 179 15.07 -5.38 -11.30
C ILE C 179 14.88 -6.55 -10.33
N VAL C 180 15.63 -7.65 -10.49
CA VAL C 180 15.43 -8.88 -9.66
C VAL C 180 16.03 -8.62 -8.26
N ALA C 181 17.20 -8.00 -8.22
CA ALA C 181 17.81 -7.59 -6.94
C ALA C 181 16.78 -6.78 -6.13
N ASP C 182 16.20 -5.74 -6.77
CA ASP C 182 15.30 -4.77 -6.08
C ASP C 182 14.10 -5.54 -5.51
N ILE C 183 13.49 -6.40 -6.31
CA ILE C 183 12.24 -7.11 -5.89
C ILE C 183 12.62 -8.19 -4.89
N ARG C 184 13.84 -8.74 -4.93
CA ARG C 184 14.27 -9.78 -3.95
C ARG C 184 14.38 -9.19 -2.54
N VAL C 185 15.21 -8.16 -2.37
CA VAL C 185 15.43 -7.47 -1.07
C VAL C 185 14.08 -6.94 -0.60
N GLY C 186 13.31 -6.33 -1.52
CA GLY C 186 11.95 -5.85 -1.22
C GLY C 186 11.10 -6.96 -0.65
N GLY C 187 11.26 -8.18 -1.18
CA GLY C 187 10.59 -9.40 -0.67
C GLY C 187 10.97 -9.69 0.77
N MET C 188 12.28 -9.66 1.07
CA MET C 188 12.83 -9.91 2.43
C MET C 188 12.23 -8.90 3.44
N ILE C 189 12.28 -7.59 3.15
CA ILE C 189 11.82 -6.49 4.06
C ILE C 189 10.33 -6.70 4.43
N SER C 190 9.51 -7.10 3.45
CA SER C 190 8.03 -7.22 3.55
C SER C 190 7.65 -8.60 4.09
N GLY C 191 8.57 -9.57 4.09
CA GLY C 191 8.24 -10.97 4.41
C GLY C 191 7.34 -11.62 3.37
N LYS C 192 7.49 -11.28 2.09
CA LYS C 192 6.90 -11.99 0.92
C LYS C 192 7.99 -12.59 0.02
N ALA C 193 7.60 -13.33 -1.02
CA ALA C 193 8.49 -14.20 -1.85
C ALA C 193 9.33 -13.34 -2.80
N GLY C 194 8.71 -12.36 -3.46
CA GLY C 194 9.46 -11.43 -4.33
C GLY C 194 9.91 -12.13 -5.60
N ILE C 195 8.95 -12.64 -6.35
CA ILE C 195 9.18 -13.42 -7.60
C ILE C 195 9.27 -12.44 -8.75
N VAL C 196 10.20 -12.70 -9.67
CA VAL C 196 10.23 -12.15 -11.06
C VAL C 196 9.55 -13.18 -11.97
N ASN C 197 8.36 -12.89 -12.49
CA ASN C 197 7.74 -13.66 -13.60
C ASN C 197 8.42 -13.18 -14.88
N PHE C 198 8.90 -14.12 -15.71
CA PHE C 198 9.49 -13.87 -17.04
C PHE C 198 8.59 -14.48 -18.12
N HIS C 199 8.00 -13.62 -18.94
CA HIS C 199 7.38 -14.02 -20.23
C HIS C 199 8.50 -14.44 -21.18
N VAL C 200 8.54 -15.72 -21.57
CA VAL C 200 9.56 -16.22 -22.56
C VAL C 200 8.87 -16.34 -23.92
N GLY C 201 9.36 -15.61 -24.91
CA GLY C 201 8.90 -15.69 -26.30
C GLY C 201 9.63 -16.79 -27.04
N SER C 202 9.69 -16.70 -28.37
CA SER C 202 10.21 -17.75 -29.27
C SER C 202 11.55 -17.33 -29.85
N GLY C 203 12.22 -16.35 -29.25
CA GLY C 203 13.59 -15.95 -29.66
C GLY C 203 14.57 -17.08 -29.38
N LYS C 204 15.65 -17.15 -30.15
CA LYS C 204 16.70 -18.20 -29.97
C LYS C 204 17.39 -18.08 -28.60
N ARG C 205 17.43 -16.90 -27.97
CA ARG C 205 18.19 -16.66 -26.70
C ARG C 205 17.52 -17.39 -25.52
N GLY C 206 16.24 -17.78 -25.68
CA GLY C 206 15.47 -18.58 -24.70
C GLY C 206 15.48 -17.94 -23.34
N ILE C 207 16.10 -18.61 -22.35
CA ILE C 207 16.24 -18.11 -20.95
C ILE C 207 17.73 -17.94 -20.59
N GLU C 208 18.57 -17.62 -21.58
CA GLU C 208 20.04 -17.55 -21.37
C GLU C 208 20.29 -16.65 -20.15
N TYR C 209 19.61 -15.51 -20.10
CA TYR C 209 19.71 -14.47 -19.03
C TYR C 209 19.56 -15.11 -17.63
N LEU C 210 18.55 -15.97 -17.43
CA LEU C 210 18.26 -16.65 -16.14
C LEU C 210 19.50 -17.47 -15.73
N PHE C 211 20.11 -18.17 -16.68
CA PHE C 211 21.36 -18.94 -16.44
C PHE C 211 22.48 -17.96 -16.10
N ASP C 212 22.58 -16.85 -16.84
CA ASP C 212 23.59 -15.78 -16.61
C ASP C 212 23.53 -15.26 -15.15
N ILE C 213 22.30 -15.11 -14.63
CA ILE C 213 22.03 -14.56 -13.27
C ILE C 213 22.65 -15.51 -12.21
N ILE C 214 22.26 -16.79 -12.23
CA ILE C 214 22.69 -17.81 -11.22
C ILE C 214 24.18 -18.16 -11.41
N GLU C 215 24.73 -18.07 -12.62
CA GLU C 215 26.15 -18.45 -12.91
C GLU C 215 27.12 -17.32 -12.50
N LYS C 216 26.68 -16.06 -12.37
CA LYS C 216 27.65 -14.94 -12.20
C LYS C 216 27.26 -14.00 -11.05
N THR C 217 26.16 -14.26 -10.33
CA THR C 217 25.70 -13.41 -9.20
C THR C 217 25.33 -14.27 -7.98
N GLU C 218 24.96 -13.61 -6.88
CA GLU C 218 24.67 -14.24 -5.58
C GLU C 218 23.18 -14.57 -5.52
N ILE C 219 22.42 -14.25 -6.57
CA ILE C 219 20.94 -14.24 -6.50
C ILE C 219 20.41 -15.67 -6.57
N PRO C 220 19.70 -16.16 -5.54
CA PRO C 220 19.17 -17.52 -5.54
C PRO C 220 18.27 -17.77 -6.76
N ILE C 221 17.94 -19.02 -7.04
CA ILE C 221 17.16 -19.39 -8.25
C ILE C 221 15.67 -19.22 -7.92
N GLN C 222 15.28 -19.41 -6.66
CA GLN C 222 13.87 -19.35 -6.19
C GLN C 222 13.11 -18.07 -6.67
N HIS C 223 13.81 -17.01 -7.13
CA HIS C 223 13.21 -15.73 -7.60
C HIS C 223 12.88 -15.74 -9.11
N LEU C 224 13.48 -16.66 -9.87
CA LEU C 224 13.36 -16.66 -11.36
C LEU C 224 12.32 -17.70 -11.73
N TYR C 225 11.21 -17.25 -12.34
CA TYR C 225 9.96 -18.03 -12.53
C TYR C 225 9.47 -17.86 -13.96
N PRO C 226 10.11 -18.56 -14.90
CA PRO C 226 9.75 -18.45 -16.32
C PRO C 226 8.46 -19.23 -16.66
N THR C 227 7.60 -18.59 -17.45
CA THR C 227 6.28 -19.12 -17.91
C THR C 227 6.36 -19.34 -19.43
N HIS C 228 5.45 -20.16 -19.97
CA HIS C 228 5.13 -20.38 -21.40
C HIS C 228 5.99 -21.52 -21.98
N MET C 229 6.53 -22.38 -21.13
CA MET C 229 7.73 -23.19 -21.45
C MET C 229 7.35 -24.60 -21.91
N SER C 230 6.12 -24.74 -22.39
CA SER C 230 5.67 -25.86 -23.28
C SER C 230 5.29 -25.28 -24.67
N ARG C 231 6.02 -24.26 -25.16
CA ARG C 231 5.81 -23.70 -26.53
C ARG C 231 6.68 -24.45 -27.55
N SER C 232 7.78 -25.08 -27.13
CA SER C 232 8.62 -25.98 -27.97
C SER C 232 9.40 -26.94 -27.06
N ARG C 233 9.70 -28.13 -27.58
CA ARG C 233 10.53 -29.15 -26.91
C ARG C 233 11.87 -28.50 -26.58
N LYS C 234 12.47 -27.78 -27.53
CA LYS C 234 13.82 -27.17 -27.33
C LYS C 234 13.78 -26.32 -26.05
N LEU C 235 12.78 -25.46 -25.90
CA LEU C 235 12.67 -24.60 -24.67
C LEU C 235 12.55 -25.48 -23.43
N PHE C 236 11.63 -26.47 -23.46
CA PHE C 236 11.35 -27.40 -22.35
C PHE C 236 12.65 -28.12 -21.93
N GLU C 237 13.48 -28.59 -22.86
CA GLU C 237 14.78 -29.26 -22.57
C GLU C 237 15.71 -28.34 -21.76
N GLN C 238 15.70 -27.03 -22.08
CA GLN C 238 16.44 -25.93 -21.41
C GLN C 238 15.72 -25.59 -20.09
N GLY C 239 14.39 -25.78 -20.05
CA GLY C 239 13.56 -25.64 -18.83
C GLY C 239 13.96 -26.67 -17.78
N LEU C 240 14.04 -27.94 -18.18
CA LEU C 240 14.42 -29.11 -17.33
C LEU C 240 15.82 -28.89 -16.78
N GLU C 241 16.78 -28.47 -17.62
CA GLU C 241 18.14 -28.05 -17.17
C GLU C 241 18.00 -27.11 -15.95
N PHE C 242 17.09 -26.14 -16.07
CA PHE C 242 16.77 -25.15 -15.02
C PHE C 242 16.20 -25.88 -13.78
N ALA C 243 15.23 -26.76 -13.99
CA ALA C 243 14.55 -27.54 -12.93
C ALA C 243 15.59 -28.30 -12.11
N LYS C 244 16.61 -28.84 -12.77
CA LYS C 244 17.70 -29.65 -12.13
C LYS C 244 18.57 -28.78 -11.23
N ARG C 245 18.49 -27.45 -11.35
CA ARG C 245 19.29 -26.51 -10.51
C ARG C 245 18.39 -25.86 -9.45
N GLY C 246 17.25 -26.47 -9.11
CA GLY C 246 16.35 -26.05 -8.01
C GLY C 246 15.19 -25.15 -8.47
N GLY C 247 15.33 -24.57 -9.67
CA GLY C 247 14.35 -23.65 -10.29
C GLY C 247 12.99 -24.31 -10.49
N THR C 248 11.96 -23.48 -10.60
CA THR C 248 10.58 -23.89 -10.96
C THR C 248 10.27 -23.21 -12.30
N ILE C 249 9.54 -23.91 -13.17
CA ILE C 249 9.10 -23.46 -14.51
C ILE C 249 7.58 -23.58 -14.53
N ASP C 250 6.92 -22.71 -15.29
CA ASP C 250 5.44 -22.73 -15.47
C ASP C 250 5.18 -23.18 -16.90
N LEU C 251 4.19 -24.06 -17.07
CA LEU C 251 3.68 -24.52 -18.40
C LEU C 251 2.31 -23.87 -18.66
N THR C 252 2.07 -23.29 -19.85
CA THR C 252 0.73 -22.75 -20.18
C THR C 252 -0.26 -23.93 -20.26
N ALA C 253 -1.30 -23.90 -19.45
CA ALA C 253 -2.33 -24.95 -19.41
C ALA C 253 -2.94 -25.10 -20.80
N LEU C 254 -2.99 -26.34 -21.28
CA LEU C 254 -3.78 -26.74 -22.47
C LEU C 254 -5.24 -26.32 -22.25
N GLN C 255 -5.90 -25.81 -23.29
CA GLN C 255 -7.28 -25.26 -23.19
C GLN C 255 -8.25 -26.11 -24.00
N PRO C 256 -9.55 -26.16 -23.66
CA PRO C 256 -10.54 -26.84 -24.51
C PRO C 256 -10.77 -26.28 -25.94
N LYS C 257 -9.74 -26.20 -26.79
CA LYS C 257 -9.84 -25.65 -28.17
C LYS C 257 -8.99 -26.50 -29.13
N GLU C 265 3.75 -33.68 -32.70
CA GLU C 265 3.80 -32.34 -32.04
C GLU C 265 4.36 -32.53 -30.62
N PHE C 266 4.03 -31.62 -29.69
CA PHE C 266 4.48 -31.62 -28.28
C PHE C 266 3.51 -30.70 -27.50
N THR C 267 2.79 -31.25 -26.51
CA THR C 267 1.80 -30.51 -25.70
C THR C 267 2.27 -30.41 -24.24
N THR C 268 1.48 -29.74 -23.41
CA THR C 268 1.72 -29.61 -21.96
C THR C 268 1.50 -30.96 -21.31
N ILE C 269 0.63 -31.78 -21.91
CA ILE C 269 0.33 -33.16 -21.39
C ILE C 269 1.60 -33.99 -21.62
N ASP C 270 2.06 -34.07 -22.87
CA ASP C 270 3.42 -34.54 -23.18
C ASP C 270 4.32 -33.97 -22.10
N ALA C 271 4.39 -32.64 -21.99
CA ALA C 271 5.42 -31.91 -21.21
C ALA C 271 5.49 -32.45 -19.77
N ILE C 272 4.32 -32.62 -19.13
CA ILE C 272 4.15 -33.03 -17.70
C ILE C 272 4.71 -34.45 -17.50
N CYS C 273 4.31 -35.41 -18.36
CA CYS C 273 4.74 -36.82 -18.30
C CYS C 273 6.26 -36.91 -18.44
N GLU C 274 6.88 -36.12 -19.31
CA GLU C 274 8.37 -36.08 -19.48
C GLU C 274 9.00 -35.67 -18.13
N ALA C 275 8.39 -34.70 -17.43
CA ALA C 275 8.88 -34.15 -16.15
C ALA C 275 8.72 -35.19 -15.03
N TYR C 276 7.56 -35.84 -14.95
CA TYR C 276 7.22 -36.85 -13.91
C TYR C 276 8.14 -38.07 -14.03
N GLU C 277 8.49 -38.47 -15.26
CA GLU C 277 9.33 -39.66 -15.56
C GLU C 277 10.79 -39.37 -15.17
N ASN C 278 11.24 -38.11 -15.18
CA ASN C 278 12.60 -37.72 -14.71
C ASN C 278 12.62 -37.41 -13.19
N GLY C 279 11.50 -37.64 -12.48
CA GLY C 279 11.34 -37.32 -11.04
C GLY C 279 11.45 -35.83 -10.74
N LEU C 280 10.90 -34.99 -11.62
CA LEU C 280 11.04 -33.50 -11.57
C LEU C 280 9.67 -32.84 -11.46
N LEU C 281 8.58 -33.60 -11.40
CA LEU C 281 7.20 -33.03 -11.28
C LEU C 281 7.10 -32.13 -10.04
N ASP C 282 8.06 -32.21 -9.11
CA ASP C 282 8.09 -31.31 -7.94
C ASP C 282 8.43 -29.88 -8.39
N ASN C 283 9.10 -29.72 -9.55
CA ASN C 283 9.58 -28.43 -10.12
C ASN C 283 8.71 -27.93 -11.28
N VAL C 284 7.45 -28.38 -11.40
CA VAL C 284 6.55 -27.98 -12.52
C VAL C 284 5.26 -27.45 -11.92
N THR C 285 4.73 -26.38 -12.53
CA THR C 285 3.41 -25.76 -12.26
C THR C 285 2.68 -25.52 -13.60
N ILE C 286 1.39 -25.16 -13.56
CA ILE C 286 0.60 -24.79 -14.76
C ILE C 286 -0.26 -23.56 -14.42
N SER C 287 -0.33 -22.63 -15.40
CA SER C 287 -1.12 -21.36 -15.43
C SER C 287 -2.25 -21.46 -16.47
N SER C 288 -3.39 -20.86 -16.20
CA SER C 288 -4.48 -20.73 -17.20
C SER C 288 -4.11 -19.67 -18.26
N ASP C 289 -3.47 -18.58 -17.86
CA ASP C 289 -3.22 -17.37 -18.70
C ASP C 289 -4.56 -16.74 -19.11
N GLY C 290 -5.60 -16.95 -18.29
CA GLY C 290 -7.01 -16.55 -18.54
C GLY C 290 -7.13 -15.10 -18.95
N GLN C 291 -8.16 -14.76 -19.71
CA GLN C 291 -8.41 -13.40 -20.25
C GLN C 291 -7.20 -12.86 -21.02
N GLY C 292 -6.10 -13.63 -21.13
CA GLY C 292 -4.87 -13.27 -21.85
C GLY C 292 -4.95 -13.68 -23.31
N SER C 293 -4.47 -12.82 -24.22
CA SER C 293 -4.44 -13.02 -25.69
C SER C 293 -3.57 -14.25 -26.04
N LEU C 294 -3.95 -15.01 -27.08
CA LEU C 294 -3.21 -16.21 -27.57
C LEU C 294 -3.06 -16.13 -29.09
N PRO C 295 -2.25 -15.17 -29.60
CA PRO C 295 -2.24 -14.84 -31.03
C PRO C 295 -1.19 -15.55 -31.87
N LYS C 296 -1.56 -16.00 -33.08
CA LYS C 296 -0.67 -16.57 -34.13
C LYS C 296 -0.13 -15.41 -34.99
N PHE C 297 1.15 -15.01 -34.82
CA PHE C 297 1.68 -13.69 -35.25
C PHE C 297 2.41 -13.76 -36.61
N ASP C 298 2.67 -14.97 -37.16
CA ASP C 298 3.34 -15.22 -38.47
C ASP C 298 4.60 -14.32 -38.60
N ASP C 299 4.98 -13.92 -39.83
CA ASP C 299 6.21 -13.14 -40.11
C ASP C 299 5.89 -11.63 -40.04
N VAL C 304 -2.10 -12.58 -37.21
CA VAL C 304 -3.04 -13.29 -38.14
C VAL C 304 -4.38 -13.45 -37.41
N GLY C 305 -4.40 -14.27 -36.36
CA GLY C 305 -5.60 -14.62 -35.56
C GLY C 305 -5.31 -14.55 -34.07
N LEU C 306 -6.34 -14.64 -33.24
CA LEU C 306 -6.23 -14.54 -31.77
C LEU C 306 -7.35 -15.38 -31.14
N ASP C 307 -7.08 -15.92 -29.94
CA ASP C 307 -8.11 -16.57 -29.10
C ASP C 307 -7.82 -16.18 -27.64
N VAL C 308 -8.77 -16.41 -26.74
CA VAL C 308 -8.76 -15.85 -25.34
C VAL C 308 -8.76 -16.99 -24.30
N GLY C 309 -7.66 -17.14 -23.54
CA GLY C 309 -7.47 -18.11 -22.44
C GLY C 309 -8.67 -18.19 -21.50
N SER C 310 -8.93 -19.38 -20.97
CA SER C 310 -9.94 -19.65 -19.90
C SER C 310 -9.25 -20.22 -18.68
N VAL C 311 -9.77 -19.87 -17.51
CA VAL C 311 -9.34 -20.45 -16.20
C VAL C 311 -9.82 -21.90 -16.10
N SER C 312 -10.79 -22.30 -16.90
CA SER C 312 -11.16 -23.72 -17.14
C SER C 312 -9.93 -24.58 -17.51
N ALA C 313 -8.85 -23.99 -18.00
CA ALA C 313 -7.78 -24.74 -18.71
C ALA C 313 -7.01 -25.66 -17.77
N VAL C 314 -7.01 -25.44 -16.44
CA VAL C 314 -6.12 -26.19 -15.49
C VAL C 314 -6.80 -27.50 -15.06
N TRP C 315 -8.03 -27.49 -14.55
CA TRP C 315 -8.72 -28.74 -14.11
C TRP C 315 -8.90 -29.69 -15.30
N TYR C 316 -9.21 -29.13 -16.47
CA TYR C 316 -9.25 -29.81 -17.78
C TYR C 316 -7.90 -30.48 -18.01
N THR C 317 -6.80 -29.74 -17.87
CA THR C 317 -5.41 -30.25 -18.09
C THR C 317 -5.05 -31.33 -17.06
N ILE C 318 -5.66 -31.27 -15.86
CA ILE C 318 -5.39 -32.24 -14.77
C ILE C 318 -5.98 -33.57 -15.19
N ARG C 319 -7.25 -33.57 -15.60
CA ARG C 319 -7.92 -34.79 -16.10
C ARG C 319 -7.04 -35.41 -17.21
N LYS C 320 -6.76 -34.63 -18.26
CA LYS C 320 -6.09 -35.11 -19.48
C LYS C 320 -4.78 -35.80 -19.13
N VAL C 321 -4.12 -35.42 -18.04
CA VAL C 321 -2.82 -36.07 -17.66
C VAL C 321 -3.15 -37.30 -16.79
N LEU C 322 -4.22 -37.25 -16.01
CA LEU C 322 -4.75 -38.44 -15.29
C LEU C 322 -5.05 -39.56 -16.29
N GLU C 323 -5.59 -39.21 -17.46
CA GLU C 323 -5.97 -40.18 -18.52
C GLU C 323 -4.73 -40.86 -19.13
N LYS C 324 -3.52 -40.43 -18.79
CA LYS C 324 -2.27 -41.13 -19.16
C LYS C 324 -1.81 -42.04 -18.02
N GLY C 325 -2.64 -42.21 -16.99
CA GLY C 325 -2.45 -43.19 -15.89
C GLY C 325 -1.64 -42.70 -14.68
N LEU C 326 -1.31 -41.40 -14.55
CA LEU C 326 -0.48 -40.90 -13.41
C LEU C 326 -1.34 -40.81 -12.16
N PRO C 327 -0.80 -41.12 -10.95
CA PRO C 327 -1.58 -41.11 -9.70
C PRO C 327 -2.03 -39.70 -9.25
N LEU C 328 -3.32 -39.54 -8.96
CA LEU C 328 -3.92 -38.19 -8.68
C LEU C 328 -3.05 -37.40 -7.68
N ALA C 329 -2.84 -37.95 -6.48
CA ALA C 329 -2.03 -37.36 -5.39
C ALA C 329 -0.74 -36.73 -5.94
N GLU C 330 -0.10 -37.36 -6.94
CA GLU C 330 1.20 -36.91 -7.52
C GLU C 330 0.96 -35.81 -8.58
N VAL C 331 -0.12 -35.92 -9.36
CA VAL C 331 -0.46 -34.91 -10.40
C VAL C 331 -0.89 -33.61 -9.69
N LEU C 332 -1.76 -33.68 -8.68
CA LEU C 332 -2.36 -32.47 -8.05
C LEU C 332 -1.29 -31.45 -7.62
N LYS C 333 -0.01 -31.84 -7.55
CA LYS C 333 1.15 -31.03 -7.09
C LYS C 333 1.38 -29.77 -7.92
N ILE C 334 1.00 -29.79 -9.22
CA ILE C 334 1.28 -28.70 -10.21
C ILE C 334 0.34 -27.51 -9.99
N SER C 335 -0.71 -27.69 -9.19
CA SER C 335 -1.78 -26.68 -9.04
C SER C 335 -2.13 -26.46 -7.57
N THR C 336 -1.49 -27.14 -6.62
CA THR C 336 -1.80 -27.02 -5.17
C THR C 336 -0.53 -26.83 -4.35
N THR C 337 0.35 -27.86 -4.32
CA THR C 337 1.61 -27.88 -3.51
C THR C 337 2.66 -26.99 -4.21
N ASN C 338 2.87 -27.11 -5.50
CA ASN C 338 4.02 -26.45 -6.17
C ASN C 338 3.79 -24.94 -6.35
N PRO C 339 2.57 -24.43 -6.63
CA PRO C 339 2.32 -22.97 -6.58
C PRO C 339 2.39 -22.37 -5.16
N ALA C 340 1.82 -23.06 -4.17
CA ALA C 340 1.88 -22.62 -2.75
C ALA C 340 3.35 -22.40 -2.31
N ARG C 341 4.27 -23.24 -2.79
CA ARG C 341 5.71 -23.15 -2.44
C ARG C 341 6.27 -21.87 -3.06
N VAL C 342 6.14 -21.72 -4.37
CA VAL C 342 6.76 -20.61 -5.17
C VAL C 342 6.32 -19.25 -4.60
N PHE C 343 5.08 -19.15 -4.11
CA PHE C 343 4.57 -17.88 -3.54
C PHE C 343 4.48 -17.94 -2.01
N LYS C 344 5.03 -18.98 -1.37
CA LYS C 344 5.09 -19.12 0.10
C LYS C 344 3.72 -18.77 0.67
N LEU C 345 2.68 -19.50 0.29
CA LEU C 345 1.28 -19.24 0.73
C LEU C 345 0.89 -20.35 1.72
N ASN C 346 -0.06 -20.05 2.59
CA ASN C 346 -0.57 -21.02 3.60
C ASN C 346 -1.76 -21.77 2.96
N LYS C 347 -1.55 -22.30 1.74
CA LYS C 347 -2.61 -22.96 0.91
C LYS C 347 -2.06 -24.27 0.30
N GLY C 348 -2.89 -25.01 -0.44
CA GLY C 348 -2.46 -26.16 -1.27
C GLY C 348 -2.34 -27.47 -0.50
N LYS C 349 -2.61 -27.46 0.79
CA LYS C 349 -2.57 -28.70 1.61
C LYS C 349 -3.79 -28.71 2.56
N ILE C 350 -4.47 -29.85 2.67
CA ILE C 350 -5.58 -30.06 3.65
C ILE C 350 -4.98 -30.56 4.97
N ALA C 351 -4.84 -29.67 5.94
CA ALA C 351 -4.26 -29.99 7.27
C ALA C 351 -4.71 -28.94 8.29
N LYS C 352 -4.54 -29.25 9.58
CA LYS C 352 -4.76 -28.31 10.71
C LYS C 352 -3.78 -27.13 10.56
N GLY C 353 -4.28 -25.89 10.61
CA GLY C 353 -3.49 -24.67 10.42
C GLY C 353 -3.54 -24.17 8.97
N GLN C 354 -3.78 -25.03 7.98
CA GLN C 354 -3.81 -24.63 6.55
C GLN C 354 -5.13 -23.90 6.23
N ASP C 355 -5.14 -23.05 5.18
CA ASP C 355 -6.32 -22.22 4.78
C ASP C 355 -7.41 -23.18 4.29
N ALA C 356 -8.68 -22.90 4.61
CA ALA C 356 -9.86 -23.75 4.30
C ALA C 356 -10.35 -23.51 2.84
N ASP C 357 -9.54 -23.94 1.87
CA ASP C 357 -9.79 -23.91 0.41
C ASP C 357 -9.85 -25.36 -0.10
N PHE C 358 -11.06 -25.82 -0.43
CA PHE C 358 -11.33 -27.19 -0.92
C PHE C 358 -12.17 -27.12 -2.20
N ILE C 359 -12.06 -28.14 -3.05
CA ILE C 359 -13.07 -28.48 -4.10
C ILE C 359 -13.61 -29.88 -3.78
N LEU C 360 -14.83 -30.18 -4.23
CA LEU C 360 -15.45 -31.53 -4.11
C LEU C 360 -15.88 -32.04 -5.48
N VAL C 361 -15.24 -33.12 -5.98
CA VAL C 361 -15.50 -33.75 -7.32
C VAL C 361 -16.13 -35.15 -7.09
N ASP C 362 -17.20 -35.47 -7.82
CA ASP C 362 -17.82 -36.83 -7.89
C ASP C 362 -16.75 -37.80 -8.36
N GLU C 363 -16.52 -38.89 -7.62
CA GLU C 363 -15.46 -39.91 -7.84
C GLU C 363 -15.58 -40.59 -9.22
N GLN C 364 -16.82 -40.74 -9.69
CA GLN C 364 -17.23 -41.46 -10.95
C GLN C 364 -17.25 -40.46 -12.12
N SER C 365 -18.01 -39.38 -11.97
CA SER C 365 -18.17 -38.25 -12.91
C SER C 365 -16.85 -37.47 -13.09
N PHE C 366 -16.06 -37.31 -12.02
CA PHE C 366 -14.84 -36.46 -11.98
C PHE C 366 -15.14 -35.01 -12.40
N GLU C 367 -16.31 -34.50 -12.05
CA GLU C 367 -16.73 -33.11 -12.37
C GLU C 367 -16.96 -32.35 -11.06
N ILE C 368 -16.43 -31.13 -10.99
CA ILE C 368 -16.44 -30.29 -9.77
C ILE C 368 -17.88 -30.03 -9.41
N VAL C 369 -18.31 -30.42 -8.22
CA VAL C 369 -19.73 -30.31 -7.77
C VAL C 369 -19.86 -29.24 -6.67
N SER C 370 -18.86 -29.10 -5.78
CA SER C 370 -18.84 -28.04 -4.73
C SER C 370 -17.44 -27.42 -4.60
N VAL C 371 -17.36 -26.10 -4.34
CA VAL C 371 -16.09 -25.33 -4.15
C VAL C 371 -16.19 -24.44 -2.90
N ILE C 372 -15.20 -24.55 -2.01
CA ILE C 372 -15.16 -23.87 -0.68
C ILE C 372 -13.91 -22.98 -0.63
N SER C 373 -14.08 -21.66 -0.36
CA SER C 373 -12.96 -20.69 -0.26
C SER C 373 -13.10 -19.92 1.05
N LYS C 374 -12.02 -19.81 1.82
CA LYS C 374 -12.02 -19.19 3.19
C LYS C 374 -13.12 -19.80 4.05
N GLY C 375 -13.43 -21.09 3.86
CA GLY C 375 -14.41 -21.88 4.65
C GLY C 375 -15.86 -21.57 4.34
N GLU C 376 -16.14 -20.84 3.26
CA GLU C 376 -17.50 -20.43 2.80
C GLU C 376 -17.76 -21.18 1.47
N PHE C 377 -19.01 -21.56 1.19
CA PHE C 377 -19.43 -22.27 -0.06
C PHE C 377 -19.64 -21.27 -1.21
N LEU C 378 -18.76 -21.28 -2.21
CA LEU C 378 -18.88 -20.46 -3.45
C LEU C 378 -19.75 -21.22 -4.46
N MET C 379 -19.73 -22.55 -4.38
CA MET C 379 -20.67 -23.45 -5.10
C MET C 379 -20.93 -24.67 -4.24
N LYS C 380 -22.22 -25.00 -4.07
CA LYS C 380 -22.74 -26.15 -3.27
C LYS C 380 -23.62 -27.05 -4.16
N ASP C 381 -23.00 -28.11 -4.71
CA ASP C 381 -23.64 -29.19 -5.51
C ASP C 381 -24.16 -28.59 -6.83
N GLY C 382 -23.37 -27.75 -7.51
CA GLY C 382 -23.72 -27.13 -8.80
C GLY C 382 -24.34 -25.74 -8.63
N VAL C 383 -25.05 -25.48 -7.51
CA VAL C 383 -25.74 -24.19 -7.24
C VAL C 383 -24.69 -23.16 -6.82
N MET C 384 -24.34 -22.21 -7.70
CA MET C 384 -23.36 -21.13 -7.38
C MET C 384 -24.00 -20.16 -6.38
N LYS C 385 -23.18 -19.64 -5.47
CA LYS C 385 -23.45 -18.38 -4.75
C LYS C 385 -23.74 -17.33 -5.82
N ASN C 386 -24.64 -16.39 -5.56
CA ASN C 386 -24.93 -15.28 -6.52
C ASN C 386 -24.13 -14.07 -6.04
N LEU C 387 -23.63 -13.30 -7.01
CA LEU C 387 -22.65 -12.21 -6.81
C LEU C 387 -23.29 -10.88 -7.27
N ASN C 388 -22.52 -9.79 -7.26
CA ASN C 388 -23.07 -8.41 -7.24
C ASN C 388 -23.66 -8.03 -8.61
N PHE C 389 -23.13 -8.56 -9.73
CA PHE C 389 -23.52 -8.15 -11.11
C PHE C 389 -23.78 -9.38 -12.00
N GLU C 390 -24.75 -10.22 -11.62
CA GLU C 390 -25.17 -11.46 -12.36
C GLU C 390 -26.72 -11.54 -12.36
N MET D 5 -21.51 -0.31 -50.80
CA MET D 5 -21.28 1.01 -50.10
C MET D 5 -22.53 1.89 -50.22
N ILE D 6 -23.01 2.17 -51.45
CA ILE D 6 -24.18 3.07 -51.69
C ILE D 6 -25.45 2.31 -51.34
N LYS D 7 -26.33 2.90 -50.57
CA LYS D 7 -27.45 2.14 -49.96
C LYS D 7 -28.69 3.01 -50.06
N ILE D 8 -29.86 2.35 -50.10
CA ILE D 8 -31.16 3.06 -50.09
C ILE D 8 -32.04 2.46 -49.03
N ILE D 9 -32.95 3.27 -48.49
CA ILE D 9 -34.00 2.83 -47.53
C ILE D 9 -35.36 3.38 -48.00
N LYS D 10 -36.06 2.58 -48.80
CA LYS D 10 -37.24 3.00 -49.60
C LYS D 10 -38.49 2.97 -48.72
N ASN D 11 -39.46 3.83 -49.08
CA ASN D 11 -40.85 3.81 -48.60
C ASN D 11 -40.80 3.58 -47.09
N ALA D 12 -39.94 4.34 -46.40
CA ALA D 12 -40.00 4.56 -44.94
C ALA D 12 -40.62 5.95 -44.69
N LYS D 13 -41.37 6.15 -43.60
CA LYS D 13 -41.94 7.47 -43.24
C LYS D 13 -40.88 8.33 -42.53
N VAL D 14 -40.00 8.99 -43.31
CA VAL D 14 -38.73 9.68 -42.87
C VAL D 14 -39.04 10.81 -41.88
N PHE D 15 -38.50 10.68 -40.68
CA PHE D 15 -38.88 11.53 -39.52
C PHE D 15 -37.64 12.34 -39.10
N SER D 16 -36.94 12.97 -40.07
CA SER D 16 -36.08 14.16 -39.81
C SER D 16 -36.73 14.85 -38.62
N PRO D 17 -35.96 15.31 -37.62
CA PRO D 17 -36.56 15.77 -36.37
C PRO D 17 -38.01 16.28 -36.57
N GLU D 18 -38.26 17.14 -37.59
CA GLU D 18 -39.62 17.54 -38.08
C GLU D 18 -39.99 16.68 -39.32
N TYR D 19 -41.24 16.17 -39.34
CA TYR D 19 -41.83 15.18 -40.29
C TYR D 19 -41.62 15.64 -41.74
N ILE D 20 -41.08 14.78 -42.61
CA ILE D 20 -40.85 15.09 -44.06
C ILE D 20 -41.51 14.02 -44.97
N GLY D 21 -42.28 13.09 -44.37
CA GLY D 21 -43.18 12.16 -45.09
C GLY D 21 -42.47 11.16 -45.99
N LYS D 22 -43.20 10.11 -46.40
CA LYS D 22 -42.73 8.94 -47.19
C LYS D 22 -41.66 9.31 -48.21
N LYS D 23 -40.36 9.17 -47.90
CA LYS D 23 -39.27 9.45 -48.89
C LYS D 23 -38.12 8.43 -48.80
N ASP D 24 -37.49 8.18 -49.94
CA ASP D 24 -36.29 7.32 -50.07
C ASP D 24 -35.11 8.17 -49.57
N VAL D 25 -34.09 7.54 -49.00
CA VAL D 25 -32.85 8.20 -48.50
C VAL D 25 -31.66 7.40 -49.05
N ILE D 26 -30.93 7.97 -49.99
CA ILE D 26 -29.64 7.41 -50.47
C ILE D 26 -28.58 7.91 -49.47
N PHE D 27 -27.48 7.15 -49.29
CA PHE D 27 -26.43 7.41 -48.27
C PHE D 27 -25.28 6.42 -48.44
N TYR D 28 -24.08 6.94 -48.65
CA TYR D 28 -22.79 6.29 -48.28
C TYR D 28 -22.59 6.46 -46.76
N HIS D 29 -21.45 7.01 -46.34
CA HIS D 29 -21.11 7.34 -44.93
C HIS D 29 -21.87 8.60 -44.49
N LYS D 30 -22.29 9.43 -45.46
CA LYS D 30 -23.15 10.63 -45.20
C LYS D 30 -24.36 10.62 -46.15
N VAL D 31 -25.49 11.20 -45.72
CA VAL D 31 -26.72 11.44 -46.55
C VAL D 31 -26.30 12.16 -47.84
N ILE D 32 -26.34 11.43 -48.95
CA ILE D 32 -25.69 11.81 -50.24
C ILE D 32 -26.72 12.49 -51.14
N HIS D 33 -27.96 12.01 -51.10
CA HIS D 33 -29.09 12.39 -51.99
C HIS D 33 -30.40 12.04 -51.26
N VAL D 34 -31.40 12.88 -51.35
CA VAL D 34 -32.80 12.54 -50.97
C VAL D 34 -33.65 12.83 -52.23
N GLY D 35 -34.64 11.96 -52.51
CA GLY D 35 -35.46 11.93 -53.76
C GLY D 35 -36.43 10.75 -53.80
N GLU D 36 -37.70 11.00 -54.19
CA GLU D 36 -38.87 10.10 -53.96
C GLU D 36 -38.83 8.81 -54.81
N GLY D 37 -38.33 8.88 -56.05
CA GLY D 37 -38.35 7.76 -57.02
C GLY D 37 -36.97 7.14 -57.23
N VAL D 38 -36.90 5.84 -57.56
CA VAL D 38 -35.65 5.10 -57.88
C VAL D 38 -35.36 5.31 -59.36
N HIS D 47 -24.23 -2.03 -55.51
CA HIS D 47 -24.96 -1.18 -54.52
C HIS D 47 -26.08 -1.95 -53.79
N GLU D 48 -26.27 -1.68 -52.50
CA GLU D 48 -27.24 -2.39 -51.60
C GLU D 48 -28.56 -1.62 -51.56
N ILE D 49 -29.67 -2.35 -51.46
CA ILE D 49 -31.05 -1.81 -51.41
C ILE D 49 -31.67 -2.35 -50.11
N TYR D 50 -32.47 -1.56 -49.40
CA TYR D 50 -33.21 -2.07 -48.23
C TYR D 50 -34.59 -1.46 -48.25
N ASP D 51 -35.61 -2.32 -48.28
CA ASP D 51 -37.04 -1.95 -48.21
C ASP D 51 -37.40 -1.79 -46.73
N ALA D 52 -38.04 -0.69 -46.33
CA ALA D 52 -38.38 -0.44 -44.91
C ALA D 52 -39.85 -0.07 -44.72
N ASN D 53 -40.74 -0.61 -45.54
CA ASN D 53 -42.19 -0.26 -45.39
C ASN D 53 -42.62 -0.73 -43.99
N GLY D 54 -43.46 0.08 -43.32
CA GLY D 54 -44.01 -0.17 -41.97
C GLY D 54 -43.19 0.53 -40.90
N LEU D 55 -41.91 0.82 -41.21
CA LEU D 55 -40.90 1.37 -40.25
C LEU D 55 -40.89 2.90 -40.31
N LEU D 56 -40.50 3.55 -39.20
CA LEU D 56 -40.12 4.99 -39.16
C LEU D 56 -38.59 5.11 -39.20
N LEU D 57 -38.06 5.93 -40.09
CA LEU D 57 -36.63 6.28 -40.17
C LEU D 57 -36.37 7.52 -39.30
N LEU D 58 -35.54 7.41 -38.25
CA LEU D 58 -35.08 8.55 -37.40
C LEU D 58 -33.58 8.73 -37.60
N PRO D 59 -33.00 9.88 -37.15
CA PRO D 59 -31.54 10.00 -37.00
C PRO D 59 -31.09 9.26 -35.73
N GLY D 60 -29.90 8.65 -35.75
CA GLY D 60 -29.34 7.87 -34.63
C GLY D 60 -29.35 8.64 -33.31
N LEU D 61 -29.88 8.04 -32.24
CA LEU D 61 -29.93 8.66 -30.87
C LEU D 61 -28.53 9.04 -30.38
N ILE D 62 -28.43 10.17 -29.68
CA ILE D 62 -27.14 10.75 -29.16
C ILE D 62 -27.19 10.68 -27.63
N ASP D 63 -26.13 10.11 -27.05
CA ASP D 63 -25.93 10.01 -25.58
C ASP D 63 -24.71 10.85 -25.19
N PRO D 64 -24.91 12.03 -24.56
CA PRO D 64 -23.79 12.92 -24.25
C PRO D 64 -23.05 12.68 -22.90
N HIS D 65 -23.39 11.63 -22.16
CA HIS D 65 -22.87 11.37 -20.78
C HIS D 65 -22.95 9.87 -20.41
N VAL D 66 -21.93 9.07 -20.76
CA VAL D 66 -21.89 7.60 -20.51
C VAL D 66 -20.51 7.14 -19.99
N HIS D 67 -20.51 6.48 -18.81
CA HIS D 67 -19.31 5.88 -18.18
C HIS D 67 -18.97 4.59 -18.92
N ILE D 68 -18.42 4.73 -20.13
CA ILE D 68 -18.17 3.59 -21.06
C ILE D 68 -17.16 2.59 -20.47
N THR D 69 -16.34 2.96 -19.50
CA THR D 69 -15.31 2.05 -18.93
C THR D 69 -15.86 1.38 -17.68
N GLY D 70 -17.12 1.65 -17.35
CA GLY D 70 -17.71 1.42 -16.02
C GLY D 70 -17.32 2.55 -15.09
N GLY D 71 -17.95 2.59 -13.91
CA GLY D 71 -17.77 3.61 -12.86
C GLY D 71 -18.20 3.05 -11.51
N GLY D 72 -18.99 3.81 -10.75
CA GLY D 72 -19.34 3.46 -9.36
C GLY D 72 -18.09 3.23 -8.51
N GLY D 73 -18.26 2.57 -7.35
CA GLY D 73 -17.16 2.31 -6.40
C GLY D 73 -17.27 3.15 -5.14
N GLU D 74 -18.40 3.84 -4.95
CA GLU D 74 -18.67 4.65 -3.74
C GLU D 74 -18.82 3.73 -2.52
N GLY D 75 -19.14 2.45 -2.72
CA GLY D 75 -19.32 1.50 -1.61
C GLY D 75 -18.19 0.49 -1.55
N GLY D 76 -17.08 0.74 -2.25
CA GLY D 76 -15.87 -0.10 -2.20
C GLY D 76 -15.43 -0.58 -3.57
N PHE D 77 -14.61 -1.63 -3.60
CA PHE D 77 -14.15 -2.26 -4.87
C PHE D 77 -15.26 -3.16 -5.39
N GLU D 78 -16.06 -3.72 -4.49
CA GLU D 78 -17.24 -4.56 -4.83
C GLU D 78 -18.23 -3.79 -5.73
N THR D 79 -18.44 -2.50 -5.46
CA THR D 79 -19.44 -1.64 -6.14
C THR D 79 -18.88 -1.05 -7.44
N ARG D 80 -17.70 -1.49 -7.89
CA ARG D 80 -17.13 -1.13 -9.23
C ARG D 80 -18.00 -1.77 -10.32
N THR D 81 -18.65 -0.96 -11.15
CA THR D 81 -19.61 -1.43 -12.20
C THR D 81 -18.83 -2.01 -13.39
N PRO D 82 -19.46 -2.89 -14.20
CA PRO D 82 -18.81 -3.44 -15.40
C PRO D 82 -18.70 -2.41 -16.53
N GLU D 83 -17.75 -2.64 -17.43
CA GLU D 83 -17.55 -1.89 -18.69
C GLU D 83 -18.81 -2.07 -19.54
N LEU D 84 -18.96 -1.24 -20.58
CA LEU D 84 -20.14 -1.23 -21.48
C LEU D 84 -19.84 -2.10 -22.69
N LYS D 85 -20.71 -3.08 -22.94
CA LYS D 85 -20.78 -3.89 -24.19
C LYS D 85 -21.56 -3.11 -25.25
N ILE D 86 -21.00 -3.02 -26.46
CA ILE D 86 -21.64 -2.38 -27.65
C ILE D 86 -22.99 -3.06 -27.93
N SER D 87 -23.08 -4.37 -27.70
CA SER D 87 -24.34 -5.16 -27.71
C SER D 87 -25.52 -4.35 -27.15
N ASP D 88 -25.33 -3.63 -26.04
CA ASP D 88 -26.44 -2.95 -25.30
C ASP D 88 -26.84 -1.66 -26.06
N CYS D 89 -25.84 -0.89 -26.51
CA CYS D 89 -26.00 0.35 -27.33
C CYS D 89 -26.94 0.07 -28.52
N ILE D 90 -26.59 -0.91 -29.36
CA ILE D 90 -27.26 -1.22 -30.66
C ILE D 90 -28.74 -1.57 -30.43
N ARG D 91 -29.08 -2.37 -29.41
CA ARG D 91 -30.48 -2.72 -29.05
C ARG D 91 -31.26 -1.45 -28.66
N SER D 92 -30.55 -0.46 -28.13
CA SER D 92 -31.12 0.80 -27.56
C SER D 92 -31.12 1.92 -28.61
N GLY D 93 -30.39 1.66 -29.72
CA GLY D 93 -30.27 2.51 -30.93
C GLY D 93 -29.34 3.69 -30.74
N VAL D 94 -28.42 3.60 -29.77
CA VAL D 94 -27.47 4.70 -29.41
C VAL D 94 -26.20 4.59 -30.26
N THR D 95 -26.07 5.45 -31.25
CA THR D 95 -25.10 5.41 -32.37
C THR D 95 -23.86 6.26 -32.05
N THR D 96 -24.01 7.26 -31.17
CA THR D 96 -22.88 8.12 -30.70
C THR D 96 -22.99 8.35 -29.18
N VAL D 97 -21.86 8.16 -28.49
CA VAL D 97 -21.70 8.30 -27.01
C VAL D 97 -20.50 9.18 -26.73
N VAL D 98 -20.65 10.02 -25.70
CA VAL D 98 -19.58 10.88 -25.13
C VAL D 98 -19.21 10.29 -23.76
N GLY D 99 -18.01 9.69 -23.70
CA GLY D 99 -17.45 9.03 -22.50
C GLY D 99 -16.82 10.02 -21.53
N CYS D 100 -17.18 9.92 -20.25
CA CYS D 100 -16.56 10.69 -19.12
C CYS D 100 -16.11 9.74 -18.00
N LEU D 101 -15.20 10.18 -17.14
CA LEU D 101 -14.87 9.54 -15.83
C LEU D 101 -15.74 10.15 -14.71
N GLY D 102 -15.96 9.42 -13.63
CA GLY D 102 -16.87 9.85 -12.54
C GLY D 102 -16.16 10.09 -11.20
N THR D 103 -16.79 9.63 -10.12
CA THR D 103 -16.30 9.80 -8.74
C THR D 103 -14.87 9.30 -8.58
N ASP D 104 -14.51 8.17 -9.20
CA ASP D 104 -13.17 7.53 -9.07
C ASP D 104 -12.24 7.98 -10.19
N GLY D 105 -11.17 8.69 -9.82
CA GLY D 105 -10.18 9.21 -10.77
C GLY D 105 -8.87 8.46 -10.74
N ILE D 106 -8.69 7.51 -9.80
CA ILE D 106 -7.41 6.75 -9.58
C ILE D 106 -7.39 5.42 -10.34
N THR D 107 -8.38 4.55 -10.12
CA THR D 107 -8.36 3.15 -10.59
C THR D 107 -8.85 3.15 -12.03
N ARG D 108 -9.76 4.06 -12.38
CA ARG D 108 -10.17 4.28 -13.81
C ARG D 108 -9.20 5.28 -14.49
N SER D 109 -8.32 4.76 -15.35
CA SER D 109 -7.36 5.49 -16.23
C SER D 109 -8.08 6.30 -17.31
N LEU D 110 -7.53 7.46 -17.66
CA LEU D 110 -7.93 8.23 -18.88
C LEU D 110 -7.48 7.50 -20.15
N GLU D 111 -6.34 6.83 -20.11
CA GLU D 111 -5.85 6.04 -21.29
C GLU D 111 -6.85 4.90 -21.53
N ASN D 112 -7.28 4.24 -20.45
CA ASN D 112 -8.29 3.15 -20.57
C ASN D 112 -9.52 3.72 -21.31
N LEU D 113 -9.92 4.96 -20.99
CA LEU D 113 -11.17 5.57 -21.48
C LEU D 113 -11.01 5.92 -22.96
N TYR D 114 -9.88 6.51 -23.34
CA TYR D 114 -9.46 6.65 -24.76
C TYR D 114 -9.62 5.32 -25.48
N ALA D 115 -9.13 4.21 -24.92
CA ALA D 115 -9.08 2.89 -25.60
C ALA D 115 -10.48 2.34 -25.79
N LYS D 116 -11.31 2.35 -24.75
CA LYS D 116 -12.67 1.76 -24.84
C LYS D 116 -13.45 2.52 -25.91
N ALA D 117 -13.42 3.86 -25.85
CA ALA D 117 -13.97 4.75 -26.89
C ALA D 117 -13.37 4.40 -28.26
N LYS D 118 -12.08 4.05 -28.33
CA LYS D 118 -11.41 3.73 -29.63
C LYS D 118 -11.91 2.38 -30.14
N SER D 119 -12.22 1.45 -29.24
CA SER D 119 -12.65 0.07 -29.59
C SER D 119 -14.12 0.10 -30.01
N LEU D 120 -14.94 0.87 -29.31
CA LEU D 120 -16.39 1.01 -29.63
C LEU D 120 -16.51 1.52 -31.06
N GLU D 121 -15.61 2.43 -31.46
CA GLU D 121 -15.63 3.10 -32.80
C GLU D 121 -15.28 2.07 -33.88
N SER D 122 -14.33 1.18 -33.58
CA SER D 122 -13.74 0.19 -34.52
C SER D 122 -14.72 -0.95 -34.77
N GLU D 123 -15.69 -1.16 -33.87
CA GLU D 123 -16.79 -2.15 -34.02
C GLU D 123 -18.10 -1.46 -34.42
N GLY D 124 -18.03 -0.32 -35.14
CA GLY D 124 -19.18 0.29 -35.84
C GLY D 124 -19.72 1.58 -35.21
N LEU D 125 -19.48 1.83 -33.92
CA LEU D 125 -20.02 3.03 -33.21
C LEU D 125 -19.20 4.31 -33.53
N ASN D 126 -19.75 5.47 -33.12
CA ASN D 126 -19.14 6.83 -33.19
C ASN D 126 -18.87 7.34 -31.77
N THR D 127 -17.61 7.67 -31.40
CA THR D 127 -17.18 7.96 -29.99
C THR D 127 -16.43 9.30 -29.88
N PHE D 128 -16.70 10.05 -28.80
CA PHE D 128 -15.91 11.21 -28.29
C PHE D 128 -15.80 11.11 -26.75
N ILE D 129 -14.78 11.75 -26.16
CA ILE D 129 -14.50 11.68 -24.69
C ILE D 129 -14.21 13.07 -24.15
N TYR D 130 -14.37 13.21 -22.83
CA TYR D 130 -13.85 14.33 -22.00
C TYR D 130 -12.47 13.94 -21.45
N THR D 131 -11.77 14.87 -20.78
CA THR D 131 -10.39 14.68 -20.26
C THR D 131 -10.32 14.81 -18.74
N GLY D 132 -11.43 15.11 -18.07
CA GLY D 132 -11.38 15.40 -16.62
C GLY D 132 -11.66 14.18 -15.75
N SER D 133 -12.32 14.45 -14.61
CA SER D 133 -13.07 13.51 -13.73
C SER D 133 -13.65 14.35 -12.58
N TYR D 134 -14.54 13.82 -11.75
CA TYR D 134 -15.06 14.58 -10.58
C TYR D 134 -14.05 15.61 -10.05
N ARG D 135 -12.84 15.21 -9.65
CA ARG D 135 -11.96 16.02 -8.76
C ARG D 135 -11.28 17.18 -9.52
N VAL D 136 -11.16 18.33 -8.82
CA VAL D 136 -10.35 19.54 -9.15
C VAL D 136 -9.17 19.62 -8.17
N PRO D 137 -7.91 19.78 -8.65
CA PRO D 137 -7.59 19.94 -10.07
C PRO D 137 -7.88 18.68 -10.87
N PRO D 138 -8.14 18.80 -12.20
CA PRO D 138 -8.50 17.66 -13.04
C PRO D 138 -7.31 16.85 -13.58
N VAL D 139 -7.44 15.53 -13.56
CA VAL D 139 -6.50 14.56 -14.21
C VAL D 139 -6.42 14.87 -15.71
N THR D 140 -5.26 14.69 -16.32
CA THR D 140 -4.97 15.05 -17.74
C THR D 140 -4.24 13.89 -18.44
N PHE D 141 -4.19 13.89 -19.77
CA PHE D 141 -3.34 13.03 -20.63
C PHE D 141 -1.89 13.56 -20.72
N THR D 142 -1.71 14.89 -20.77
CA THR D 142 -0.44 15.57 -21.18
C THR D 142 -0.03 16.66 -20.18
N GLY D 143 -0.64 16.69 -18.99
CA GLY D 143 -0.24 17.66 -17.95
C GLY D 143 -1.14 18.89 -17.93
N SER D 144 -1.91 19.15 -18.99
CA SER D 144 -2.62 20.43 -19.24
C SER D 144 -3.90 20.15 -20.05
N ILE D 145 -5.09 20.47 -19.53
CA ILE D 145 -6.38 20.21 -20.25
C ILE D 145 -6.42 20.99 -21.58
N MET D 146 -5.84 22.19 -21.65
CA MET D 146 -5.68 22.90 -22.95
C MET D 146 -4.91 22.04 -23.94
N ARG D 147 -3.75 21.50 -23.54
CA ARG D 147 -2.87 20.71 -24.43
C ARG D 147 -3.61 19.47 -24.95
N ASP D 148 -4.36 18.83 -24.05
CA ASP D 148 -5.14 17.60 -24.33
C ASP D 148 -6.10 17.82 -25.51
N ILE D 149 -6.84 18.94 -25.53
CA ILE D 149 -7.91 19.25 -26.54
C ILE D 149 -7.29 19.66 -27.87
N VAL D 150 -6.04 20.09 -27.91
CA VAL D 150 -5.34 20.49 -29.16
C VAL D 150 -4.69 19.24 -29.78
N LEU D 151 -4.23 18.29 -28.95
CA LEU D 151 -3.33 17.18 -29.38
C LEU D 151 -4.08 15.83 -29.52
N ILE D 152 -5.10 15.57 -28.69
CA ILE D 152 -5.92 14.32 -28.73
C ILE D 152 -7.21 14.64 -29.49
N ASP D 153 -7.31 14.16 -30.72
CA ASP D 153 -8.37 14.59 -31.68
C ASP D 153 -9.76 14.25 -31.10
N LYS D 154 -9.91 13.24 -30.24
CA LYS D 154 -11.23 12.77 -29.71
C LYS D 154 -11.69 13.60 -28.49
N VAL D 155 -10.81 14.40 -27.91
CA VAL D 155 -11.19 15.20 -26.70
C VAL D 155 -11.99 16.45 -27.14
N ILE D 156 -13.19 16.58 -26.56
CA ILE D 156 -14.21 17.59 -26.96
C ILE D 156 -14.53 18.51 -25.77
N GLY D 157 -13.91 18.28 -24.62
CA GLY D 157 -14.14 19.12 -23.43
C GLY D 157 -13.52 18.55 -22.17
N VAL D 158 -14.10 18.90 -21.03
CA VAL D 158 -13.61 18.44 -19.71
C VAL D 158 -14.85 18.15 -18.85
N GLY D 159 -14.77 17.12 -18.03
CA GLY D 159 -15.77 16.77 -17.01
C GLY D 159 -15.54 15.34 -16.57
N GLU D 160 -16.42 14.81 -15.72
CA GLU D 160 -17.52 15.60 -15.22
C GLU D 160 -17.11 16.19 -13.87
N ILE D 161 -16.85 17.51 -13.84
CA ILE D 161 -16.45 18.29 -12.65
C ILE D 161 -17.64 18.33 -11.69
N ALA D 162 -17.42 17.88 -10.45
CA ALA D 162 -18.43 17.86 -9.37
C ALA D 162 -18.53 19.26 -8.79
N ILE D 163 -19.75 19.75 -8.57
CA ILE D 163 -20.08 21.01 -7.82
C ILE D 163 -21.28 20.71 -6.93
N SER D 164 -21.32 21.26 -5.73
CA SER D 164 -22.47 21.13 -4.80
C SER D 164 -22.82 19.65 -4.55
N ASP D 165 -21.81 18.78 -4.42
CA ASP D 165 -21.97 17.33 -4.08
C ASP D 165 -21.05 17.00 -2.88
N HIS D 166 -21.42 15.99 -2.09
CA HIS D 166 -20.61 15.50 -0.94
C HIS D 166 -19.34 14.81 -1.45
N ARG D 167 -19.32 14.35 -2.70
CA ARG D 167 -18.13 13.69 -3.33
C ARG D 167 -17.30 14.71 -4.12
N SER D 168 -17.66 15.98 -4.02
CA SER D 168 -16.91 17.13 -4.60
C SER D 168 -15.55 17.26 -3.92
N SER D 169 -14.60 17.77 -4.70
CA SER D 169 -13.24 18.29 -4.32
C SER D 169 -13.31 19.67 -3.62
N GLN D 170 -14.51 20.25 -3.48
CA GLN D 170 -14.76 21.63 -3.00
C GLN D 170 -13.94 22.62 -3.83
N PRO D 171 -14.24 22.80 -5.14
CA PRO D 171 -13.52 23.78 -5.97
C PRO D 171 -13.96 25.24 -5.71
N THR D 172 -13.05 26.19 -5.91
CA THR D 172 -13.29 27.66 -5.82
C THR D 172 -13.65 28.23 -7.20
N LEU D 173 -14.26 29.42 -7.22
CA LEU D 173 -14.63 30.10 -8.48
C LEU D 173 -13.36 30.24 -9.34
N GLU D 174 -12.28 30.75 -8.77
CA GLU D 174 -11.05 31.13 -9.51
C GLU D 174 -10.44 29.87 -10.17
N GLU D 175 -10.45 28.75 -9.45
CA GLU D 175 -9.89 27.45 -9.93
C GLU D 175 -10.63 27.07 -11.22
N ILE D 176 -11.96 27.03 -11.13
CA ILE D 176 -12.91 26.66 -12.23
C ILE D 176 -12.74 27.60 -13.41
N LEU D 177 -12.78 28.91 -13.18
CA LEU D 177 -12.66 29.95 -14.24
C LEU D 177 -11.42 29.70 -15.09
N ARG D 178 -10.32 29.28 -14.44
CA ARG D 178 -9.05 28.88 -15.11
C ARG D 178 -9.37 27.82 -16.18
N ILE D 179 -10.05 26.75 -15.73
CA ILE D 179 -10.37 25.51 -16.48
C ILE D 179 -11.17 25.89 -17.74
N VAL D 180 -12.30 26.58 -17.52
CA VAL D 180 -13.28 27.01 -18.55
C VAL D 180 -12.54 27.84 -19.60
N ALA D 181 -11.72 28.78 -19.15
CA ALA D 181 -10.99 29.71 -20.02
C ALA D 181 -9.99 28.90 -20.85
N ASP D 182 -9.35 27.90 -20.22
CA ASP D 182 -8.27 27.07 -20.83
C ASP D 182 -8.92 26.15 -21.86
N ILE D 183 -10.09 25.59 -21.49
CA ILE D 183 -10.80 24.61 -22.38
C ILE D 183 -11.41 25.37 -23.57
N ARG D 184 -11.99 26.56 -23.33
CA ARG D 184 -12.57 27.43 -24.38
C ARG D 184 -11.55 27.77 -25.47
N VAL D 185 -10.43 28.39 -25.11
CA VAL D 185 -9.33 28.79 -26.06
C VAL D 185 -8.74 27.51 -26.66
N GLY D 186 -8.68 26.46 -25.82
CA GLY D 186 -8.35 25.11 -26.29
C GLY D 186 -9.22 24.77 -27.48
N GLY D 187 -10.54 24.97 -27.35
CA GLY D 187 -11.49 24.79 -28.46
C GLY D 187 -11.06 25.54 -29.71
N MET D 188 -10.83 26.85 -29.58
CA MET D 188 -10.72 27.82 -30.71
C MET D 188 -9.50 27.47 -31.58
N ILE D 189 -8.38 27.13 -30.92
CA ILE D 189 -7.08 26.80 -31.56
C ILE D 189 -7.27 25.53 -32.39
N SER D 190 -8.10 24.60 -31.88
CA SER D 190 -8.25 23.19 -32.35
C SER D 190 -9.46 23.06 -33.28
N GLY D 191 -10.31 24.08 -33.29
CA GLY D 191 -11.51 24.10 -34.14
C GLY D 191 -12.56 23.15 -33.60
N LYS D 192 -12.57 22.89 -32.28
CA LYS D 192 -13.65 22.14 -31.57
C LYS D 192 -14.48 23.11 -30.72
N ALA D 193 -15.50 22.59 -30.07
CA ALA D 193 -16.47 23.43 -29.32
C ALA D 193 -15.88 23.82 -27.97
N GLY D 194 -15.38 22.85 -27.19
CA GLY D 194 -14.76 23.03 -25.86
C GLY D 194 -15.79 23.17 -24.75
N ILE D 195 -16.44 22.06 -24.39
CA ILE D 195 -17.54 22.03 -23.39
C ILE D 195 -16.94 21.78 -22.00
N VAL D 196 -17.63 22.26 -20.97
CA VAL D 196 -17.38 21.85 -19.57
C VAL D 196 -18.65 21.13 -19.12
N ASN D 197 -18.54 19.83 -18.85
CA ASN D 197 -19.62 18.99 -18.28
C ASN D 197 -19.58 19.23 -16.77
N PHE D 198 -20.72 19.48 -16.12
CA PHE D 198 -20.78 19.86 -14.68
C PHE D 198 -21.67 18.89 -13.91
N HIS D 199 -21.12 17.83 -13.32
CA HIS D 199 -21.88 16.99 -12.35
C HIS D 199 -22.43 17.88 -11.25
N VAL D 200 -23.76 17.98 -11.10
CA VAL D 200 -24.40 18.85 -10.06
C VAL D 200 -25.05 17.95 -8.99
N GLY D 201 -24.54 18.04 -7.77
CA GLY D 201 -25.01 17.23 -6.64
C GLY D 201 -26.27 17.83 -6.07
N SER D 202 -26.64 17.43 -4.86
CA SER D 202 -27.89 17.87 -4.18
C SER D 202 -27.58 18.98 -3.15
N GLY D 203 -26.44 19.68 -3.27
CA GLY D 203 -26.13 20.86 -2.47
C GLY D 203 -27.06 22.04 -2.78
N LYS D 204 -27.34 22.88 -1.78
CA LYS D 204 -28.19 24.10 -1.96
C LYS D 204 -27.52 25.07 -2.95
N ARG D 205 -26.19 25.15 -2.96
CA ARG D 205 -25.45 26.10 -3.83
C ARG D 205 -25.85 25.89 -5.29
N GLY D 206 -26.26 24.67 -5.65
CA GLY D 206 -26.72 24.34 -7.00
C GLY D 206 -25.71 24.79 -8.04
N ILE D 207 -26.15 25.55 -9.05
CA ILE D 207 -25.30 25.98 -10.20
C ILE D 207 -24.94 27.47 -10.09
N GLU D 208 -25.00 28.06 -8.89
CA GLU D 208 -24.57 29.46 -8.63
C GLU D 208 -23.35 29.79 -9.49
N TYR D 209 -22.26 29.05 -9.32
CA TYR D 209 -20.95 29.28 -9.97
C TYR D 209 -21.11 29.53 -11.47
N LEU D 210 -22.09 28.88 -12.11
CA LEU D 210 -22.34 28.97 -13.58
C LEU D 210 -22.85 30.39 -13.93
N PHE D 211 -23.77 30.93 -13.13
CA PHE D 211 -24.28 32.33 -13.23
C PHE D 211 -23.13 33.33 -13.03
N ASP D 212 -22.34 33.17 -11.96
CA ASP D 212 -21.11 33.95 -11.71
C ASP D 212 -20.31 34.10 -13.03
N ILE D 213 -19.90 33.00 -13.67
CA ILE D 213 -19.04 33.05 -14.88
C ILE D 213 -19.60 34.07 -15.89
N ILE D 214 -20.81 33.85 -16.39
CA ILE D 214 -21.43 34.64 -17.49
C ILE D 214 -21.67 36.08 -17.02
N GLU D 215 -21.93 36.28 -15.73
CA GLU D 215 -22.21 37.62 -15.14
C GLU D 215 -20.91 38.42 -15.08
N LYS D 216 -19.81 37.84 -14.59
CA LYS D 216 -18.58 38.54 -14.13
C LYS D 216 -17.41 38.31 -15.10
N THR D 217 -17.59 37.72 -16.26
CA THR D 217 -16.48 37.46 -17.19
C THR D 217 -16.94 37.67 -18.64
N GLU D 218 -16.04 37.49 -19.60
CA GLU D 218 -16.32 37.60 -21.05
C GLU D 218 -16.72 36.23 -21.63
N ILE D 219 -17.00 35.25 -20.76
CA ILE D 219 -17.19 33.80 -21.11
C ILE D 219 -18.59 33.62 -21.69
N PRO D 220 -18.72 33.17 -22.96
CA PRO D 220 -20.01 32.74 -23.51
C PRO D 220 -20.65 31.51 -22.85
N ILE D 221 -21.99 31.48 -22.70
CA ILE D 221 -22.79 30.47 -21.94
C ILE D 221 -22.82 29.11 -22.68
N GLN D 222 -22.47 29.06 -23.97
CA GLN D 222 -22.44 27.80 -24.77
C GLN D 222 -21.51 26.75 -24.13
N HIS D 223 -20.45 27.14 -23.43
CA HIS D 223 -19.39 26.21 -22.93
C HIS D 223 -19.85 25.49 -21.66
N LEU D 224 -20.89 25.99 -20.99
CA LEU D 224 -21.34 25.45 -19.68
C LEU D 224 -22.48 24.45 -19.91
N TYR D 225 -22.32 23.19 -19.47
CA TYR D 225 -23.21 22.04 -19.79
C TYR D 225 -23.49 21.21 -18.53
N PRO D 226 -24.36 21.71 -17.62
CA PRO D 226 -24.68 21.02 -16.37
C PRO D 226 -25.60 19.82 -16.57
N THR D 227 -25.36 18.73 -15.82
CA THR D 227 -25.99 17.38 -15.92
C THR D 227 -26.65 17.08 -14.57
N HIS D 228 -27.68 16.21 -14.57
CA HIS D 228 -28.49 15.75 -13.39
C HIS D 228 -29.46 16.87 -12.98
N MET D 229 -29.86 17.70 -13.95
CA MET D 229 -30.56 18.99 -13.70
C MET D 229 -32.06 18.71 -13.50
N SER D 230 -32.43 17.43 -13.48
CA SER D 230 -33.83 16.95 -13.40
C SER D 230 -34.03 16.24 -12.07
N ARG D 231 -33.01 16.17 -11.22
CA ARG D 231 -33.01 15.26 -10.05
C ARG D 231 -33.85 15.85 -8.92
N SER D 232 -34.09 17.17 -8.92
CA SER D 232 -34.96 17.84 -7.93
C SER D 232 -35.81 18.92 -8.62
N ARG D 233 -36.86 19.39 -7.93
CA ARG D 233 -37.71 20.52 -8.36
C ARG D 233 -36.83 21.78 -8.43
N LYS D 234 -36.36 22.22 -7.24
CA LYS D 234 -35.47 23.39 -6.98
C LYS D 234 -34.46 23.49 -8.13
N LEU D 235 -33.76 22.40 -8.44
CA LEU D 235 -32.59 22.42 -9.36
C LEU D 235 -33.05 22.59 -10.81
N PHE D 236 -34.15 21.94 -11.18
CA PHE D 236 -34.70 22.03 -12.56
C PHE D 236 -35.12 23.47 -12.80
N GLU D 237 -35.70 24.14 -11.78
CA GLU D 237 -36.06 25.58 -11.85
C GLU D 237 -34.81 26.40 -12.21
N GLN D 238 -33.68 26.19 -11.51
CA GLN D 238 -32.37 26.82 -11.83
C GLN D 238 -31.98 26.44 -13.27
N GLY D 239 -32.23 25.19 -13.67
CA GLY D 239 -31.95 24.70 -15.03
C GLY D 239 -32.71 25.50 -16.09
N LEU D 240 -33.91 26.00 -15.75
CA LEU D 240 -34.80 26.71 -16.70
C LEU D 240 -34.30 28.16 -16.86
N GLU D 241 -34.02 28.85 -15.75
CA GLU D 241 -33.40 30.19 -15.78
C GLU D 241 -32.14 30.12 -16.65
N PHE D 242 -31.24 29.18 -16.34
CA PHE D 242 -29.96 29.01 -17.09
C PHE D 242 -30.35 28.89 -18.56
N ALA D 243 -31.35 28.07 -18.87
CA ALA D 243 -31.81 27.85 -20.26
C ALA D 243 -32.19 29.21 -20.86
N LYS D 244 -33.09 29.93 -20.18
CA LYS D 244 -33.71 31.22 -20.59
C LYS D 244 -32.66 32.31 -20.90
N ARG D 245 -31.43 32.18 -20.39
CA ARG D 245 -30.31 33.11 -20.69
C ARG D 245 -29.45 32.61 -21.86
N GLY D 246 -29.89 31.61 -22.63
CA GLY D 246 -29.22 31.19 -23.88
C GLY D 246 -28.37 29.95 -23.69
N GLY D 247 -28.36 29.36 -22.49
CA GLY D 247 -27.60 28.13 -22.13
C GLY D 247 -28.41 26.86 -22.32
N THR D 248 -27.75 25.69 -22.36
CA THR D 248 -28.39 24.36 -22.54
C THR D 248 -28.13 23.45 -21.33
N ILE D 249 -29.16 22.83 -20.76
CA ILE D 249 -29.07 21.87 -19.61
C ILE D 249 -29.26 20.42 -20.07
N ASP D 250 -28.87 19.47 -19.21
CA ASP D 250 -28.90 18.01 -19.49
C ASP D 250 -29.59 17.30 -18.33
N LEU D 251 -30.52 16.39 -18.65
CA LEU D 251 -31.36 15.66 -17.67
C LEU D 251 -31.02 14.17 -17.74
N THR D 252 -30.92 13.52 -16.57
CA THR D 252 -30.56 12.09 -16.43
C THR D 252 -31.83 11.27 -16.70
N ALA D 253 -31.79 10.36 -17.68
CA ALA D 253 -32.96 9.64 -18.21
C ALA D 253 -33.65 8.87 -17.09
N LEU D 254 -34.95 8.59 -17.26
CA LEU D 254 -35.76 7.70 -16.40
C LEU D 254 -35.57 6.26 -16.88
N GLN D 255 -35.59 5.30 -15.95
CA GLN D 255 -35.33 3.86 -16.20
C GLN D 255 -35.79 3.03 -15.00
N PRO D 256 -36.58 1.93 -15.18
CA PRO D 256 -36.90 0.98 -14.10
C PRO D 256 -35.68 0.28 -13.52
N GLU D 265 -42.99 10.88 -7.25
CA GLU D 265 -42.68 12.14 -6.51
C GLU D 265 -42.57 13.28 -7.54
N PHE D 266 -41.52 13.22 -8.37
CA PHE D 266 -41.20 14.10 -9.52
C PHE D 266 -40.13 13.35 -10.32
N THR D 267 -40.30 13.19 -11.63
CA THR D 267 -39.45 12.35 -12.52
C THR D 267 -38.83 13.23 -13.62
N THR D 268 -38.04 12.61 -14.51
CA THR D 268 -37.39 13.22 -15.69
C THR D 268 -38.44 13.42 -16.78
N ILE D 269 -39.60 12.76 -16.65
CA ILE D 269 -40.69 12.83 -17.67
C ILE D 269 -41.42 14.16 -17.45
N ASP D 270 -41.96 14.35 -16.25
CA ASP D 270 -42.65 15.60 -15.85
C ASP D 270 -41.83 16.81 -16.32
N ALA D 271 -40.53 16.81 -16.02
CA ALA D 271 -39.59 17.89 -16.35
C ALA D 271 -39.58 18.14 -17.87
N ILE D 272 -39.41 17.11 -18.71
CA ILE D 272 -39.29 17.25 -20.20
C ILE D 272 -40.59 17.81 -20.79
N CYS D 273 -41.74 17.53 -20.16
CA CYS D 273 -43.04 18.18 -20.48
C CYS D 273 -42.97 19.63 -20.01
N GLU D 274 -42.68 19.86 -18.73
CA GLU D 274 -42.62 21.21 -18.08
C GLU D 274 -41.74 22.18 -18.89
N ALA D 275 -40.80 21.68 -19.71
CA ALA D 275 -39.95 22.48 -20.63
C ALA D 275 -40.72 22.83 -21.91
N TYR D 276 -41.61 21.94 -22.37
CA TYR D 276 -42.44 22.16 -23.58
C TYR D 276 -43.47 23.26 -23.29
N GLU D 277 -44.13 23.16 -22.13
CA GLU D 277 -45.17 24.08 -21.62
C GLU D 277 -44.64 25.52 -21.59
N ASN D 278 -43.46 25.72 -21.00
CA ASN D 278 -42.85 27.05 -20.81
C ASN D 278 -42.05 27.42 -22.07
N GLY D 279 -42.00 26.53 -23.08
CA GLY D 279 -41.44 26.79 -24.42
C GLY D 279 -39.93 26.79 -24.42
N LEU D 280 -39.31 25.77 -23.84
CA LEU D 280 -37.86 25.76 -23.55
C LEU D 280 -37.24 24.42 -23.93
N LEU D 281 -37.90 23.61 -24.75
CA LEU D 281 -37.37 22.25 -25.02
C LEU D 281 -36.11 22.37 -25.88
N ASP D 282 -35.90 23.51 -26.54
CA ASP D 282 -34.73 23.67 -27.47
C ASP D 282 -33.45 23.72 -26.65
N ASN D 283 -33.57 23.81 -25.32
CA ASN D 283 -32.44 23.95 -24.35
C ASN D 283 -32.32 22.74 -23.41
N VAL D 284 -32.94 21.59 -23.75
CA VAL D 284 -32.89 20.35 -22.92
C VAL D 284 -32.15 19.25 -23.70
N THR D 285 -31.58 18.32 -22.94
CA THR D 285 -30.90 17.10 -23.43
C THR D 285 -31.04 16.02 -22.37
N ILE D 286 -31.03 14.77 -22.80
CA ILE D 286 -31.14 13.59 -21.90
C ILE D 286 -29.84 12.77 -22.02
N SER D 287 -29.48 12.16 -20.88
CA SER D 287 -28.29 11.30 -20.65
C SER D 287 -28.79 9.94 -20.20
N SER D 288 -28.18 8.84 -20.65
CA SER D 288 -28.46 7.50 -20.06
C SER D 288 -27.85 7.44 -18.64
N ASP D 289 -26.64 7.98 -18.47
CA ASP D 289 -25.72 7.76 -17.32
C ASP D 289 -25.31 6.28 -17.31
N GLY D 290 -25.16 5.70 -18.50
CA GLY D 290 -24.93 4.25 -18.71
C GLY D 290 -23.70 3.78 -17.95
N GLN D 291 -23.79 2.60 -17.33
CA GLN D 291 -22.70 1.93 -16.57
C GLN D 291 -22.27 2.80 -15.39
N GLY D 292 -22.95 3.92 -15.16
CA GLY D 292 -22.71 4.82 -14.02
C GLY D 292 -23.46 4.32 -12.81
N SER D 293 -22.95 4.58 -11.63
CA SER D 293 -23.64 4.25 -10.36
C SER D 293 -24.84 5.18 -10.22
N LEU D 294 -25.89 4.70 -9.55
CA LEU D 294 -27.06 5.48 -9.05
C LEU D 294 -27.17 5.29 -7.54
N PRO D 295 -26.27 5.90 -6.73
CA PRO D 295 -26.09 5.50 -5.33
C PRO D 295 -27.14 6.07 -4.36
N LYS D 296 -27.46 5.28 -3.30
CA LYS D 296 -28.37 5.67 -2.18
C LYS D 296 -27.58 5.77 -0.87
N PHE D 297 -27.51 6.98 -0.31
CA PHE D 297 -26.87 7.34 0.99
C PHE D 297 -27.96 7.65 2.03
N ASP D 298 -27.71 7.32 3.31
CA ASP D 298 -28.69 7.43 4.43
C ASP D 298 -28.64 8.86 5.02
N ASP D 299 -28.92 9.01 6.32
CA ASP D 299 -28.96 10.30 7.06
C ASP D 299 -27.58 11.00 7.04
N ASN D 300 -26.48 10.26 7.26
CA ASN D 300 -25.08 10.76 7.26
C ASN D 300 -24.56 10.67 5.81
N GLY D 301 -23.25 10.43 5.60
CA GLY D 301 -22.62 10.34 4.27
C GLY D 301 -22.25 8.91 3.92
N ASN D 302 -22.84 7.96 4.64
CA ASN D 302 -22.66 6.49 4.44
C ASN D 302 -23.49 6.03 3.24
N PHE D 303 -23.14 4.87 2.70
CA PHE D 303 -23.68 4.25 1.46
C PHE D 303 -24.62 3.12 1.87
N VAL D 304 -25.82 3.02 1.27
CA VAL D 304 -26.83 1.97 1.57
C VAL D 304 -26.86 0.93 0.44
N GLY D 305 -27.42 1.31 -0.73
CA GLY D 305 -27.57 0.44 -1.91
C GLY D 305 -27.25 1.19 -3.19
N LEU D 306 -27.23 0.48 -4.33
CA LEU D 306 -26.85 1.01 -5.67
C LEU D 306 -27.83 0.47 -6.72
N ASP D 307 -27.88 1.13 -7.88
CA ASP D 307 -28.45 0.60 -9.14
C ASP D 307 -27.42 0.93 -10.22
N VAL D 308 -27.54 0.36 -11.42
CA VAL D 308 -26.55 0.62 -12.52
C VAL D 308 -27.31 1.14 -13.76
N GLY D 309 -27.06 2.40 -14.15
CA GLY D 309 -27.67 3.02 -15.34
C GLY D 309 -27.57 2.09 -16.54
N SER D 310 -28.56 2.12 -17.42
CA SER D 310 -28.64 1.32 -18.68
C SER D 310 -28.79 2.27 -19.88
N VAL D 311 -27.99 2.08 -20.94
CA VAL D 311 -27.93 2.96 -22.14
C VAL D 311 -29.26 2.83 -22.93
N SER D 312 -30.07 1.82 -22.63
CA SER D 312 -31.45 1.66 -23.18
C SER D 312 -32.47 2.47 -22.35
N ALA D 313 -32.01 3.36 -21.47
CA ALA D 313 -32.87 4.28 -20.70
C ALA D 313 -33.30 5.48 -21.56
N VAL D 314 -32.58 5.74 -22.65
CA VAL D 314 -32.87 6.88 -23.58
C VAL D 314 -34.19 6.57 -24.30
N TRP D 315 -34.18 5.56 -25.15
CA TRP D 315 -35.37 5.15 -25.96
C TRP D 315 -36.56 4.85 -25.05
N TYR D 316 -36.32 4.29 -23.84
CA TYR D 316 -37.34 3.99 -22.83
C TYR D 316 -38.00 5.30 -22.33
N THR D 317 -37.20 6.36 -22.22
CA THR D 317 -37.68 7.67 -21.70
C THR D 317 -38.50 8.33 -22.83
N ILE D 318 -37.96 8.33 -24.04
CA ILE D 318 -38.63 8.89 -25.24
C ILE D 318 -40.08 8.41 -25.34
N ARG D 319 -40.33 7.10 -25.16
CA ARG D 319 -41.68 6.48 -25.36
C ARG D 319 -42.60 6.88 -24.22
N LYS D 320 -42.09 7.08 -23.01
CA LYS D 320 -42.91 7.41 -21.80
C LYS D 320 -43.31 8.89 -21.81
N VAL D 321 -42.74 9.70 -22.72
CA VAL D 321 -43.12 11.13 -22.90
C VAL D 321 -44.18 11.20 -24.02
N LEU D 322 -43.96 10.49 -25.16
CA LEU D 322 -44.96 10.25 -26.24
C LEU D 322 -46.28 9.71 -25.67
N GLU D 323 -46.18 8.88 -24.63
CA GLU D 323 -47.31 8.36 -23.79
C GLU D 323 -48.15 9.52 -23.24
N LYS D 324 -47.58 10.73 -23.14
CA LYS D 324 -48.26 11.92 -22.57
C LYS D 324 -48.77 12.80 -23.71
N GLY D 325 -48.59 12.36 -24.96
CA GLY D 325 -49.17 13.00 -26.16
C GLY D 325 -48.40 14.23 -26.60
N LEU D 326 -47.07 14.21 -26.46
CA LEU D 326 -46.17 15.21 -27.09
C LEU D 326 -45.84 14.73 -28.50
N PRO D 327 -45.69 15.64 -29.48
CA PRO D 327 -45.30 15.23 -30.83
C PRO D 327 -43.90 14.62 -30.87
N LEU D 328 -43.76 13.44 -31.48
CA LEU D 328 -42.46 12.78 -31.75
C LEU D 328 -41.56 13.72 -32.54
N ALA D 329 -42.14 14.71 -33.22
CA ALA D 329 -41.33 15.72 -33.95
C ALA D 329 -40.45 16.48 -32.96
N GLU D 330 -41.03 16.88 -31.81
CA GLU D 330 -40.42 17.84 -30.85
C GLU D 330 -39.91 17.12 -29.59
N VAL D 331 -39.79 15.80 -29.61
CA VAL D 331 -39.25 14.99 -28.48
C VAL D 331 -37.88 14.47 -28.92
N LEU D 332 -37.72 14.08 -30.20
CA LEU D 332 -36.43 13.61 -30.77
C LEU D 332 -35.36 14.70 -30.74
N LYS D 333 -35.75 15.95 -30.45
CA LYS D 333 -34.82 17.12 -30.36
C LYS D 333 -33.80 16.81 -29.27
N ILE D 334 -34.28 16.37 -28.09
CA ILE D 334 -33.45 16.17 -26.86
C ILE D 334 -32.30 15.19 -27.15
N SER D 335 -32.44 14.27 -28.12
CA SER D 335 -31.45 13.18 -28.33
C SER D 335 -30.76 13.28 -29.69
N THR D 336 -31.14 14.22 -30.55
CA THR D 336 -30.64 14.24 -31.96
C THR D 336 -30.09 15.61 -32.35
N THR D 337 -30.92 16.67 -32.34
CA THR D 337 -30.53 18.05 -32.75
C THR D 337 -29.86 18.71 -31.54
N ASN D 338 -30.56 18.76 -30.40
CA ASN D 338 -30.12 19.48 -29.19
C ASN D 338 -28.69 19.03 -28.82
N PRO D 339 -28.37 17.72 -28.69
CA PRO D 339 -27.00 17.31 -28.35
C PRO D 339 -25.97 17.64 -29.44
N ALA D 340 -26.31 17.44 -30.71
CA ALA D 340 -25.34 17.58 -31.85
C ALA D 340 -24.87 19.03 -31.96
N ARG D 341 -25.79 19.97 -31.66
CA ARG D 341 -25.50 21.42 -31.54
C ARG D 341 -24.42 21.63 -30.48
N VAL D 342 -24.73 21.22 -29.23
CA VAL D 342 -23.90 21.46 -28.02
C VAL D 342 -22.44 21.13 -28.35
N PHE D 343 -22.15 20.04 -29.08
CA PHE D 343 -20.78 19.54 -29.34
C PHE D 343 -20.26 19.91 -30.74
N LYS D 344 -21.01 20.73 -31.52
CA LYS D 344 -20.71 21.07 -32.94
C LYS D 344 -20.43 19.80 -33.75
N LEU D 345 -21.43 18.91 -33.83
CA LEU D 345 -21.33 17.62 -34.56
C LEU D 345 -22.15 17.69 -35.86
N ASN D 346 -21.56 17.23 -36.98
CA ASN D 346 -22.18 17.01 -38.30
C ASN D 346 -23.09 15.76 -38.28
N LYS D 347 -23.98 15.67 -37.29
CA LYS D 347 -24.89 14.52 -37.04
C LYS D 347 -26.22 15.07 -36.51
N GLY D 348 -27.21 14.20 -36.33
CA GLY D 348 -28.47 14.50 -35.61
C GLY D 348 -29.55 15.07 -36.51
N LYS D 349 -29.37 15.01 -37.84
CA LYS D 349 -30.40 15.47 -38.82
C LYS D 349 -30.27 14.70 -40.14
N ILE D 350 -31.40 14.17 -40.64
CA ILE D 350 -31.49 13.41 -41.93
C ILE D 350 -31.68 14.45 -43.03
N ALA D 351 -30.65 14.69 -43.84
CA ALA D 351 -30.58 15.80 -44.83
C ALA D 351 -29.21 15.74 -45.50
N LYS D 352 -29.12 16.22 -46.73
CA LYS D 352 -27.91 16.06 -47.58
C LYS D 352 -26.69 16.53 -46.79
N GLY D 353 -25.55 15.82 -46.92
CA GLY D 353 -24.23 16.20 -46.33
C GLY D 353 -23.98 15.66 -44.92
N GLN D 354 -25.01 15.60 -44.05
CA GLN D 354 -24.97 15.07 -42.66
C GLN D 354 -24.45 13.63 -42.69
N ASP D 355 -23.80 13.20 -41.61
CA ASP D 355 -23.24 11.83 -41.47
C ASP D 355 -24.46 10.89 -41.46
N ALA D 356 -24.30 9.65 -41.95
CA ALA D 356 -25.38 8.64 -42.16
C ALA D 356 -25.50 7.68 -40.95
N ASP D 357 -26.29 8.08 -39.97
CA ASP D 357 -26.49 7.34 -38.70
C ASP D 357 -28.00 7.44 -38.35
N PHE D 358 -28.73 6.33 -38.53
CA PHE D 358 -30.21 6.20 -38.39
C PHE D 358 -30.60 5.01 -37.51
N ILE D 359 -31.81 5.04 -36.98
CA ILE D 359 -32.47 3.88 -36.34
C ILE D 359 -33.86 3.71 -36.94
N LEU D 360 -34.41 2.49 -36.94
CA LEU D 360 -35.69 2.15 -37.59
C LEU D 360 -36.66 1.52 -36.59
N VAL D 361 -37.74 2.23 -36.28
CA VAL D 361 -38.80 1.79 -35.32
C VAL D 361 -39.99 1.28 -36.14
N ASP D 362 -40.56 0.14 -35.72
CA ASP D 362 -41.74 -0.49 -36.36
C ASP D 362 -43.00 0.27 -35.94
N GLU D 363 -43.88 0.50 -36.93
CA GLU D 363 -45.20 1.21 -36.90
C GLU D 363 -45.57 1.72 -35.49
N GLN D 364 -46.55 1.09 -34.84
CA GLN D 364 -47.08 1.42 -33.48
C GLN D 364 -46.64 0.33 -32.48
N SER D 365 -45.81 -0.62 -32.92
CA SER D 365 -45.05 -1.54 -32.02
C SER D 365 -44.14 -0.71 -31.10
N PHE D 366 -43.49 0.32 -31.67
CA PHE D 366 -42.50 1.22 -31.01
C PHE D 366 -41.38 0.35 -30.42
N GLU D 367 -40.58 -0.22 -31.31
CA GLU D 367 -39.37 -1.02 -30.98
C GLU D 367 -38.36 -0.92 -32.13
N ILE D 368 -37.11 -0.61 -31.81
CA ILE D 368 -35.99 -0.52 -32.81
C ILE D 368 -35.93 -1.89 -33.46
N VAL D 369 -35.67 -1.93 -34.74
CA VAL D 369 -35.64 -3.20 -35.52
C VAL D 369 -34.32 -3.23 -36.27
N SER D 370 -33.86 -2.06 -36.71
CA SER D 370 -32.58 -1.88 -37.44
C SER D 370 -31.85 -0.63 -36.90
N VAL D 371 -30.52 -0.60 -37.11
CA VAL D 371 -29.60 0.46 -36.65
C VAL D 371 -28.47 0.59 -37.68
N ILE D 372 -28.27 1.81 -38.21
CA ILE D 372 -27.21 2.15 -39.20
C ILE D 372 -26.31 3.25 -38.59
N SER D 373 -25.01 3.13 -38.76
CA SER D 373 -24.02 4.16 -38.32
C SER D 373 -22.85 4.18 -39.31
N LYS D 374 -22.55 5.35 -39.89
CA LYS D 374 -21.52 5.51 -40.93
C LYS D 374 -21.87 4.65 -42.15
N GLY D 375 -23.18 4.36 -42.33
CA GLY D 375 -23.70 3.66 -43.53
C GLY D 375 -23.44 2.17 -43.53
N GLU D 376 -23.06 1.60 -42.38
CA GLU D 376 -22.92 0.13 -42.20
C GLU D 376 -23.99 -0.31 -41.21
N PHE D 377 -24.72 -1.36 -41.60
CA PHE D 377 -25.77 -1.99 -40.78
C PHE D 377 -25.10 -2.66 -39.59
N LEU D 378 -25.48 -2.27 -38.39
CA LEU D 378 -24.97 -2.93 -37.16
C LEU D 378 -26.03 -3.93 -36.71
N MET D 379 -27.31 -3.54 -36.80
CA MET D 379 -28.48 -4.43 -36.59
C MET D 379 -29.40 -4.35 -37.82
N LYS D 380 -29.58 -5.48 -38.53
CA LYS D 380 -30.48 -5.59 -39.70
C LYS D 380 -31.71 -6.47 -39.37
N ASP D 381 -32.87 -5.83 -39.14
CA ASP D 381 -34.22 -6.46 -39.06
C ASP D 381 -34.26 -7.37 -37.81
N GLY D 382 -33.50 -7.03 -36.77
CA GLY D 382 -33.57 -7.71 -35.47
C GLY D 382 -32.44 -8.70 -35.24
N VAL D 383 -31.60 -8.96 -36.26
CA VAL D 383 -30.35 -9.76 -36.12
C VAL D 383 -29.16 -8.80 -36.05
N MET D 384 -28.43 -8.87 -34.93
CA MET D 384 -27.20 -8.08 -34.66
C MET D 384 -26.05 -8.61 -35.52
N LYS D 385 -25.21 -7.72 -36.08
CA LYS D 385 -23.86 -8.10 -36.59
C LYS D 385 -23.17 -8.77 -35.40
N ASN D 386 -22.24 -9.69 -35.65
CA ASN D 386 -21.59 -10.38 -34.53
C ASN D 386 -20.26 -9.66 -34.26
N LEU D 387 -19.99 -9.52 -32.96
CA LEU D 387 -18.93 -8.70 -32.36
C LEU D 387 -17.97 -9.66 -31.63
N ASN D 388 -16.79 -9.18 -31.28
CA ASN D 388 -15.59 -10.02 -31.07
C ASN D 388 -15.71 -10.84 -29.78
N PHE D 389 -16.29 -10.30 -28.70
CA PHE D 389 -16.33 -10.97 -27.37
C PHE D 389 -17.77 -11.04 -26.84
N GLU D 390 -18.64 -11.77 -27.54
CA GLU D 390 -20.09 -11.93 -27.22
C GLU D 390 -20.45 -13.42 -27.36
C1 GOL E . 52.24 -1.24 30.83
O1 GOL E . 53.48 -1.15 31.52
C2 GOL E . 51.37 -2.40 31.29
O2 GOL E . 50.28 -1.91 32.06
C3 GOL E . 50.87 -3.24 30.13
O3 GOL E . 49.84 -4.15 30.51
C1 GOL F . 59.02 3.29 30.43
O1 GOL F . 58.11 3.20 29.34
C2 GOL F . 59.26 4.72 30.86
O2 GOL F . 59.76 4.75 32.19
C3 GOL F . 60.22 5.48 29.96
O3 GOL F . 59.57 6.39 29.09
C1 GOL G . 14.85 9.72 2.09
O1 GOL G . 15.98 9.20 2.78
C2 GOL G . 15.19 10.90 1.20
O2 GOL G . 15.87 11.90 1.97
C3 GOL G . 14.00 11.52 0.50
O3 GOL G . 14.31 12.76 -0.17
C1 GOL H . 18.16 -22.29 13.79
O1 GOL H . 17.37 -21.16 14.12
C2 GOL H . 19.62 -21.92 13.64
O2 GOL H . 20.32 -22.21 14.86
C3 GOL H . 20.32 -22.65 12.51
O3 GOL H . 21.18 -21.77 11.79
C10 FWO I . 26.20 -9.56 7.78
C13 FWO I . 23.53 -6.58 8.00
C15 FWO I . 25.88 -10.62 6.64
C17 FWO I . 22.12 -4.56 8.81
O01 FWO I . 25.40 -10.21 5.50
O02 FWO I . 25.90 -6.54 7.87
O03 FWO I . 26.03 -11.88 6.84
O04 FWO I . 21.57 -4.94 9.89
O05 FWO I . 21.44 -3.71 8.13
N06 FWO I . 24.98 -8.71 7.91
N07 FWO I . 24.53 -4.86 9.37
C08 FWO I . 26.66 -10.23 9.13
C09 FWO I . 28.19 -10.11 9.35
C11 FWO I . 28.94 -10.68 8.15
C12 FWO I . 28.68 -10.86 10.59
C14 FWO I . 24.92 -7.23 7.91
C16 FWO I . 23.52 -5.08 8.35
ZN ZN J . 27.55 -4.66 6.32
ZN ZN K . 26.28 -3.46 8.87
C1 GOL L . -2.21 -21.11 27.47
O1 GOL L . -1.30 -21.43 28.53
C2 GOL L . -1.62 -21.27 26.07
O2 GOL L . -2.50 -22.06 25.27
C3 GOL L . -1.33 -19.96 25.33
O3 GOL L . -2.48 -19.29 24.81
C1 PEG M . -19.01 -5.01 39.68
O1 PEG M . -18.56 -3.71 39.38
C2 PEG M . -20.28 -5.24 38.87
O2 PEG M . -21.08 -6.28 39.35
C3 PEG M . -22.25 -6.46 38.55
C4 PEG M . -23.33 -5.35 38.72
O4 PEG M . -24.16 -5.19 37.58
C1 GOL N . -21.32 27.42 18.27
O1 GOL N . -21.72 28.22 19.39
C2 GOL N . -20.73 28.27 17.17
O2 GOL N . -19.36 28.54 17.49
C3 GOL N . -20.84 27.62 15.80
O3 GOL N . -20.98 28.57 14.74
C1 GOL O . -11.38 36.61 25.65
O1 GOL O . -11.88 37.19 24.44
C2 GOL O . -11.77 35.15 25.81
O2 GOL O . -11.27 34.69 27.07
C3 GOL O . -13.26 34.88 25.70
O3 GOL O . -13.65 33.64 26.27
C10 FWO P . 0.31 18.39 23.28
C13 FWO P . 2.87 16.91 20.66
C15 FWO P . -0.07 19.87 23.16
C17 FWO P . 4.08 15.17 19.22
O01 FWO P . -1.29 20.22 22.92
O02 FWO P . 0.68 16.19 21.28
O03 FWO P . 0.85 20.75 23.33
O04 FWO P . 4.40 14.32 20.12
O05 FWO P . 4.83 15.27 18.20
N06 FWO P . 1.46 18.10 22.41
N07 FWO P . 1.53 15.33 19.29
C08 FWO P . 0.69 18.10 24.75
C09 FWO P . -0.08 18.88 25.83
C11 FWO P . 0.81 19.20 27.04
C12 FWO P . -1.30 18.05 26.25
C14 FWO P . 1.56 16.99 21.45
C16 FWO P . 2.79 16.07 19.36
ZN ZN Q . -1.63 16.86 19.15
ZN ZN R . -0.46 13.46 19.48
C1 GOL S . 20.64 -25.74 -4.29
O1 GOL S . 20.97 -24.41 -3.92
C2 GOL S . 19.54 -25.78 -5.33
O2 GOL S . 20.11 -26.11 -6.60
C3 GOL S . 18.42 -26.76 -5.02
O3 GOL S . 17.23 -26.12 -4.58
C1 PEG T . -8.60 -42.21 -8.11
O1 PEG T . -8.87 -42.23 -9.49
C2 PEG T . -9.84 -42.67 -7.27
O2 PEG T . -9.52 -43.08 -5.95
C3 PEG T . -8.70 -44.24 -5.80
C4 PEG T . -7.21 -43.94 -5.55
O4 PEG T . -6.80 -44.27 -4.24
C1 GOL U . 12.40 -26.63 -4.22
O1 GOL U . 13.78 -26.38 -4.48
C2 GOL U . 11.93 -27.90 -4.89
O2 GOL U . 11.71 -27.65 -6.28
C3 GOL U . 10.68 -28.49 -4.26
O3 GOL U . 10.94 -29.69 -3.54
C1 GOL V . 4.28 -20.93 5.23
O1 GOL V . 4.12 -21.49 3.93
C2 GOL V . 5.05 -19.63 5.19
O2 GOL V . 4.23 -18.60 4.62
C3 GOL V . 6.38 -19.72 4.44
O3 GOL V . 7.48 -19.25 5.20
C10 FWO W . 2.23 -15.94 -25.86
C13 FWO W . -0.27 -13.12 -24.38
C15 FWO W . 2.31 -15.97 -27.43
C17 FWO W . -1.16 -11.13 -22.99
O01 FWO W . 1.39 -16.53 -28.11
O02 FWO W . 1.96 -13.14 -25.17
O03 FWO W . 3.30 -15.44 -28.05
O04 FWO W . -1.35 -9.87 -23.11
O05 FWO W . -2.04 -11.81 -22.37
N06 FWO W . 1.04 -15.25 -25.31
N07 FWO W . 0.99 -12.26 -22.48
C08 FWO W . 2.34 -17.36 -25.20
C09 FWO W . 1.86 -18.63 -25.97
C11 FWO W . 0.33 -18.64 -26.13
C12 FWO W . 2.30 -19.89 -25.19
C14 FWO W . 0.99 -13.81 -24.99
C16 FWO W . 0.09 -11.86 -23.56
ZN ZN X . 0.65 -14.08 -20.28
ZN ZN Y . 3.30 -13.96 -21.68
C1 GOL Z . -23.13 21.34 -39.29
O1 GOL Z . -22.26 20.51 -40.06
C2 GOL Z . -23.31 20.76 -37.90
O2 GOL Z . -22.71 21.64 -36.94
C3 GOL Z . -24.77 20.48 -37.55
O3 GOL Z . -24.92 20.03 -36.21
C10 FWO AA . -26.16 10.75 -9.52
C13 FWO AA . -22.50 9.04 -9.91
C15 FWO AA . -26.44 12.28 -9.25
C17 FWO AA . -20.53 7.74 -11.03
O01 FWO AA . -26.02 13.12 -10.09
O02 FWO AA . -24.39 9.29 -11.26
O03 FWO AA . -27.12 12.83 -8.29
O04 FWO AA . -19.96 7.40 -9.95
O05 FWO AA . -20.27 7.05 -12.06
N06 FWO AA . -24.78 10.27 -9.20
N07 FWO AA . -22.17 8.88 -12.42
C08 FWO AA . -27.22 9.82 -8.90
C09 FWO AA . -28.67 10.24 -9.24
C11 FWO AA . -29.50 10.18 -7.95
C12 FWO AA . -29.33 9.35 -10.29
C14 FWO AA . -23.95 9.54 -10.18
C16 FWO AA . -21.51 8.95 -11.11
ZN ZN BA . -22.26 10.27 -14.11
ZN ZN CA . -22.82 12.84 -12.05
#